data_6KLS
#
_entry.id   6KLS
#
loop_
_entity.id
_entity.type
_entity.pdbx_description
1 polymer 'Rieske-I iron sulfur protein'
2 polymer 'cytochrome b subunit'
3 polymer 'Cytochrome c'
4 non-polymer 'FE2/S2 (INORGANIC) CLUSTER'
5 non-polymer 'PROTOPORPHYRIN IX CONTAINING FE'
6 non-polymer 2-[(2~{E},6~{E},10~{Z},14~{Z},18~{Z},23~{R})-3,7,11,15,19,23,27-heptamethyloctacosa-2,6,10,14,18-pentaenyl]naphthalene-1,4-dione
7 non-polymer '(1R)-2-{[{[(2S)-2,3-DIHYDROXYPROPYL]OXY}(HYDROXY)PHOSPHORYL]OXY}-1-[(PALMITOYLOXY)METHYL]ETHYL (11E)-OCTADEC-11-ENOATE'
8 non-polymer 'HEME C'
#
loop_
_entity_poly.entity_id
_entity_poly.type
_entity_poly.pdbx_seq_one_letter_code
_entity_poly.pdbx_strand_id
1 'polypeptide(L)'
;MEASRRDFISIGIGALGAVGGLGALYALVRVMLEPSEIAALGAKTEIDVSKIQPMQVRVTSWKGKTLFAIRLPKDFKPEG
YTLKKGALNSKGTTNYEILKGHDVFALVGVCTHLGCIPLWKPQGEGGINKPVFHCPCHGGLYTPYGDVIGGPPPRPLFIP
PQKLEGNKLIVGVEGFVKELI
;
A,D
2 'polypeptide(L)'
;MGLIEKIVDWIDERAHVREIYRTQMVEYKVAKNLTFPYVFGILALVTFAIQIISGMVLILYYKPSIADAFDSATYSIMGE
IPFGWLFRHIHATGANFFMAIVYLHMFTGIYYNAYKRPRELVWIVGWLIYFVLILTALSGYLLPWGQLSYWGFIVTTEIP
GSLADAPILKPIFKAIAETIVLWMKGGYVVTDVTLGRVFGSHVLIYPLILLALVGIHLYLVRAAGISNPEGIEYDKKKNP
DKFVPFHPYMTLKEGAYVMWYLAVFFFFVFFHISHFLPPENFEPANPLKTPAHIAPEWYLLGYYEVFRSIPSKFWGFVAF
NALLLLLLLLPFLDFSPLKSARRRPLFFVMFVIFMISSMALTILGTMPPTPQNAKLGLIFAALVFAFFISLPIISFIEYG
WYKAKGGQQE
;
B,E
3 'polypeptide(L)'
;MNTWGLIKTIFFAGSTLVFFFLLWFYNPFKHVEHYEVDEEVKAIIDNPWKKTESGKTIAEEGRELFIASCSSCHSLRYDG
IYIMSVAANPKWKNIEKTSGRPVYRFGTLYKDRFFVPKDVYEAFAHDDIQGLKASLGQVPPDLSSMYLARGEGYLYQFIL
NPQKVLPGTTMPQLFNPQFDPQAKEKVAKIVAYMKSVNTPPPKESAKRTVMGVIVIAYFIVMGLLLWKYRENLLKRLGYH
;
C,F
#
# COMPACT_ATOMS: atom_id res chain seq x y z
N PHE A 8 10.46 -39.39 23.92
CA PHE A 8 10.60 -39.55 22.48
C PHE A 8 10.75 -38.18 21.82
N ILE A 9 11.49 -38.14 20.72
CA ILE A 9 11.89 -36.87 20.11
C ILE A 9 11.27 -36.67 18.73
N SER A 10 11.31 -37.70 17.88
CA SER A 10 10.83 -37.54 16.51
C SER A 10 9.33 -37.29 16.44
N ILE A 11 8.61 -37.45 17.54
CA ILE A 11 7.22 -37.00 17.61
C ILE A 11 7.06 -35.80 18.53
N GLY A 12 7.95 -35.61 19.51
CA GLY A 12 7.92 -34.41 20.31
C GLY A 12 8.16 -33.16 19.50
N ILE A 13 9.13 -33.20 18.58
CA ILE A 13 9.35 -32.06 17.70
C ILE A 13 8.17 -31.82 16.77
N GLY A 14 7.49 -32.88 16.33
CA GLY A 14 6.31 -32.69 15.50
C GLY A 14 5.18 -32.01 16.27
N ALA A 15 4.91 -32.49 17.49
CA ALA A 15 3.89 -31.85 18.32
C ALA A 15 4.25 -30.40 18.63
N LEU A 16 5.53 -30.14 18.91
CA LEU A 16 5.95 -28.78 19.24
C LEU A 16 5.83 -27.86 18.04
N GLY A 17 6.24 -28.31 16.86
CA GLY A 17 6.05 -27.53 15.64
C GLY A 17 4.60 -27.29 15.30
N ALA A 18 3.75 -28.29 15.52
CA ALA A 18 2.32 -28.10 15.32
C ALA A 18 1.72 -27.07 16.28
N VAL A 19 2.10 -27.10 17.55
CA VAL A 19 1.63 -26.10 18.49
C VAL A 19 2.12 -24.71 18.11
N GLY A 20 3.38 -24.61 17.67
CA GLY A 20 3.90 -23.32 17.24
C GLY A 20 3.18 -22.77 16.03
N GLY A 21 2.96 -23.62 15.01
CA GLY A 21 2.17 -23.21 13.86
C GLY A 21 0.76 -22.80 14.22
N LEU A 22 0.10 -23.54 15.11
CA LEU A 22 -1.23 -23.18 15.56
C LEU A 22 -1.25 -21.81 16.26
N GLY A 23 -0.29 -21.56 17.15
CA GLY A 23 -0.22 -20.25 17.78
C GLY A 23 0.07 -19.12 16.81
N ALA A 24 0.97 -19.35 15.86
CA ALA A 24 1.27 -18.32 14.87
C ALA A 24 0.07 -18.02 13.99
N LEU A 25 -0.65 -19.05 13.54
CA LEU A 25 -1.87 -18.85 12.78
C LEU A 25 -2.94 -18.15 13.60
N TYR A 26 -3.05 -18.46 14.90
CA TYR A 26 -3.99 -17.74 15.74
C TYR A 26 -3.65 -16.26 15.81
N ALA A 27 -2.38 -15.93 15.99
CA ALA A 27 -1.98 -14.51 16.01
C ALA A 27 -2.28 -13.83 14.68
N LEU A 28 -1.91 -14.47 13.57
CA LEU A 28 -2.15 -13.88 12.25
C LEU A 28 -3.65 -13.65 12.01
N VAL A 29 -4.49 -14.62 12.37
CA VAL A 29 -5.92 -14.44 12.23
C VAL A 29 -6.41 -13.29 13.11
N ARG A 30 -5.95 -13.24 14.36
CA ARG A 30 -6.39 -12.21 15.28
C ARG A 30 -6.02 -10.81 14.80
N VAL A 31 -4.89 -10.68 14.09
CA VAL A 31 -4.54 -9.37 13.56
C VAL A 31 -5.34 -9.08 12.30
N MET A 32 -5.20 -9.93 11.28
CA MET A 32 -5.74 -9.60 9.97
C MET A 32 -7.27 -9.74 9.96
N LEU A 33 -7.78 -10.95 10.22
CA LEU A 33 -9.16 -11.27 9.93
C LEU A 33 -10.10 -11.06 11.12
N GLU A 34 -9.77 -10.16 12.03
CA GLU A 34 -10.58 -10.00 13.24
C GLU A 34 -10.97 -8.54 13.48
N PRO A 35 -12.21 -8.15 13.19
CA PRO A 35 -12.74 -6.89 13.69
C PRO A 35 -13.34 -7.06 15.08
N SER A 36 -12.92 -8.14 15.75
CA SER A 36 -13.50 -8.59 17.02
C SER A 36 -13.77 -7.45 18.00
N GLU A 37 -14.96 -7.49 18.60
CA GLU A 37 -15.42 -6.68 19.73
C GLU A 37 -15.43 -5.19 19.41
N ILE A 38 -15.08 -4.83 18.18
CA ILE A 38 -15.21 -3.45 17.70
C ILE A 38 -16.12 -3.35 16.49
N ALA A 39 -16.40 -4.45 15.82
CA ALA A 39 -17.37 -4.43 14.73
C ALA A 39 -18.80 -4.38 15.28
N ALA A 40 -19.05 -5.04 16.41
CA ALA A 40 -20.35 -5.04 17.04
C ALA A 40 -20.57 -3.69 17.71
N LEU A 41 -20.71 -2.66 16.88
CA LEU A 41 -20.90 -1.29 17.35
C LEU A 41 -21.96 -0.66 16.45
N GLY A 42 -23.21 -0.70 16.90
CA GLY A 42 -23.55 -1.30 18.19
C GLY A 42 -24.74 -2.23 18.15
N ALA A 43 -24.62 -3.37 18.83
CA ALA A 43 -25.73 -4.31 18.96
C ALA A 43 -26.53 -4.08 20.23
N LYS A 44 -25.99 -3.33 21.19
CA LYS A 44 -26.73 -2.98 22.39
C LYS A 44 -27.54 -1.70 22.19
N THR A 45 -26.88 -0.60 21.84
CA THR A 45 -27.50 0.69 21.53
C THR A 45 -28.54 1.06 22.58
N GLU A 46 -28.07 1.30 23.80
CA GLU A 46 -28.94 1.68 24.90
C GLU A 46 -29.78 2.90 24.52
N ILE A 47 -31.09 2.73 24.46
CA ILE A 47 -32.03 3.80 24.15
C ILE A 47 -33.13 3.75 25.18
N ASP A 48 -33.00 4.56 26.23
CA ASP A 48 -33.98 4.58 27.31
C ASP A 48 -35.29 5.14 26.79
N VAL A 49 -36.37 4.37 26.93
CA VAL A 49 -37.69 4.80 26.46
C VAL A 49 -38.25 5.94 27.29
N SER A 50 -37.96 6.00 28.59
CA SER A 50 -38.49 7.04 29.45
C SER A 50 -37.83 8.40 29.22
N LYS A 51 -36.99 8.53 28.19
CA LYS A 51 -36.39 9.83 27.87
C LYS A 51 -37.04 10.49 26.67
N ILE A 52 -37.63 9.71 25.76
CA ILE A 52 -38.27 10.25 24.57
C ILE A 52 -39.67 10.70 24.92
N GLN A 53 -40.04 11.90 24.47
CA GLN A 53 -41.36 12.46 24.73
C GLN A 53 -42.32 12.06 23.61
N PRO A 54 -43.63 12.08 23.89
CA PRO A 54 -44.60 11.74 22.85
C PRO A 54 -44.49 12.66 21.65
N MET A 55 -44.71 12.09 20.46
CA MET A 55 -44.63 12.81 19.19
C MET A 55 -43.25 13.41 18.96
N GLN A 56 -42.22 12.82 19.56
CA GLN A 56 -40.85 13.29 19.40
C GLN A 56 -39.96 12.13 18.93
N VAL A 57 -39.02 12.44 18.04
CA VAL A 57 -38.15 11.44 17.45
C VAL A 57 -36.71 11.73 17.86
N ARG A 58 -36.03 10.70 18.35
CA ARG A 58 -34.61 10.79 18.68
C ARG A 58 -33.79 10.11 17.59
N VAL A 59 -32.76 10.79 17.13
CA VAL A 59 -31.90 10.28 16.07
C VAL A 59 -30.79 9.44 16.69
N THR A 60 -30.64 8.21 16.23
CA THR A 60 -29.63 7.29 16.74
C THR A 60 -29.06 6.51 15.56
N SER A 61 -28.32 5.45 15.84
CA SER A 61 -27.71 4.64 14.79
C SER A 61 -27.69 3.19 15.24
N TRP A 62 -28.29 2.31 14.45
CA TRP A 62 -28.30 0.87 14.72
C TRP A 62 -27.86 0.13 13.46
N LYS A 63 -26.83 -0.71 13.61
CA LYS A 63 -26.31 -1.53 12.52
C LYS A 63 -25.85 -0.68 11.35
N GLY A 64 -25.45 0.56 11.64
CA GLY A 64 -25.14 1.55 10.63
C GLY A 64 -26.07 2.75 10.75
N LYS A 65 -25.84 3.71 9.87
CA LYS A 65 -26.50 5.01 9.91
C LYS A 65 -27.56 5.08 8.82
N THR A 66 -28.76 5.55 9.18
CA THR A 66 -29.06 6.02 10.52
C THR A 66 -30.24 5.24 11.10
N LEU A 67 -30.74 5.70 12.25
CA LEU A 67 -31.86 5.06 12.92
C LEU A 67 -32.72 6.11 13.61
N PHE A 68 -34.03 5.90 13.58
CA PHE A 68 -34.98 6.75 14.26
C PHE A 68 -35.51 6.07 15.52
N ALA A 69 -36.04 6.89 16.43
CA ALA A 69 -36.66 6.41 17.67
C ALA A 69 -37.98 7.17 17.82
N ILE A 70 -39.05 6.62 17.26
CA ILE A 70 -40.34 7.29 17.21
C ILE A 70 -41.20 6.82 18.38
N ARG A 71 -41.92 7.76 19.00
CA ARG A 71 -42.89 7.44 20.03
C ARG A 71 -44.15 8.25 19.78
N LEU A 72 -45.31 7.59 19.82
CA LEU A 72 -46.59 8.23 19.59
C LEU A 72 -47.62 7.57 20.49
N PRO A 73 -48.58 8.35 21.02
CA PRO A 73 -49.51 7.80 22.02
C PRO A 73 -50.64 6.97 21.43
N LYS A 74 -51.15 7.36 20.27
CA LYS A 74 -52.32 6.72 19.67
C LYS A 74 -52.04 6.42 18.20
N ASP A 75 -53.06 5.90 17.52
CA ASP A 75 -52.95 5.55 16.11
C ASP A 75 -54.13 6.12 15.33
N TYR A 96 -48.14 -1.36 4.69
CA TYR A 96 -47.08 -1.61 5.65
C TYR A 96 -47.67 -2.03 6.99
N GLU A 97 -47.38 -1.27 8.04
CA GLU A 97 -47.89 -1.52 9.39
C GLU A 97 -47.56 -2.94 9.85
N ILE A 98 -46.25 -3.24 9.84
CA ILE A 98 -45.79 -4.56 10.24
C ILE A 98 -46.20 -4.87 11.68
N LEU A 99 -46.04 -3.89 12.57
CA LEU A 99 -46.35 -4.05 13.98
C LEU A 99 -47.61 -3.28 14.35
N LYS A 100 -48.33 -3.79 15.33
CA LYS A 100 -49.50 -3.13 15.86
C LYS A 100 -49.07 -2.08 16.90
N GLY A 101 -50.02 -1.57 17.66
CA GLY A 101 -49.71 -0.51 18.61
C GLY A 101 -48.81 -0.94 19.75
N HIS A 102 -47.56 -0.48 19.70
CA HIS A 102 -46.61 -0.66 20.79
C HIS A 102 -46.13 0.67 21.37
N ASP A 103 -46.26 1.75 20.61
CA ASP A 103 -45.95 3.14 20.95
C ASP A 103 -44.46 3.42 20.98
N VAL A 104 -43.60 2.40 20.88
CA VAL A 104 -42.15 2.59 20.85
C VAL A 104 -41.57 1.61 19.85
N PHE A 105 -40.73 2.10 18.95
CA PHE A 105 -40.10 1.26 17.94
C PHE A 105 -38.92 2.03 17.35
N ALA A 106 -38.32 1.48 16.30
CA ALA A 106 -37.18 2.11 15.65
C ALA A 106 -37.19 1.76 14.18
N LEU A 107 -36.99 2.77 13.34
CA LEU A 107 -36.93 2.61 11.89
C LEU A 107 -35.62 3.17 11.36
N VAL A 108 -35.03 2.48 10.40
CA VAL A 108 -33.81 2.96 9.75
C VAL A 108 -34.16 4.22 8.98
N GLY A 109 -33.71 5.37 9.46
CA GLY A 109 -34.12 6.62 8.83
C GLY A 109 -33.16 7.13 7.77
N VAL A 110 -33.46 6.77 6.53
CA VAL A 110 -32.80 7.27 5.33
C VAL A 110 -33.81 7.15 4.20
N CYS A 111 -33.99 8.22 3.43
CA CYS A 111 -34.99 8.19 2.39
C CYS A 111 -34.68 7.10 1.36
N THR A 112 -35.69 6.71 0.59
CA THR A 112 -35.62 5.46 -0.14
C THR A 112 -35.00 5.60 -1.52
N HIS A 113 -35.61 6.42 -2.39
CA HIS A 113 -35.22 6.38 -3.80
C HIS A 113 -33.93 7.13 -4.11
N LEU A 114 -33.50 8.04 -3.23
CA LEU A 114 -32.20 8.68 -3.41
C LEU A 114 -31.40 8.84 -2.12
N GLY A 115 -31.92 8.44 -0.97
CA GLY A 115 -31.13 8.39 0.23
C GLY A 115 -30.88 9.71 0.93
N CYS A 116 -31.93 10.47 1.18
CA CYS A 116 -31.83 11.65 2.04
C CYS A 116 -32.24 11.26 3.46
N ILE A 117 -32.24 12.24 4.36
CA ILE A 117 -32.59 12.03 5.76
C ILE A 117 -33.90 12.78 6.03
N PRO A 118 -34.99 12.07 6.29
CA PRO A 118 -36.25 12.77 6.61
C PRO A 118 -36.18 13.44 7.98
N LEU A 119 -36.84 14.59 8.07
CA LEU A 119 -36.90 15.38 9.29
C LEU A 119 -38.24 15.16 9.99
N TRP A 120 -38.20 15.10 11.31
CA TRP A 120 -39.42 14.86 12.07
C TRP A 120 -40.37 16.04 11.96
N LYS A 121 -41.66 15.73 11.82
CA LYS A 121 -42.71 16.73 11.65
C LYS A 121 -42.44 17.63 10.45
N PRO A 131 -49.67 13.55 12.10
CA PRO A 131 -48.35 14.19 12.03
C PRO A 131 -47.33 13.32 11.30
N VAL A 132 -47.07 13.65 10.04
CA VAL A 132 -46.11 12.93 9.23
C VAL A 132 -44.78 13.66 9.26
N PHE A 133 -43.71 12.95 8.88
CA PHE A 133 -42.38 13.52 8.83
C PHE A 133 -41.77 13.24 7.46
N HIS A 134 -41.25 14.28 6.83
CA HIS A 134 -40.82 14.22 5.43
C HIS A 134 -39.34 14.55 5.31
N CYS A 135 -38.83 14.37 4.09
CA CYS A 135 -37.49 14.78 3.72
C CYS A 135 -37.62 15.89 2.69
N PRO A 136 -36.87 16.99 2.82
CA PRO A 136 -37.07 18.15 1.94
C PRO A 136 -36.30 18.10 0.62
N CYS A 137 -35.60 17.01 0.33
CA CYS A 137 -34.85 16.93 -0.92
C CYS A 137 -35.78 16.88 -2.12
N HIS A 138 -36.70 15.91 -2.11
CA HIS A 138 -37.63 15.74 -3.22
C HIS A 138 -39.07 15.94 -2.85
N GLY A 139 -39.38 15.86 -1.56
CA GLY A 139 -40.74 15.98 -1.10
C GLY A 139 -41.39 14.69 -0.64
N GLY A 140 -40.62 13.69 -0.23
CA GLY A 140 -41.20 12.43 0.20
C GLY A 140 -41.72 12.51 1.62
N LEU A 141 -42.98 12.12 1.79
CA LEU A 141 -43.66 12.15 3.08
C LEU A 141 -43.73 10.74 3.65
N TYR A 142 -43.75 10.66 4.98
CA TYR A 142 -43.74 9.37 5.68
C TYR A 142 -44.61 9.44 6.92
N THR A 143 -45.45 8.42 7.10
CA THR A 143 -46.19 8.28 8.35
C THR A 143 -45.26 7.74 9.43
N PRO A 144 -45.54 8.06 10.70
CA PRO A 144 -44.67 7.60 11.78
C PRO A 144 -44.44 6.09 11.83
N TYR A 145 -45.18 5.30 11.06
CA TYR A 145 -44.96 3.86 11.01
C TYR A 145 -44.14 3.43 9.79
N GLY A 146 -43.75 4.36 8.92
CA GLY A 146 -42.86 4.02 7.82
C GLY A 146 -43.44 4.23 6.44
N ASP A 147 -44.72 3.93 6.26
CA ASP A 147 -45.35 4.03 4.96
C ASP A 147 -45.35 5.47 4.46
N VAL A 148 -45.57 5.62 3.15
CA VAL A 148 -45.58 6.93 2.50
C VAL A 148 -47.02 7.34 2.25
N ILE A 149 -47.30 8.63 2.37
CA ILE A 149 -48.60 9.18 2.05
C ILE A 149 -48.56 10.00 0.77
N GLY A 150 -47.49 10.78 0.57
CA GLY A 150 -47.17 11.31 -0.74
C GLY A 150 -45.79 10.83 -1.13
N GLY A 151 -45.73 9.90 -2.08
CA GLY A 151 -44.50 9.18 -2.33
C GLY A 151 -43.78 9.50 -3.63
N PRO A 152 -42.70 10.27 -3.54
CA PRO A 152 -41.61 10.13 -4.49
C PRO A 152 -40.83 8.84 -4.27
N PRO A 153 -40.64 8.38 -3.02
CA PRO A 153 -40.03 7.06 -2.82
C PRO A 153 -41.02 5.95 -3.15
N PRO A 154 -40.55 4.86 -3.76
CA PRO A 154 -41.45 3.75 -4.08
C PRO A 154 -41.83 2.91 -2.87
N ARG A 155 -40.86 2.63 -1.99
CA ARG A 155 -41.12 1.73 -0.88
C ARG A 155 -40.88 2.42 0.46
N PRO A 156 -41.55 1.95 1.53
CA PRO A 156 -41.36 2.58 2.85
C PRO A 156 -40.04 2.21 3.50
N LEU A 157 -39.85 2.64 4.74
CA LEU A 157 -38.63 2.34 5.48
C LEU A 157 -38.74 0.97 6.14
N PHE A 158 -37.74 0.13 5.91
CA PHE A 158 -37.75 -1.21 6.48
C PHE A 158 -37.46 -1.17 7.97
N ILE A 159 -38.30 -1.84 8.75
CA ILE A 159 -38.15 -1.90 10.20
C ILE A 159 -36.97 -2.81 10.56
N PRO A 160 -35.95 -2.30 11.23
CA PRO A 160 -34.91 -3.18 11.76
C PRO A 160 -35.40 -3.93 12.98
N PRO A 161 -34.81 -5.08 13.29
CA PRO A 161 -35.26 -5.84 14.46
C PRO A 161 -35.10 -5.05 15.75
N GLN A 162 -35.81 -5.50 16.78
CA GLN A 162 -35.81 -4.81 18.05
C GLN A 162 -36.04 -5.81 19.19
N LYS A 163 -35.61 -5.43 20.38
CA LYS A 163 -35.83 -6.19 21.59
C LYS A 163 -36.29 -5.24 22.68
N LEU A 164 -37.16 -5.73 23.56
CA LEU A 164 -37.69 -4.94 24.66
C LEU A 164 -37.23 -5.55 25.99
N GLU A 165 -36.39 -4.81 26.71
CA GLU A 165 -35.90 -5.21 28.03
C GLU A 165 -36.24 -4.05 28.96
N GLY A 166 -37.39 -4.15 29.64
CA GLY A 166 -37.83 -3.10 30.52
C GLY A 166 -38.07 -1.79 29.79
N ASN A 167 -37.18 -0.83 30.00
CA ASN A 167 -37.26 0.48 29.34
C ASN A 167 -36.03 0.75 28.48
N LYS A 168 -35.58 -0.26 27.73
CA LYS A 168 -34.40 -0.14 26.87
C LYS A 168 -34.69 -0.81 25.53
N LEU A 169 -34.61 -0.05 24.45
CA LEU A 169 -34.80 -0.55 23.10
C LEU A 169 -33.45 -0.94 22.49
N ILE A 170 -33.49 -1.95 21.64
CA ILE A 170 -32.28 -2.41 20.96
C ILE A 170 -32.26 -1.91 19.53
N ILE B 7 -2.64 -39.95 0.95
CA ILE B 7 -1.34 -40.52 1.28
C ILE B 7 -0.24 -39.75 0.54
N VAL B 8 0.94 -40.36 0.44
CA VAL B 8 2.06 -39.74 -0.24
C VAL B 8 2.35 -40.37 -1.60
N ASP B 9 2.03 -41.64 -1.79
CA ASP B 9 2.27 -42.27 -3.09
C ASP B 9 1.38 -41.68 -4.17
N TRP B 10 0.16 -41.27 -3.82
CA TRP B 10 -0.71 -40.61 -4.79
C TRP B 10 -0.12 -39.29 -5.23
N ILE B 11 0.37 -38.47 -4.29
CA ILE B 11 1.07 -37.25 -4.65
C ILE B 11 2.41 -37.54 -5.30
N ASP B 12 3.04 -38.68 -4.98
CA ASP B 12 4.29 -39.05 -5.62
C ASP B 12 4.10 -39.29 -7.12
N GLU B 13 3.07 -40.05 -7.48
CA GLU B 13 2.85 -40.40 -8.88
C GLU B 13 2.54 -39.18 -9.74
N ARG B 14 2.01 -38.10 -9.15
CA ARG B 14 1.57 -36.94 -9.90
C ARG B 14 2.49 -35.75 -9.80
N ALA B 15 3.32 -35.67 -8.75
CA ALA B 15 4.21 -34.53 -8.55
C ALA B 15 5.68 -34.91 -8.47
N HIS B 16 6.00 -36.20 -8.34
CA HIS B 16 7.37 -36.66 -8.20
C HIS B 16 8.05 -36.01 -7.00
N VAL B 17 7.39 -36.11 -5.84
CA VAL B 17 7.91 -35.46 -4.64
C VAL B 17 9.08 -36.24 -4.06
N ARG B 18 9.03 -37.58 -4.07
CA ARG B 18 10.13 -38.36 -3.54
C ARG B 18 11.37 -38.33 -4.42
N GLU B 19 11.20 -38.28 -5.74
CA GLU B 19 12.34 -38.12 -6.63
C GLU B 19 13.01 -36.77 -6.49
N ILE B 20 12.27 -35.75 -6.07
CA ILE B 20 12.87 -34.45 -5.79
C ILE B 20 13.55 -34.47 -4.42
N TYR B 21 12.93 -35.13 -3.44
CA TYR B 21 13.52 -35.19 -2.10
C TYR B 21 14.84 -35.97 -2.11
N ARG B 22 14.84 -37.18 -2.66
CA ARG B 22 16.05 -38.01 -2.69
C ARG B 22 17.18 -37.40 -3.49
N THR B 23 16.89 -36.43 -4.36
CA THR B 23 17.92 -35.79 -5.17
C THR B 23 18.40 -34.48 -4.55
N GLN B 24 17.51 -33.72 -3.91
CA GLN B 24 17.89 -32.43 -3.35
C GLN B 24 18.40 -32.53 -1.93
N MET B 25 18.07 -33.60 -1.19
CA MET B 25 18.50 -33.70 0.20
C MET B 25 19.38 -34.91 0.46
N VAL B 26 18.99 -36.09 -0.02
CA VAL B 26 19.70 -37.30 0.39
C VAL B 26 20.95 -37.53 -0.46
N GLU B 27 20.94 -37.11 -1.72
CA GLU B 27 22.11 -37.29 -2.57
C GLU B 27 22.66 -35.96 -3.11
N TYR B 28 22.80 -34.97 -2.23
CA TYR B 28 23.33 -33.67 -2.62
C TYR B 28 24.83 -33.55 -2.39
N LYS B 29 25.35 -34.17 -1.32
CA LYS B 29 26.78 -34.28 -1.06
C LYS B 29 27.44 -32.89 -0.95
N VAL B 30 27.04 -32.18 0.09
CA VAL B 30 27.74 -30.95 0.48
C VAL B 30 28.99 -31.35 1.25
N ALA B 31 29.88 -30.39 1.48
CA ALA B 31 31.10 -30.67 2.22
C ALA B 31 30.78 -31.02 3.67
N LYS B 32 31.73 -31.72 4.32
CA LYS B 32 31.53 -32.13 5.70
C LYS B 32 32.08 -31.10 6.69
N ASN B 33 33.18 -30.43 6.33
CA ASN B 33 33.88 -29.54 7.24
C ASN B 33 33.29 -28.13 7.24
N LEU B 34 32.03 -27.98 6.86
CA LEU B 34 31.40 -26.67 6.87
C LEU B 34 31.34 -26.13 8.30
N THR B 35 31.72 -24.87 8.45
CA THR B 35 31.81 -24.23 9.76
C THR B 35 30.49 -23.52 10.09
N PHE B 36 30.53 -22.71 11.13
CA PHE B 36 29.32 -22.05 11.63
C PHE B 36 28.88 -20.86 10.77
N PRO B 37 29.77 -19.96 10.34
CA PRO B 37 29.33 -18.83 9.53
C PRO B 37 28.73 -19.20 8.18
N TYR B 38 28.63 -20.49 7.85
CA TYR B 38 27.90 -20.94 6.68
C TYR B 38 26.40 -21.01 6.94
N VAL B 39 25.94 -20.56 8.10
CA VAL B 39 24.51 -20.51 8.41
C VAL B 39 23.90 -19.16 8.06
N PHE B 40 24.72 -18.13 7.84
CA PHE B 40 24.20 -16.77 7.72
C PHE B 40 23.34 -16.59 6.47
N GLY B 41 23.58 -17.35 5.40
CA GLY B 41 22.69 -17.27 4.26
C GLY B 41 21.30 -17.79 4.56
N ILE B 42 21.20 -18.95 5.20
CA ILE B 42 19.90 -19.47 5.61
C ILE B 42 19.24 -18.53 6.60
N LEU B 43 20.02 -17.93 7.50
CA LEU B 43 19.45 -17.00 8.46
C LEU B 43 18.94 -15.74 7.79
N ALA B 44 19.65 -15.22 6.79
CA ALA B 44 19.15 -14.08 6.04
C ALA B 44 17.90 -14.42 5.27
N LEU B 45 17.82 -15.62 4.70
CA LEU B 45 16.58 -16.05 4.05
C LEU B 45 15.42 -16.13 5.03
N VAL B 46 15.67 -16.67 6.24
CA VAL B 46 14.63 -16.74 7.25
C VAL B 46 14.19 -15.35 7.68
N THR B 47 15.14 -14.42 7.82
CA THR B 47 14.77 -13.06 8.19
C THR B 47 14.01 -12.36 7.08
N PHE B 48 14.35 -12.65 5.82
CA PHE B 48 13.56 -12.15 4.70
C PHE B 48 12.12 -12.64 4.78
N ALA B 49 11.95 -13.94 5.07
CA ALA B 49 10.61 -14.48 5.25
C ALA B 49 9.89 -13.80 6.41
N ILE B 50 10.59 -13.55 7.52
CA ILE B 50 9.99 -12.87 8.66
C ILE B 50 9.53 -11.47 8.26
N GLN B 51 10.37 -10.74 7.52
CA GLN B 51 10.01 -9.39 7.09
C GLN B 51 8.79 -9.39 6.18
N ILE B 52 8.74 -10.33 5.24
CA ILE B 52 7.57 -10.41 4.36
C ILE B 52 6.32 -10.73 5.16
N ILE B 53 6.39 -11.73 6.04
CA ILE B 53 5.21 -12.15 6.80
C ILE B 53 4.71 -11.03 7.70
N SER B 54 5.63 -10.31 8.33
CA SER B 54 5.24 -9.25 9.25
C SER B 54 4.94 -7.92 8.57
N GLY B 55 5.30 -7.78 7.29
CA GLY B 55 4.91 -6.59 6.54
C GLY B 55 3.57 -6.78 5.89
N MET B 56 3.22 -8.02 5.55
CA MET B 56 1.87 -8.31 5.09
C MET B 56 0.82 -7.90 6.11
N VAL B 57 1.17 -7.89 7.40
CA VAL B 57 0.24 -7.48 8.43
C VAL B 57 0.23 -5.97 8.58
N LEU B 58 1.39 -5.34 8.44
CA LEU B 58 1.48 -3.89 8.61
C LEU B 58 0.87 -3.13 7.43
N ILE B 59 0.93 -3.69 6.22
CA ILE B 59 0.36 -3.02 5.07
C ILE B 59 -1.15 -2.91 5.17
N LEU B 60 -1.78 -3.71 6.02
CA LEU B 60 -3.23 -3.64 6.18
C LEU B 60 -3.67 -2.36 6.88
N TYR B 61 -2.83 -1.77 7.72
CA TYR B 61 -3.24 -0.63 8.53
C TYR B 61 -2.39 0.61 8.36
N TYR B 62 -1.24 0.55 7.69
CA TYR B 62 -0.44 1.74 7.46
C TYR B 62 -1.02 2.54 6.31
N LYS B 63 -0.96 3.87 6.42
CA LYS B 63 -1.61 4.77 5.48
C LYS B 63 -0.62 5.81 4.99
N PRO B 64 -0.30 5.83 3.69
CA PRO B 64 0.78 6.68 3.17
C PRO B 64 0.37 8.14 2.96
N SER B 65 -0.25 8.73 3.96
CA SER B 65 -0.58 10.16 3.94
C SER B 65 0.17 10.86 5.06
N ILE B 66 0.55 12.11 4.79
CA ILE B 66 1.30 12.88 5.79
C ILE B 66 0.46 13.10 7.03
N ALA B 67 -0.83 13.41 6.85
CA ALA B 67 -1.72 13.65 7.98
C ALA B 67 -2.21 12.36 8.63
N ASP B 68 -1.94 11.20 8.03
CA ASP B 68 -2.37 9.93 8.59
C ASP B 68 -1.22 9.02 8.98
N ALA B 69 -0.04 9.17 8.38
CA ALA B 69 1.12 8.44 8.85
C ALA B 69 1.49 8.91 10.26
N PHE B 70 1.99 7.97 11.06
CA PHE B 70 2.30 8.14 12.47
C PHE B 70 1.01 8.21 13.30
N ASP B 71 -0.14 8.27 12.64
CA ASP B 71 -1.41 8.03 13.31
C ASP B 71 -1.93 6.63 13.03
N SER B 72 -1.42 5.96 12.01
CA SER B 72 -1.63 4.54 11.83
C SER B 72 -0.60 3.72 12.58
N ALA B 73 0.69 3.90 12.24
CA ALA B 73 1.78 3.12 12.79
C ALA B 73 1.97 3.31 14.29
N THR B 74 1.50 4.41 14.87
CA THR B 74 1.66 4.65 16.30
C THR B 74 0.35 4.52 17.05
N TYR B 75 -0.73 5.09 16.54
CA TYR B 75 -2.03 4.91 17.19
C TYR B 75 -2.66 3.57 16.80
N SER B 76 -3.00 3.40 15.52
CA SER B 76 -3.73 2.21 15.09
C SER B 76 -2.93 0.93 15.35
N ILE B 77 -1.77 0.80 14.68
CA ILE B 77 -0.96 -0.42 14.78
C ILE B 77 -0.69 -0.77 16.23
N MET B 78 -0.33 0.22 17.05
CA MET B 78 0.15 -0.08 18.39
C MET B 78 -0.96 -0.27 19.42
N GLY B 79 -1.99 0.57 19.43
CA GLY B 79 -3.02 0.44 20.43
C GLY B 79 -4.34 -0.12 19.93
N GLU B 80 -4.75 0.25 18.72
CA GLU B 80 -6.08 -0.11 18.26
C GLU B 80 -6.17 -1.55 17.80
N ILE B 81 -5.10 -2.07 17.19
CA ILE B 81 -5.14 -3.38 16.54
C ILE B 81 -4.62 -4.44 17.50
N PRO B 82 -5.32 -5.56 17.65
CA PRO B 82 -4.78 -6.66 18.46
C PRO B 82 -3.54 -7.25 17.83
N PHE B 83 -2.50 -7.44 18.65
CA PHE B 83 -1.21 -7.98 18.23
C PHE B 83 -0.51 -7.10 17.20
N GLY B 84 -1.01 -5.88 16.96
CA GLY B 84 -0.32 -4.96 16.09
C GLY B 84 0.98 -4.46 16.63
N TRP B 85 1.04 -4.21 17.94
CA TRP B 85 2.32 -3.95 18.59
C TRP B 85 3.33 -5.03 18.26
N LEU B 86 2.90 -6.29 18.30
CA LEU B 86 3.81 -7.41 18.07
C LEU B 86 4.32 -7.44 16.64
N PHE B 87 3.46 -7.14 15.67
CA PHE B 87 3.88 -7.23 14.28
C PHE B 87 4.55 -5.97 13.77
N ARG B 88 4.48 -4.86 14.49
CA ARG B 88 5.40 -3.77 14.24
C ARG B 88 6.74 -3.98 14.93
N HIS B 89 6.72 -4.58 16.12
CA HIS B 89 7.96 -4.95 16.81
C HIS B 89 8.77 -5.95 16.00
N ILE B 90 8.12 -7.02 15.52
CA ILE B 90 8.79 -8.01 14.68
C ILE B 90 9.36 -7.36 13.44
N HIS B 91 8.63 -6.43 12.83
CA HIS B 91 9.10 -5.79 11.61
C HIS B 91 10.32 -4.91 11.85
N ALA B 92 10.24 -3.99 12.80
CA ALA B 92 11.36 -3.10 13.09
C ALA B 92 12.56 -3.81 13.70
N THR B 93 12.35 -4.99 14.29
CA THR B 93 13.48 -5.78 14.77
C THR B 93 14.09 -6.60 13.64
N GLY B 94 13.25 -7.17 12.77
CA GLY B 94 13.75 -7.96 11.68
C GLY B 94 14.47 -7.15 10.64
N ALA B 95 14.12 -5.87 10.50
CA ALA B 95 14.88 -5.02 9.59
C ALA B 95 16.35 -4.91 10.01
N ASN B 96 16.59 -4.59 11.29
CA ASN B 96 17.95 -4.50 11.79
C ASN B 96 18.65 -5.86 11.84
N PHE B 97 17.94 -6.92 12.21
CA PHE B 97 18.53 -8.25 12.16
C PHE B 97 18.87 -8.67 10.74
N PHE B 98 18.08 -8.25 9.77
CA PHE B 98 18.32 -8.57 8.37
C PHE B 98 19.48 -7.79 7.80
N MET B 99 19.70 -6.57 8.28
CA MET B 99 20.93 -5.86 7.94
C MET B 99 22.15 -6.52 8.58
N ALA B 100 22.06 -6.88 9.86
CA ALA B 100 23.21 -7.44 10.56
C ALA B 100 23.59 -8.81 10.00
N ILE B 101 22.60 -9.67 9.74
CA ILE B 101 22.89 -11.00 9.21
C ILE B 101 23.48 -10.90 7.81
N VAL B 102 23.02 -9.93 7.02
CA VAL B 102 23.56 -9.78 5.66
C VAL B 102 24.99 -9.26 5.72
N TYR B 103 25.27 -8.34 6.64
CA TYR B 103 26.66 -7.91 6.82
C TYR B 103 27.56 -9.07 7.24
N LEU B 104 27.13 -9.85 8.24
CA LEU B 104 27.90 -11.02 8.64
C LEU B 104 28.09 -12.00 7.49
N HIS B 105 27.05 -12.22 6.68
CA HIS B 105 27.12 -13.14 5.56
C HIS B 105 28.13 -12.67 4.52
N MET B 106 28.03 -11.42 4.08
CA MET B 106 28.96 -10.93 3.07
C MET B 106 30.38 -10.80 3.60
N PHE B 107 30.57 -10.57 4.90
CA PHE B 107 31.92 -10.47 5.43
C PHE B 107 32.58 -11.82 5.64
N THR B 108 31.84 -12.84 6.08
CA THR B 108 32.37 -14.19 6.14
C THR B 108 32.23 -14.92 4.81
N GLY B 109 31.76 -14.24 3.78
CA GLY B 109 31.93 -14.72 2.42
C GLY B 109 33.13 -14.07 1.78
N ILE B 110 33.46 -12.86 2.23
CA ILE B 110 34.75 -12.25 1.89
C ILE B 110 35.89 -13.05 2.50
N TYR B 111 35.67 -13.56 3.72
CA TYR B 111 36.72 -14.28 4.44
C TYR B 111 37.17 -15.51 3.66
N TYR B 112 36.26 -16.45 3.43
CA TYR B 112 36.59 -17.67 2.70
C TYR B 112 36.78 -17.44 1.21
N ASN B 113 36.72 -16.19 0.75
CA ASN B 113 36.82 -15.84 -0.66
C ASN B 113 35.87 -16.69 -1.50
N ALA B 114 34.58 -16.54 -1.22
CA ALA B 114 33.54 -17.16 -2.02
C ALA B 114 33.19 -16.34 -3.25
N TYR B 115 34.10 -15.47 -3.68
CA TYR B 115 33.89 -14.63 -4.85
C TYR B 115 34.86 -14.95 -5.98
N LYS B 116 35.70 -15.97 -5.85
CA LYS B 116 36.68 -16.30 -6.86
C LYS B 116 36.06 -17.30 -7.85
N ARG B 117 36.87 -17.83 -8.76
CA ARG B 117 36.36 -18.75 -9.76
C ARG B 117 35.78 -20.00 -9.10
N PRO B 118 34.61 -20.48 -9.52
CA PRO B 118 33.77 -19.87 -10.56
C PRO B 118 32.61 -19.09 -9.97
N ARG B 119 32.82 -18.46 -8.81
CA ARG B 119 31.78 -17.76 -8.09
C ARG B 119 31.84 -16.25 -8.30
N GLU B 120 32.22 -15.80 -9.49
CA GLU B 120 32.25 -14.37 -9.77
C GLU B 120 30.84 -13.80 -9.89
N LEU B 121 29.91 -14.55 -10.46
CA LEU B 121 28.58 -14.06 -10.75
C LEU B 121 27.66 -14.09 -9.54
N VAL B 122 27.81 -15.09 -8.66
CA VAL B 122 27.04 -15.11 -7.43
C VAL B 122 27.39 -13.90 -6.55
N TRP B 123 28.64 -13.43 -6.58
CA TRP B 123 28.98 -12.24 -5.80
C TRP B 123 28.40 -10.98 -6.42
N ILE B 124 28.30 -10.91 -7.75
CA ILE B 124 27.65 -9.75 -8.36
C ILE B 124 26.18 -9.71 -8.01
N VAL B 125 25.51 -10.87 -8.07
CA VAL B 125 24.10 -10.91 -7.68
C VAL B 125 23.95 -10.60 -6.20
N GLY B 126 24.88 -11.03 -5.36
CA GLY B 126 24.83 -10.69 -3.95
C GLY B 126 25.03 -9.21 -3.70
N TRP B 127 25.92 -8.57 -4.46
CA TRP B 127 26.09 -7.13 -4.32
C TRP B 127 24.85 -6.37 -4.77
N LEU B 128 24.17 -6.87 -5.81
CA LEU B 128 22.88 -6.27 -6.16
C LEU B 128 21.86 -6.47 -5.04
N ILE B 129 21.82 -7.66 -4.44
CA ILE B 129 20.99 -7.89 -3.25
C ILE B 129 21.27 -6.82 -2.20
N TYR B 130 22.55 -6.60 -1.90
CA TYR B 130 22.93 -5.65 -0.86
C TYR B 130 22.52 -4.23 -1.20
N PHE B 131 22.75 -3.81 -2.45
CA PHE B 131 22.40 -2.46 -2.85
C PHE B 131 20.90 -2.22 -2.77
N VAL B 132 20.09 -3.16 -3.27
CA VAL B 132 18.64 -2.97 -3.21
C VAL B 132 18.10 -3.16 -1.80
N LEU B 133 18.79 -3.93 -0.95
CA LEU B 133 18.40 -4.03 0.45
C LEU B 133 18.64 -2.73 1.21
N ILE B 134 19.72 -2.02 0.87
CA ILE B 134 19.93 -0.68 1.42
C ILE B 134 18.74 0.22 1.11
N LEU B 135 18.25 0.17 -0.13
CA LEU B 135 17.11 0.99 -0.51
C LEU B 135 15.81 0.52 0.13
N THR B 136 15.66 -0.79 0.34
CA THR B 136 14.45 -1.29 0.99
C THR B 136 14.39 -0.91 2.46
N ALA B 137 15.52 -0.93 3.15
CA ALA B 137 15.55 -0.53 4.55
C ALA B 137 15.66 0.97 4.75
N LEU B 138 16.06 1.70 3.70
CA LEU B 138 16.20 3.15 3.79
C LEU B 138 14.88 3.85 3.51
N SER B 139 14.15 3.37 2.48
CA SER B 139 12.88 3.96 2.13
C SER B 139 11.76 3.49 3.04
N GLY B 140 11.90 2.35 3.69
CA GLY B 140 10.91 1.92 4.65
C GLY B 140 10.99 2.58 6.00
N TYR B 141 12.00 3.43 6.20
CA TYR B 141 12.15 4.12 7.48
C TYR B 141 11.49 5.48 7.48
N LEU B 142 11.30 6.08 6.29
CA LEU B 142 10.51 7.30 6.19
C LEU B 142 9.05 7.05 6.56
N LEU B 143 8.59 5.81 6.43
CA LEU B 143 7.16 5.53 6.52
C LEU B 143 6.56 5.83 7.88
N PRO B 144 7.15 5.48 9.03
CA PRO B 144 6.53 5.87 10.31
C PRO B 144 6.35 7.36 10.49
N TRP B 145 7.04 8.18 9.68
CA TRP B 145 6.91 9.64 9.72
C TRP B 145 7.11 10.16 11.14
N GLY B 146 8.22 9.79 11.75
CA GLY B 146 8.57 10.26 13.08
C GLY B 146 9.50 11.45 13.02
N GLN B 147 9.79 11.99 14.21
CA GLN B 147 10.56 13.23 14.28
C GLN B 147 11.93 13.07 13.66
N LEU B 148 12.57 11.91 13.86
CA LEU B 148 13.88 11.69 13.27
C LEU B 148 13.83 10.84 12.00
N SER B 149 12.72 10.17 11.73
CA SER B 149 12.59 9.42 10.48
C SER B 149 12.63 10.34 9.27
N TYR B 150 11.80 11.39 9.29
CA TYR B 150 11.78 12.40 8.23
C TYR B 150 13.15 13.02 8.04
N TRP B 151 13.81 13.39 9.13
CA TRP B 151 15.08 14.10 9.02
C TRP B 151 16.25 13.18 8.67
N GLY B 152 16.19 11.90 9.07
CA GLY B 152 17.18 10.96 8.58
C GLY B 152 16.98 10.56 7.14
N PHE B 153 15.75 10.66 6.63
CA PHE B 153 15.55 10.56 5.19
C PHE B 153 16.12 11.78 4.47
N ILE B 154 15.90 12.98 5.03
CA ILE B 154 16.43 14.19 4.42
C ILE B 154 17.96 14.16 4.40
N VAL B 155 18.58 13.81 5.52
CA VAL B 155 20.04 13.77 5.60
C VAL B 155 20.60 12.81 4.56
N THR B 156 19.99 11.63 4.42
CA THR B 156 20.48 10.64 3.48
C THR B 156 20.22 11.01 2.03
N THR B 157 19.15 11.76 1.74
CA THR B 157 18.85 12.16 0.37
C THR B 157 19.53 13.45 -0.04
N GLU B 158 20.09 14.20 0.90
CA GLU B 158 20.94 15.33 0.54
C GLU B 158 22.39 14.92 0.32
N ILE B 159 22.77 13.69 0.66
CA ILE B 159 24.13 13.23 0.40
C ILE B 159 24.45 13.23 -1.09
N PRO B 160 23.59 12.74 -1.99
CA PRO B 160 23.87 12.89 -3.43
C PRO B 160 23.88 14.35 -3.89
N GLY B 161 23.53 15.30 -3.02
CA GLY B 161 23.59 16.69 -3.40
C GLY B 161 24.96 17.31 -3.30
N SER B 162 25.81 16.79 -2.42
CA SER B 162 27.20 17.24 -2.35
C SER B 162 27.98 16.93 -3.62
N LEU B 163 27.46 16.02 -4.46
CA LEU B 163 28.06 15.79 -5.77
C LEU B 163 27.99 17.04 -6.63
N ALA B 164 26.87 17.75 -6.57
CA ALA B 164 26.70 18.96 -7.36
C ALA B 164 27.56 20.12 -6.87
N ASP B 165 28.03 20.07 -5.62
CA ASP B 165 28.93 21.08 -5.11
C ASP B 165 30.19 21.14 -5.96
N ALA B 166 30.73 22.34 -6.13
CA ALA B 166 31.86 22.62 -7.02
C ALA B 166 33.05 21.71 -6.71
N PRO B 167 33.37 20.79 -7.62
CA PRO B 167 34.50 19.88 -7.41
C PRO B 167 35.82 20.62 -7.63
N ILE B 168 36.92 19.89 -7.37
CA ILE B 168 38.24 20.43 -7.65
C ILE B 168 38.45 20.57 -9.14
N LEU B 169 37.80 19.73 -9.94
CA LEU B 169 37.95 19.72 -11.39
C LEU B 169 36.58 19.72 -12.04
N LYS B 170 36.44 20.50 -13.12
CA LYS B 170 35.22 20.63 -13.90
C LYS B 170 34.05 21.00 -12.98
N PRO B 171 33.98 22.25 -12.49
CA PRO B 171 32.90 22.68 -11.60
C PRO B 171 31.59 22.99 -12.33
N ILE B 172 31.21 22.11 -13.26
CA ILE B 172 29.90 22.20 -13.91
C ILE B 172 28.89 21.25 -13.29
N PHE B 173 29.31 20.45 -12.31
CA PHE B 173 28.44 19.48 -11.67
C PHE B 173 27.27 20.14 -10.95
N LYS B 174 27.28 21.47 -10.79
CA LYS B 174 26.13 22.18 -10.25
C LYS B 174 24.91 21.92 -11.13
N ALA B 175 23.79 21.56 -10.48
CA ALA B 175 22.51 21.34 -11.14
C ALA B 175 22.52 20.19 -12.13
N ILE B 176 23.50 19.29 -12.04
CA ILE B 176 23.49 18.08 -12.85
C ILE B 176 23.48 16.88 -11.91
N ALA B 177 23.04 15.74 -12.45
CA ALA B 177 22.82 14.53 -11.66
C ALA B 177 21.99 14.84 -10.43
N GLU B 178 20.89 15.55 -10.65
CA GLU B 178 20.05 16.03 -9.55
C GLU B 178 19.25 14.89 -8.94
N THR B 179 19.94 14.06 -8.15
CA THR B 179 19.29 12.99 -7.41
C THR B 179 18.48 13.51 -6.23
N ILE B 180 18.46 14.83 -6.03
CA ILE B 180 17.64 15.45 -4.99
C ILE B 180 16.25 15.71 -5.54
N VAL B 181 16.17 16.50 -6.61
CA VAL B 181 14.87 16.92 -7.14
C VAL B 181 14.18 15.75 -7.84
N LEU B 182 14.84 15.18 -8.86
CA LEU B 182 14.23 14.10 -9.62
C LEU B 182 13.96 12.89 -8.73
N TRP B 183 15.01 12.35 -8.11
CA TRP B 183 14.88 11.18 -7.26
C TRP B 183 14.30 11.59 -5.91
N MET B 184 14.45 10.70 -4.92
CA MET B 184 13.82 10.85 -3.62
C MET B 184 14.07 12.24 -3.03
N LYS B 185 13.21 12.60 -2.08
CA LYS B 185 12.91 13.94 -1.55
C LYS B 185 11.93 14.67 -2.47
N GLY B 186 11.54 14.07 -3.61
CA GLY B 186 10.46 14.58 -4.42
C GLY B 186 10.67 15.91 -5.08
N GLY B 187 11.67 16.68 -4.67
CA GLY B 187 11.99 17.96 -5.26
C GLY B 187 11.54 19.14 -4.41
N TYR B 188 12.48 19.68 -3.63
CA TYR B 188 12.36 20.92 -2.88
C TYR B 188 11.37 20.81 -1.72
N VAL B 189 10.56 19.76 -1.71
CA VAL B 189 9.56 19.52 -0.68
C VAL B 189 9.33 18.02 -0.59
N VAL B 190 9.26 17.50 0.63
CA VAL B 190 8.75 16.15 0.85
C VAL B 190 7.25 16.25 1.13
N THR B 191 6.45 15.96 0.12
CA THR B 191 5.02 16.16 0.18
C THR B 191 4.31 14.81 0.30
N ASP B 192 2.97 14.86 0.25
CA ASP B 192 2.19 13.64 0.38
C ASP B 192 2.41 12.70 -0.80
N VAL B 193 2.63 13.25 -1.99
CA VAL B 193 2.87 12.43 -3.17
C VAL B 193 4.20 11.68 -3.03
N THR B 194 5.21 12.36 -2.50
CA THR B 194 6.50 11.71 -2.31
C THR B 194 6.41 10.60 -1.25
N LEU B 195 5.66 10.85 -0.17
CA LEU B 195 5.47 9.81 0.84
C LEU B 195 4.75 8.61 0.25
N GLY B 196 3.70 8.84 -0.53
CA GLY B 196 3.02 7.74 -1.19
C GLY B 196 3.90 6.97 -2.15
N ARG B 197 4.73 7.67 -2.92
CA ARG B 197 5.66 7.02 -3.83
C ARG B 197 6.67 6.16 -3.09
N VAL B 198 7.29 6.71 -2.04
CA VAL B 198 8.24 5.94 -1.24
C VAL B 198 7.57 4.74 -0.60
N PHE B 199 6.36 4.91 -0.08
CA PHE B 199 5.62 3.79 0.48
C PHE B 199 5.40 2.69 -0.54
N GLY B 200 4.84 3.03 -1.70
CA GLY B 200 4.58 2.03 -2.71
C GLY B 200 5.84 1.32 -3.16
N SER B 201 6.89 2.08 -3.47
CA SER B 201 8.16 1.46 -3.84
C SER B 201 8.66 0.51 -2.78
N HIS B 202 8.92 1.03 -1.57
CA HIS B 202 9.42 0.20 -0.48
C HIS B 202 8.58 -1.04 -0.24
N VAL B 203 7.26 -0.94 -0.38
CA VAL B 203 6.40 -2.03 0.04
C VAL B 203 6.24 -3.09 -1.04
N LEU B 204 6.31 -2.72 -2.32
CA LEU B 204 6.09 -3.76 -3.32
C LEU B 204 7.10 -3.80 -4.45
N ILE B 205 7.76 -2.70 -4.82
CA ILE B 205 8.66 -2.73 -5.95
C ILE B 205 10.01 -3.30 -5.55
N TYR B 206 10.48 -2.96 -4.36
CA TYR B 206 11.78 -3.42 -3.88
C TYR B 206 11.72 -4.87 -3.40
N PRO B 207 10.71 -5.32 -2.64
CA PRO B 207 10.64 -6.73 -2.27
C PRO B 207 10.46 -7.69 -3.43
N LEU B 208 9.81 -7.28 -4.52
CA LEU B 208 9.72 -8.14 -5.70
C LEU B 208 11.07 -8.38 -6.36
N ILE B 209 11.83 -7.30 -6.61
CA ILE B 209 13.18 -7.45 -7.15
C ILE B 209 14.17 -7.93 -6.10
N LEU B 210 13.74 -8.05 -4.84
CA LEU B 210 14.48 -8.81 -3.85
C LEU B 210 14.24 -10.29 -3.96
N LEU B 211 12.97 -10.70 -4.12
CA LEU B 211 12.67 -12.12 -4.33
C LEU B 211 13.32 -12.63 -5.61
N ALA B 212 13.21 -11.88 -6.70
CA ALA B 212 13.83 -12.29 -7.96
C ALA B 212 15.33 -12.46 -7.81
N LEU B 213 16.01 -11.47 -7.24
CA LEU B 213 17.46 -11.53 -7.08
C LEU B 213 17.90 -12.59 -6.08
N VAL B 214 17.13 -12.82 -5.02
CA VAL B 214 17.46 -13.89 -4.08
C VAL B 214 17.32 -15.25 -4.76
N GLY B 215 16.30 -15.41 -5.60
CA GLY B 215 16.18 -16.65 -6.35
C GLY B 215 17.32 -16.88 -7.30
N ILE B 216 17.70 -15.85 -8.07
CA ILE B 216 18.85 -15.96 -8.96
C ILE B 216 20.11 -16.28 -8.16
N HIS B 217 20.27 -15.66 -6.99
CA HIS B 217 21.43 -15.89 -6.15
C HIS B 217 21.47 -17.32 -5.64
N LEU B 218 20.34 -17.83 -5.16
CA LEU B 218 20.29 -19.20 -4.67
C LEU B 218 20.52 -20.21 -5.78
N TYR B 219 20.08 -19.92 -7.01
CA TYR B 219 20.38 -20.82 -8.11
C TYR B 219 21.85 -20.78 -8.47
N LEU B 220 22.45 -19.59 -8.47
CA LEU B 220 23.86 -19.44 -8.79
C LEU B 220 24.78 -20.02 -7.74
N VAL B 221 24.31 -20.12 -6.49
CA VAL B 221 25.10 -20.80 -5.46
C VAL B 221 25.15 -22.29 -5.74
N ARG B 222 24.02 -22.89 -6.12
CA ARG B 222 24.01 -24.31 -6.45
C ARG B 222 24.78 -24.59 -7.73
N ALA B 223 24.65 -23.72 -8.72
CA ALA B 223 25.35 -23.91 -9.99
C ALA B 223 26.86 -23.92 -9.82
N ALA B 224 27.36 -23.17 -8.84
CA ALA B 224 28.79 -23.12 -8.59
C ALA B 224 29.22 -23.98 -7.41
N GLY B 225 28.29 -24.45 -6.60
CA GLY B 225 28.61 -25.30 -5.47
C GLY B 225 29.14 -24.54 -4.28
N ILE B 226 28.88 -25.06 -3.08
CA ILE B 226 29.35 -24.44 -1.85
C ILE B 226 30.86 -24.57 -1.78
N SER B 227 31.55 -23.45 -1.55
CA SER B 227 33.00 -23.47 -1.40
C SER B 227 33.36 -23.97 -0.01
N ASN B 228 34.14 -25.04 0.06
CA ASN B 228 34.53 -25.54 1.37
C ASN B 228 35.58 -24.63 1.99
N PRO B 229 35.54 -24.47 3.32
CA PRO B 229 36.41 -23.48 3.97
C PRO B 229 37.90 -23.81 3.93
N GLU B 230 38.27 -25.03 3.53
CA GLU B 230 39.69 -25.39 3.55
C GLU B 230 40.47 -24.65 2.47
N GLY B 231 40.03 -24.76 1.22
CA GLY B 231 40.64 -24.04 0.12
C GLY B 231 40.98 -24.85 -1.10
N ILE B 232 41.00 -26.18 -1.02
CA ILE B 232 41.27 -26.99 -2.20
C ILE B 232 40.14 -26.91 -3.23
N GLU B 233 38.94 -26.50 -2.81
CA GLU B 233 37.81 -26.14 -3.64
C GLU B 233 37.14 -27.35 -4.31
N TYR B 234 37.83 -28.49 -4.33
CA TYR B 234 37.27 -29.81 -4.63
C TYR B 234 38.36 -30.87 -4.64
N ASP B 235 37.98 -32.14 -4.62
CA ASP B 235 38.82 -33.24 -5.07
C ASP B 235 37.90 -34.17 -5.84
N LYS B 236 37.78 -33.92 -7.15
CA LYS B 236 36.73 -34.56 -7.94
C LYS B 236 37.06 -36.01 -8.25
N LYS B 237 36.01 -36.83 -8.28
CA LYS B 237 36.03 -38.27 -8.56
C LYS B 237 36.72 -39.08 -7.48
N LYS B 238 37.21 -38.45 -6.42
CA LYS B 238 37.88 -39.13 -5.32
C LYS B 238 37.53 -38.41 -4.01
N ASN B 239 38.24 -38.79 -2.96
CA ASN B 239 38.19 -38.22 -1.62
C ASN B 239 36.79 -38.38 -1.03
N PRO B 240 36.37 -39.60 -0.73
CA PRO B 240 35.07 -39.82 -0.11
C PRO B 240 35.15 -39.64 1.40
N ASP B 241 34.06 -39.97 2.07
CA ASP B 241 33.97 -39.95 3.52
C ASP B 241 34.19 -38.56 4.11
N LYS B 242 34.14 -37.52 3.28
CA LYS B 242 34.18 -36.15 3.74
C LYS B 242 33.05 -35.31 3.18
N PHE B 243 31.94 -35.93 2.79
CA PHE B 243 30.80 -35.19 2.28
C PHE B 243 29.55 -35.38 3.12
N VAL B 244 29.20 -36.62 3.48
CA VAL B 244 28.08 -36.93 4.39
C VAL B 244 26.85 -36.12 3.99
N PRO B 245 26.13 -36.54 2.95
CA PRO B 245 25.26 -35.63 2.18
C PRO B 245 24.22 -34.84 2.96
N PHE B 246 23.59 -33.91 2.25
CA PHE B 246 22.83 -32.81 2.84
C PHE B 246 21.91 -33.27 3.96
N HIS B 247 21.08 -34.28 3.71
CA HIS B 247 20.19 -34.74 4.77
C HIS B 247 20.70 -36.05 5.33
N PRO B 248 20.71 -36.23 6.66
CA PRO B 248 20.28 -35.27 7.68
C PRO B 248 21.42 -34.52 8.34
N TYR B 249 22.61 -34.56 7.74
CA TYR B 249 23.77 -33.94 8.37
C TYR B 249 23.62 -32.43 8.47
N MET B 250 23.28 -31.77 7.36
CA MET B 250 23.19 -30.31 7.34
C MET B 250 21.78 -29.78 7.56
N THR B 251 20.75 -30.49 7.07
CA THR B 251 19.38 -30.01 7.16
C THR B 251 18.89 -29.87 8.59
N LEU B 252 19.47 -30.62 9.53
CA LEU B 252 19.07 -30.52 10.93
C LEU B 252 20.02 -29.68 11.76
N LYS B 253 21.23 -29.41 11.26
CA LYS B 253 22.10 -28.43 11.89
C LYS B 253 21.60 -27.03 11.61
N GLU B 254 21.28 -26.73 10.35
CA GLU B 254 20.64 -25.48 10.00
C GLU B 254 19.29 -25.31 10.67
N GLY B 255 18.52 -26.40 10.81
CA GLY B 255 17.21 -26.31 11.43
C GLY B 255 17.26 -26.01 12.91
N ALA B 256 18.38 -26.33 13.56
CA ALA B 256 18.56 -25.96 14.96
C ALA B 256 19.13 -24.56 15.11
N TYR B 257 20.07 -24.19 14.24
CA TYR B 257 20.57 -22.82 14.24
C TYR B 257 19.47 -21.82 13.93
N VAL B 258 18.53 -22.16 13.05
CA VAL B 258 17.43 -21.26 12.74
C VAL B 258 16.54 -21.04 13.95
N MET B 259 16.23 -22.11 14.69
CA MET B 259 15.41 -21.97 15.89
C MET B 259 16.10 -21.18 16.99
N TRP B 260 17.40 -21.41 17.19
CA TRP B 260 18.11 -20.62 18.18
C TRP B 260 18.24 -19.15 17.77
N TYR B 261 18.43 -18.90 16.47
CA TYR B 261 18.44 -17.53 15.98
C TYR B 261 17.09 -16.86 16.14
N LEU B 262 16.01 -17.60 15.93
CA LEU B 262 14.68 -17.06 16.18
C LEU B 262 14.40 -16.81 17.65
N ALA B 263 14.98 -17.60 18.55
CA ALA B 263 14.93 -17.27 19.97
C ALA B 263 15.65 -15.97 20.28
N VAL B 264 16.87 -15.81 19.77
CA VAL B 264 17.58 -14.54 19.96
C VAL B 264 16.81 -13.39 19.33
N PHE B 265 16.06 -13.66 18.27
CA PHE B 265 15.28 -12.63 17.58
C PHE B 265 14.08 -12.20 18.42
N PHE B 266 13.28 -13.17 18.86
CA PHE B 266 12.12 -12.85 19.69
C PHE B 266 12.49 -12.43 21.10
N PHE B 267 13.77 -12.51 21.48
CA PHE B 267 14.18 -11.78 22.66
C PHE B 267 14.10 -10.27 22.42
N PHE B 268 14.77 -9.77 21.38
CA PHE B 268 14.69 -8.37 21.03
C PHE B 268 13.27 -7.93 20.71
N VAL B 269 12.48 -8.79 20.07
CA VAL B 269 11.12 -8.41 19.71
C VAL B 269 10.30 -8.06 20.94
N PHE B 270 10.46 -8.84 22.02
CA PHE B 270 9.59 -8.70 23.18
C PHE B 270 10.19 -7.84 24.28
N PHE B 271 11.48 -8.00 24.58
CA PHE B 271 12.04 -7.47 25.81
C PHE B 271 13.00 -6.29 25.63
N HIS B 272 13.56 -6.08 24.45
CA HIS B 272 14.46 -4.94 24.26
C HIS B 272 14.27 -4.43 22.83
N ILE B 273 13.46 -3.39 22.69
CA ILE B 273 13.21 -2.80 21.38
C ILE B 273 13.33 -1.29 21.48
N SER B 274 13.81 -0.80 22.62
CA SER B 274 14.00 0.63 22.81
C SER B 274 15.09 1.21 21.94
N HIS B 275 15.71 0.41 21.07
CA HIS B 275 16.69 0.91 20.12
C HIS B 275 16.33 0.62 18.67
N PHE B 276 15.36 -0.25 18.42
CA PHE B 276 14.84 -0.48 17.08
C PHE B 276 13.64 0.39 16.77
N LEU B 277 12.80 0.66 17.77
CA LEU B 277 11.84 1.75 17.71
C LEU B 277 12.35 2.84 18.64
N PRO B 278 13.23 3.72 18.15
CA PRO B 278 13.84 4.71 19.04
C PRO B 278 12.78 5.59 19.67
N PRO B 279 12.96 5.98 20.94
CA PRO B 279 11.88 6.71 21.62
C PRO B 279 11.65 8.08 21.05
N GLU B 280 12.70 8.82 20.68
CA GLU B 280 12.53 10.15 20.11
C GLU B 280 12.12 10.11 18.64
N ASN B 281 11.79 8.93 18.12
CA ASN B 281 11.09 8.79 16.85
C ASN B 281 9.59 8.71 17.02
N PHE B 282 9.11 8.61 18.26
CA PHE B 282 7.69 8.60 18.57
C PHE B 282 7.12 9.99 18.67
N GLU B 283 7.77 10.99 18.07
CA GLU B 283 7.27 12.34 17.99
C GLU B 283 6.93 12.65 16.54
N PRO B 284 5.75 13.20 16.27
CA PRO B 284 5.36 13.44 14.87
C PRO B 284 6.27 14.45 14.21
N ALA B 285 6.67 14.13 12.98
CA ALA B 285 7.66 14.93 12.27
C ALA B 285 7.09 16.28 11.88
N ASN B 286 7.82 17.35 12.19
CA ASN B 286 7.52 18.64 11.63
C ASN B 286 8.71 19.16 10.84
N PRO B 287 8.49 19.68 9.63
CA PRO B 287 9.61 20.10 8.78
C PRO B 287 10.28 21.40 9.21
N LEU B 288 9.98 21.91 10.40
CA LEU B 288 10.56 23.17 10.86
C LEU B 288 11.56 23.03 11.99
N LYS B 289 11.50 21.93 12.76
CA LYS B 289 12.40 21.73 13.89
C LYS B 289 13.29 20.53 13.60
N THR B 290 14.61 20.77 13.62
CA THR B 290 15.57 19.71 13.34
C THR B 290 16.09 19.12 14.64
N PRO B 291 16.09 17.79 14.79
CA PRO B 291 16.66 17.18 15.99
C PRO B 291 18.16 17.42 16.05
N ALA B 292 18.72 17.16 17.24
CA ALA B 292 20.13 17.44 17.48
C ALA B 292 21.03 16.49 16.71
N HIS B 293 20.94 15.19 17.00
CA HIS B 293 21.82 14.18 16.43
C HIS B 293 21.01 13.37 15.42
N ILE B 294 21.25 13.62 14.13
CA ILE B 294 20.38 13.11 13.09
C ILE B 294 21.16 12.27 12.07
N ALA B 295 22.19 11.58 12.55
CA ALA B 295 22.93 10.67 11.68
C ALA B 295 22.00 9.60 11.10
N PRO B 296 22.33 9.04 9.93
CA PRO B 296 21.47 8.01 9.34
C PRO B 296 21.47 6.71 10.12
N GLU B 297 20.76 5.70 9.61
CA GLU B 297 20.65 4.43 10.30
C GLU B 297 22.00 3.73 10.39
N TRP B 298 22.09 2.75 11.28
CA TRP B 298 23.38 2.15 11.64
C TRP B 298 24.03 1.42 10.47
N TYR B 299 23.25 0.89 9.53
CA TYR B 299 23.83 0.15 8.42
C TYR B 299 24.47 1.07 7.38
N LEU B 300 24.29 2.38 7.49
CA LEU B 300 24.89 3.35 6.59
C LEU B 300 25.92 4.23 7.27
N LEU B 301 26.17 4.02 8.56
CA LEU B 301 27.10 4.86 9.30
C LEU B 301 28.56 4.61 8.94
N GLY B 302 28.90 3.39 8.55
CA GLY B 302 30.26 3.14 8.09
C GLY B 302 30.62 3.93 6.86
N TYR B 303 29.63 4.26 6.03
CA TYR B 303 29.84 5.13 4.88
C TYR B 303 29.66 6.59 5.25
N TYR B 304 28.71 6.91 6.12
CA TYR B 304 28.53 8.28 6.57
C TYR B 304 29.73 8.81 7.34
N GLU B 305 30.56 7.93 7.91
CA GLU B 305 31.78 8.38 8.57
C GLU B 305 32.91 8.64 7.58
N VAL B 306 32.98 7.88 6.48
CA VAL B 306 33.88 8.27 5.39
C VAL B 306 33.41 9.57 4.78
N PHE B 307 32.10 9.73 4.63
CA PHE B 307 31.52 11.04 4.33
C PHE B 307 31.70 11.97 5.53
N ARG B 308 31.56 13.26 5.27
CA ARG B 308 31.58 14.33 6.29
C ARG B 308 32.80 14.25 7.21
N SER B 309 33.82 13.48 6.84
CA SER B 309 35.11 13.49 7.51
C SER B 309 36.20 14.07 6.63
N ILE B 310 36.22 13.72 5.35
CA ILE B 310 37.03 14.46 4.38
C ILE B 310 36.51 15.89 4.30
N PRO B 311 37.37 16.91 4.34
CA PRO B 311 36.86 18.29 4.34
C PRO B 311 36.02 18.63 3.12
N SER B 312 36.36 18.11 1.95
CA SER B 312 35.56 18.35 0.77
C SER B 312 34.31 17.46 0.78
N LYS B 313 33.18 18.04 0.39
CA LYS B 313 31.95 17.27 0.32
C LYS B 313 31.86 16.46 -0.96
N PHE B 314 32.31 17.02 -2.09
CA PHE B 314 32.30 16.27 -3.33
C PHE B 314 33.23 15.08 -3.26
N TRP B 315 34.46 15.29 -2.77
CA TRP B 315 35.38 14.18 -2.60
C TRP B 315 34.91 13.19 -1.54
N GLY B 316 34.20 13.64 -0.53
CA GLY B 316 33.61 12.75 0.45
C GLY B 316 32.55 11.86 -0.17
N PHE B 317 31.72 12.43 -1.05
CA PHE B 317 30.74 11.62 -1.77
C PHE B 317 31.40 10.67 -2.75
N VAL B 318 32.50 11.09 -3.38
CA VAL B 318 33.23 10.21 -4.29
C VAL B 318 33.83 9.04 -3.52
N ALA B 319 34.35 9.30 -2.32
CA ALA B 319 34.83 8.21 -1.48
C ALA B 319 33.70 7.30 -1.01
N PHE B 320 32.56 7.88 -0.63
CA PHE B 320 31.36 7.09 -0.33
C PHE B 320 31.04 6.12 -1.47
N ASN B 321 31.03 6.62 -2.71
CA ASN B 321 30.70 5.76 -3.84
C ASN B 321 31.80 4.77 -4.19
N ALA B 322 33.07 5.14 -4.01
CA ALA B 322 34.16 4.21 -4.29
C ALA B 322 34.19 3.07 -3.28
N LEU B 323 33.87 3.36 -2.01
CA LEU B 323 33.84 2.30 -1.01
C LEU B 323 32.74 1.29 -1.30
N LEU B 324 31.70 1.70 -2.02
CA LEU B 324 30.62 0.80 -2.38
C LEU B 324 30.85 0.12 -3.72
N LEU B 325 31.58 0.78 -4.64
CA LEU B 325 31.91 0.19 -5.92
C LEU B 325 33.07 -0.80 -5.81
N LEU B 326 33.91 -0.67 -4.79
CA LEU B 326 35.02 -1.60 -4.59
C LEU B 326 34.57 -2.94 -4.05
N LEU B 327 33.27 -3.19 -3.96
CA LEU B 327 32.74 -4.51 -3.66
C LEU B 327 32.25 -5.25 -4.90
N LEU B 328 31.78 -4.52 -5.91
CA LEU B 328 31.50 -5.14 -7.20
C LEU B 328 32.76 -5.67 -7.84
N LEU B 329 33.81 -4.85 -7.88
CA LEU B 329 35.07 -5.23 -8.49
C LEU B 329 35.88 -6.20 -7.63
N LEU B 330 35.46 -6.45 -6.39
CA LEU B 330 36.24 -7.26 -5.48
C LEU B 330 36.53 -8.68 -6.00
N PRO B 331 35.63 -9.36 -6.74
CA PRO B 331 36.06 -10.61 -7.38
C PRO B 331 37.09 -10.37 -8.48
N PHE B 332 36.90 -9.33 -9.29
CA PHE B 332 37.86 -8.97 -10.32
C PHE B 332 39.11 -8.33 -9.76
N LEU B 333 39.08 -7.86 -8.52
CA LEU B 333 40.21 -7.18 -7.90
C LEU B 333 41.23 -8.16 -7.33
N ASP B 334 40.76 -9.21 -6.66
CA ASP B 334 41.62 -10.24 -6.11
C ASP B 334 41.65 -11.42 -7.06
N PHE B 335 42.84 -11.77 -7.54
CA PHE B 335 43.02 -12.87 -8.48
C PHE B 335 44.19 -13.72 -8.02
N SER B 336 43.92 -14.95 -7.60
CA SER B 336 44.97 -15.84 -7.12
C SER B 336 44.48 -17.27 -7.23
N PRO B 337 45.39 -18.25 -7.36
CA PRO B 337 44.97 -19.65 -7.32
C PRO B 337 44.49 -20.07 -5.93
N LEU B 338 45.03 -19.46 -4.87
CA LEU B 338 44.60 -19.78 -3.52
C LEU B 338 43.24 -19.15 -3.23
N LYS B 339 42.45 -19.84 -2.40
CA LYS B 339 41.08 -19.42 -2.15
C LYS B 339 40.83 -18.96 -0.72
N SER B 340 41.07 -19.82 0.27
CA SER B 340 40.52 -19.56 1.59
C SER B 340 41.38 -18.59 2.37
N ALA B 341 40.94 -18.28 3.59
CA ALA B 341 41.73 -17.49 4.53
C ALA B 341 42.50 -18.37 5.50
N ARG B 342 42.17 -19.66 5.57
CA ARG B 342 43.03 -20.62 6.25
C ARG B 342 44.24 -20.97 5.40
N ARG B 343 44.26 -20.55 4.14
CA ARG B 343 45.34 -20.87 3.22
C ARG B 343 46.16 -19.66 2.82
N ARG B 344 45.72 -18.45 3.17
CA ARG B 344 46.44 -17.22 2.86
C ARG B 344 46.78 -16.50 4.15
N PRO B 345 48.00 -16.63 4.67
CA PRO B 345 48.35 -15.96 5.93
C PRO B 345 48.49 -14.45 5.80
N LEU B 346 48.62 -13.91 4.59
CA LEU B 346 48.68 -12.48 4.39
C LEU B 346 47.32 -11.85 4.15
N PHE B 347 46.34 -12.63 3.68
CA PHE B 347 44.99 -12.12 3.52
C PHE B 347 44.25 -12.06 4.84
N PHE B 348 44.62 -12.92 5.80
CA PHE B 348 43.95 -12.91 7.10
C PHE B 348 44.17 -11.60 7.84
N VAL B 349 45.41 -11.09 7.82
CA VAL B 349 45.68 -9.84 8.54
C VAL B 349 45.01 -8.66 7.86
N MET B 350 44.95 -8.64 6.53
CA MET B 350 44.22 -7.57 5.86
C MET B 350 42.72 -7.66 6.11
N PHE B 351 42.17 -8.88 6.19
CA PHE B 351 40.75 -9.01 6.49
C PHE B 351 40.43 -8.58 7.92
N VAL B 352 41.33 -8.88 8.87
CA VAL B 352 41.06 -8.46 10.24
C VAL B 352 41.19 -6.94 10.36
N ILE B 353 42.14 -6.34 9.64
CA ILE B 353 42.22 -4.87 9.59
C ILE B 353 40.93 -4.30 9.01
N PHE B 354 40.45 -4.87 7.90
CA PHE B 354 39.22 -4.41 7.28
C PHE B 354 38.03 -4.53 8.22
N MET B 355 37.87 -5.67 8.89
CA MET B 355 36.74 -5.87 9.79
C MET B 355 36.78 -4.91 10.97
N ILE B 356 37.94 -4.76 11.61
CA ILE B 356 38.03 -3.89 12.77
C ILE B 356 37.80 -2.44 12.37
N SER B 357 38.45 -1.99 11.31
CA SER B 357 38.33 -0.61 10.86
C SER B 357 37.02 -0.32 10.15
N SER B 358 36.22 -1.34 9.85
CA SER B 358 34.86 -1.14 9.35
C SER B 358 33.83 -1.16 10.47
N MET B 359 34.08 -1.90 11.54
CA MET B 359 33.25 -1.77 12.73
C MET B 359 33.45 -0.41 13.38
N ALA B 360 34.72 0.03 13.46
CA ALA B 360 35.04 1.32 14.07
C ALA B 360 34.41 2.48 13.32
N LEU B 361 34.26 2.39 12.01
CA LEU B 361 33.59 3.44 11.25
C LEU B 361 32.10 3.55 11.60
N THR B 362 31.39 2.42 11.65
CA THR B 362 29.99 2.45 12.06
C THR B 362 29.83 2.91 13.49
N ILE B 363 30.82 2.65 14.35
CA ILE B 363 30.70 3.09 15.74
C ILE B 363 31.00 4.58 15.86
N LEU B 364 31.94 5.09 15.05
CA LEU B 364 32.21 6.51 15.03
C LEU B 364 31.10 7.31 14.38
N GLY B 365 30.32 6.68 13.49
CA GLY B 365 29.22 7.37 12.85
C GLY B 365 28.09 7.77 13.78
N THR B 366 28.07 7.22 15.00
CA THR B 366 27.03 7.58 15.96
C THR B 366 27.39 8.80 16.79
N MET B 367 28.67 8.99 17.09
CA MET B 367 29.10 10.10 17.92
C MET B 367 28.96 11.42 17.16
N PRO B 368 28.84 12.55 17.88
CA PRO B 368 28.70 13.83 17.19
C PRO B 368 29.97 14.20 16.46
N PRO B 369 29.87 15.02 15.42
CA PRO B 369 31.04 15.31 14.55
C PRO B 369 32.02 16.34 15.14
N THR B 370 32.88 15.85 16.02
CA THR B 370 33.97 16.66 16.53
C THR B 370 35.20 16.51 15.63
N PRO B 371 36.13 17.47 15.68
CA PRO B 371 37.36 17.32 14.86
C PRO B 371 38.16 16.08 15.21
N GLN B 372 38.21 15.67 16.49
CA GLN B 372 38.84 14.41 16.83
C GLN B 372 38.08 13.23 16.24
N ASN B 373 36.75 13.28 16.25
CA ASN B 373 35.96 12.24 15.61
C ASN B 373 36.24 12.18 14.11
N ALA B 374 36.40 13.33 13.47
CA ALA B 374 36.75 13.34 12.06
C ALA B 374 38.13 12.76 11.80
N LYS B 375 39.12 13.11 12.63
CA LYS B 375 40.44 12.54 12.48
C LYS B 375 40.41 11.02 12.64
N LEU B 376 39.64 10.53 13.60
CA LEU B 376 39.55 9.08 13.80
C LEU B 376 38.84 8.39 12.63
N GLY B 377 37.73 8.96 12.17
CA GLY B 377 37.03 8.41 11.03
C GLY B 377 37.81 8.46 9.73
N LEU B 378 38.76 9.39 9.61
CA LEU B 378 39.67 9.41 8.47
C LEU B 378 40.79 8.39 8.62
N ILE B 379 41.34 8.24 9.83
CA ILE B 379 42.35 7.21 10.08
C ILE B 379 41.78 5.83 9.77
N PHE B 380 40.52 5.60 10.14
CA PHE B 380 39.91 4.29 9.88
C PHE B 380 39.48 4.14 8.44
N ALA B 381 39.07 5.23 7.78
CA ALA B 381 38.78 5.17 6.36
C ALA B 381 40.01 4.81 5.54
N ALA B 382 41.19 5.32 5.93
CA ALA B 382 42.43 4.90 5.30
C ALA B 382 42.67 3.40 5.42
N LEU B 383 42.44 2.81 6.59
CA LEU B 383 42.58 1.38 6.77
C LEU B 383 41.53 0.58 6.00
N VAL B 384 40.33 1.12 5.84
CA VAL B 384 39.32 0.43 5.04
C VAL B 384 39.73 0.41 3.57
N PHE B 385 40.21 1.55 3.06
CA PHE B 385 40.67 1.59 1.67
C PHE B 385 41.94 0.78 1.45
N ALA B 386 42.77 0.62 2.49
CA ALA B 386 43.97 -0.20 2.36
C ALA B 386 43.63 -1.65 2.01
N PHE B 387 42.54 -2.18 2.56
CA PHE B 387 42.17 -3.56 2.26
C PHE B 387 41.85 -3.75 0.77
N PHE B 388 41.36 -2.70 0.11
CA PHE B 388 41.04 -2.81 -1.30
C PHE B 388 42.22 -2.47 -2.20
N ILE B 389 43.09 -1.53 -1.80
CA ILE B 389 44.25 -1.20 -2.61
C ILE B 389 45.43 -2.12 -2.32
N SER B 390 45.24 -3.18 -1.54
CA SER B 390 46.29 -4.15 -1.28
C SER B 390 45.93 -5.56 -1.73
N LEU B 391 44.67 -5.81 -2.09
CA LEU B 391 44.27 -7.12 -2.61
C LEU B 391 45.03 -7.46 -3.88
N PRO B 392 45.17 -6.55 -4.86
CA PRO B 392 46.02 -6.87 -6.02
C PRO B 392 47.48 -7.06 -5.67
N ILE B 393 47.99 -6.42 -4.63
CA ILE B 393 49.38 -6.61 -4.24
C ILE B 393 49.62 -8.01 -3.70
N ILE B 394 48.77 -8.44 -2.76
CA ILE B 394 48.86 -9.80 -2.24
C ILE B 394 48.61 -10.81 -3.35
N SER B 395 47.72 -10.48 -4.29
CA SER B 395 47.46 -11.33 -5.44
C SER B 395 48.71 -11.50 -6.31
N PHE B 396 49.41 -10.40 -6.59
CA PHE B 396 50.62 -10.46 -7.38
C PHE B 396 51.74 -11.19 -6.65
N ILE B 397 51.78 -11.06 -5.32
CA ILE B 397 52.80 -11.76 -4.55
C ILE B 397 52.55 -13.26 -4.54
N GLU B 398 51.30 -13.67 -4.32
CA GLU B 398 50.98 -15.09 -4.26
C GLU B 398 51.05 -15.77 -5.62
N TYR B 399 50.92 -15.02 -6.71
CA TYR B 399 51.06 -15.62 -8.03
C TYR B 399 52.48 -16.14 -8.26
N GLY B 400 53.48 -15.44 -7.71
CA GLY B 400 54.84 -15.93 -7.71
C GLY B 400 55.17 -16.88 -6.59
N TRP B 401 54.20 -17.17 -5.73
CA TRP B 401 54.36 -18.09 -4.61
C TRP B 401 55.51 -17.69 -3.70
N THR C 3 43.39 -24.49 20.87
CA THR C 3 43.94 -24.49 19.52
C THR C 3 43.81 -23.13 18.87
N TRP C 4 44.50 -22.95 17.74
CA TRP C 4 44.45 -21.67 17.03
C TRP C 4 43.05 -21.37 16.52
N GLY C 5 42.31 -22.40 16.09
CA GLY C 5 40.91 -22.23 15.74
C GLY C 5 40.08 -21.67 16.87
N LEU C 6 40.39 -22.04 18.12
CA LEU C 6 39.69 -21.46 19.26
C LEU C 6 39.98 -19.97 19.41
N ILE C 7 41.23 -19.55 19.19
CA ILE C 7 41.53 -18.12 19.23
C ILE C 7 40.76 -17.40 18.13
N LYS C 8 40.76 -17.96 16.92
CA LYS C 8 39.93 -17.39 15.85
C LYS C 8 38.47 -17.27 16.26
N THR C 9 37.94 -18.29 16.93
CA THR C 9 36.53 -18.28 17.30
C THR C 9 36.23 -17.19 18.32
N ILE C 10 36.93 -17.19 19.46
CA ILE C 10 36.66 -16.19 20.49
C ILE C 10 37.19 -14.81 20.13
N PHE C 11 37.83 -14.64 18.99
CA PHE C 11 38.05 -13.30 18.47
C PHE C 11 36.96 -12.85 17.50
N PHE C 12 36.67 -13.65 16.48
CA PHE C 12 35.69 -13.25 15.48
C PHE C 12 34.28 -13.22 16.05
N ALA C 13 34.04 -13.90 17.18
CA ALA C 13 32.76 -13.79 17.85
C ALA C 13 32.76 -12.71 18.93
N GLY C 14 33.86 -12.58 19.69
CA GLY C 14 33.94 -11.52 20.67
C GLY C 14 33.85 -10.13 20.08
N SER C 15 34.54 -9.89 18.97
CA SER C 15 34.46 -8.58 18.33
C SER C 15 33.06 -8.28 17.84
N THR C 16 32.39 -9.25 17.23
CA THR C 16 31.03 -9.03 16.76
C THR C 16 30.05 -8.80 17.90
N LEU C 17 30.20 -9.55 19.00
CA LEU C 17 29.33 -9.36 20.15
C LEU C 17 29.53 -7.99 20.79
N VAL C 18 30.79 -7.59 21.02
CA VAL C 18 31.03 -6.26 21.60
C VAL C 18 30.75 -5.13 20.61
N PHE C 19 30.64 -5.45 19.32
CA PHE C 19 30.20 -4.45 18.35
C PHE C 19 28.69 -4.24 18.45
N PHE C 20 27.93 -5.32 18.31
CA PHE C 20 26.48 -5.21 18.40
C PHE C 20 25.99 -4.80 19.78
N PHE C 21 26.77 -5.04 20.84
CA PHE C 21 26.40 -4.58 22.16
C PHE C 21 26.30 -3.07 22.18
N LEU C 22 27.43 -2.39 21.98
CA LEU C 22 27.47 -0.94 22.02
C LEU C 22 26.95 -0.31 20.72
N LEU C 23 26.43 -1.10 19.80
CA LEU C 23 25.66 -0.56 18.69
C LEU C 23 24.16 -0.64 18.90
N TRP C 24 23.67 -1.60 19.69
CA TRP C 24 22.24 -1.78 19.87
C TRP C 24 21.72 -1.49 21.26
N PHE C 25 22.59 -1.41 22.28
CA PHE C 25 22.14 -0.98 23.60
C PHE C 25 23.32 -0.53 24.43
N TYR C 26 23.20 0.67 25.01
CA TYR C 26 24.24 1.32 25.81
C TYR C 26 25.51 1.53 24.99
N ASN C 27 25.40 2.39 24.01
CA ASN C 27 26.59 2.97 23.38
C ASN C 27 27.22 3.94 24.37
N PRO C 28 28.33 3.61 25.02
CA PRO C 28 28.84 4.44 26.11
C PRO C 28 29.44 5.76 25.67
N PHE C 29 29.44 6.08 24.38
CA PHE C 29 30.08 7.29 23.88
C PHE C 29 29.09 8.34 23.44
N LYS C 30 27.80 8.13 23.65
CA LYS C 30 26.79 9.15 23.41
C LYS C 30 26.42 9.79 24.74
N HIS C 31 26.46 11.12 24.79
CA HIS C 31 26.33 11.88 26.04
C HIS C 31 24.95 12.51 26.18
N VAL C 32 23.89 11.81 25.77
CA VAL C 32 22.54 12.30 25.98
C VAL C 32 22.28 12.41 27.48
N GLU C 33 21.65 13.51 27.89
CA GLU C 33 21.42 13.76 29.30
C GLU C 33 20.24 12.94 29.81
N HIS C 34 20.15 12.86 31.14
CA HIS C 34 19.13 12.07 31.81
C HIS C 34 18.42 12.92 32.84
N TYR C 35 17.09 12.96 32.76
CA TYR C 35 16.25 13.57 33.77
C TYR C 35 15.51 12.48 34.53
N GLU C 36 15.32 12.68 35.82
CA GLU C 36 14.71 11.67 36.68
C GLU C 36 13.59 12.30 37.51
N VAL C 37 12.64 11.45 37.90
CA VAL C 37 11.55 11.89 38.77
C VAL C 37 12.12 12.34 40.11
N ASP C 38 11.47 13.33 40.73
CA ASP C 38 12.01 14.01 41.90
C ASP C 38 12.14 13.11 43.13
N GLU C 39 11.61 11.90 43.10
CA GLU C 39 11.73 10.93 44.19
C GLU C 39 10.86 11.37 45.38
N GLU C 40 10.27 12.56 45.28
CA GLU C 40 9.30 12.98 46.29
C GLU C 40 8.14 11.99 46.36
N VAL C 41 7.64 11.55 45.21
CA VAL C 41 6.60 10.53 45.19
C VAL C 41 7.09 9.28 44.45
N LYS C 42 7.31 9.38 43.14
CA LYS C 42 7.88 8.32 42.32
C LYS C 42 7.04 7.04 42.35
N ALA C 43 5.93 7.07 43.08
CA ALA C 43 4.97 5.98 43.09
C ALA C 43 3.65 6.36 42.44
N ILE C 44 3.40 7.66 42.30
CA ILE C 44 2.26 8.12 41.50
C ILE C 44 2.48 7.75 40.04
N ILE C 45 3.74 7.75 39.59
CA ILE C 45 4.06 7.50 38.19
C ILE C 45 4.34 6.02 37.89
N ASP C 46 4.80 5.25 38.88
CA ASP C 46 5.11 3.85 38.65
C ASP C 46 3.85 3.07 38.29
N ASN C 47 2.77 3.27 39.04
CA ASN C 47 1.51 2.55 38.82
C ASN C 47 0.39 3.58 38.68
N PRO C 48 0.17 4.12 37.47
CA PRO C 48 -0.94 5.06 37.29
C PRO C 48 -2.30 4.43 37.45
N TRP C 49 -2.42 3.11 37.34
CA TRP C 49 -3.69 2.42 37.53
C TRP C 49 -3.93 2.08 39.00
N LYS C 50 -3.05 2.49 39.89
CA LYS C 50 -3.23 2.20 41.31
C LYS C 50 -4.43 2.96 41.85
N LYS C 51 -5.36 2.23 42.47
CA LYS C 51 -6.54 2.84 43.05
C LYS C 51 -6.16 3.83 44.15
N THR C 52 -7.06 4.75 44.43
CA THR C 52 -6.91 5.73 45.51
C THR C 52 -8.25 5.86 46.20
N GLU C 53 -8.38 6.90 47.03
CA GLU C 53 -9.66 7.17 47.65
C GLU C 53 -10.65 7.71 46.62
N SER C 54 -11.91 7.82 47.05
CA SER C 54 -13.02 8.24 46.17
C SER C 54 -13.14 7.35 44.94
N GLY C 55 -12.69 6.09 45.06
CA GLY C 55 -12.83 5.11 44.02
C GLY C 55 -12.20 5.44 42.68
N LYS C 56 -11.34 6.44 42.63
CA LYS C 56 -10.72 6.88 41.38
C LYS C 56 -9.26 6.44 41.35
N THR C 57 -8.84 5.93 40.19
CA THR C 57 -7.43 5.62 39.99
C THR C 57 -6.65 6.90 39.71
N ILE C 58 -5.33 6.77 39.69
CA ILE C 58 -4.48 7.93 39.45
C ILE C 58 -4.56 8.39 38.00
N ALA C 59 -4.75 7.45 37.06
CA ALA C 59 -4.85 7.83 35.67
C ALA C 59 -6.09 8.67 35.40
N GLU C 60 -7.23 8.30 35.99
CA GLU C 60 -8.44 9.06 35.79
C GLU C 60 -8.35 10.45 36.40
N GLU C 61 -7.71 10.56 37.57
CA GLU C 61 -7.53 11.87 38.19
C GLU C 61 -6.57 12.76 37.41
N GLY C 62 -5.49 12.17 36.89
CA GLY C 62 -4.62 12.91 35.99
C GLY C 62 -5.32 13.36 34.72
N ARG C 63 -6.24 12.54 34.20
CA ARG C 63 -7.02 12.97 33.04
C ARG C 63 -7.84 14.21 33.35
N GLU C 64 -8.49 14.26 34.52
CA GLU C 64 -9.26 15.44 34.88
C GLU C 64 -8.37 16.65 35.13
N LEU C 65 -7.25 16.48 35.82
CA LEU C 65 -6.30 17.58 35.96
C LEU C 65 -5.82 18.10 34.62
N PHE C 66 -5.60 17.21 33.64
CA PHE C 66 -5.16 17.63 32.32
C PHE C 66 -6.24 18.37 31.57
N ILE C 67 -7.47 17.86 31.56
CA ILE C 67 -8.54 18.53 30.85
C ILE C 67 -8.93 19.83 31.52
N ALA C 68 -8.64 20.00 32.81
CA ALA C 68 -8.99 21.22 33.51
C ALA C 68 -7.91 22.30 33.42
N SER C 69 -6.64 21.92 33.56
CA SER C 69 -5.56 22.89 33.60
C SER C 69 -4.66 22.89 32.38
N CYS C 70 -4.75 21.88 31.52
CA CYS C 70 -3.87 21.77 30.36
C CYS C 70 -4.57 21.72 29.03
N SER C 71 -5.86 21.40 28.99
CA SER C 71 -6.61 21.34 27.75
C SER C 71 -6.95 22.72 27.21
N SER C 72 -6.47 23.78 27.84
CA SER C 72 -6.74 25.12 27.34
C SER C 72 -5.83 25.48 26.17
N CYS C 73 -4.70 24.80 26.05
CA CYS C 73 -3.78 25.03 24.95
C CYS C 73 -3.26 23.76 24.29
N HIS C 74 -3.29 22.62 24.97
CA HIS C 74 -2.80 21.36 24.41
C HIS C 74 -3.95 20.44 24.06
N SER C 75 -3.80 19.74 22.94
CA SER C 75 -4.84 18.85 22.41
C SER C 75 -4.30 17.44 22.40
N LEU C 76 -4.49 16.73 23.51
CA LEU C 76 -4.04 15.34 23.62
C LEU C 76 -5.05 14.45 22.91
N ARG C 77 -4.83 14.24 21.62
CA ARG C 77 -5.58 13.21 20.92
C ARG C 77 -5.07 11.84 21.36
N TYR C 78 -5.63 10.79 20.76
CA TYR C 78 -5.50 9.39 21.16
C TYR C 78 -6.27 9.16 22.45
N ASP C 79 -6.88 10.20 23.02
CA ASP C 79 -7.75 10.06 24.18
C ASP C 79 -8.96 10.99 24.10
N GLY C 80 -9.10 11.78 23.03
CA GLY C 80 -10.25 12.63 22.88
C GLY C 80 -10.18 13.96 23.58
N ILE C 81 -8.98 14.42 23.92
CA ILE C 81 -8.79 15.70 24.60
C ILE C 81 -8.36 16.73 23.56
N TYR C 82 -9.17 17.78 23.41
CA TYR C 82 -8.84 18.86 22.49
C TYR C 82 -8.87 20.19 23.23
N ILE C 83 -8.52 21.28 22.54
CA ILE C 83 -8.49 22.60 23.17
C ILE C 83 -9.87 22.95 23.70
N MET C 84 -9.91 23.61 24.86
CA MET C 84 -11.16 23.99 25.48
C MET C 84 -11.82 25.21 24.84
N SER C 85 -11.25 25.72 23.75
CA SER C 85 -11.79 26.90 23.07
C SER C 85 -11.98 26.54 21.59
N VAL C 86 -13.20 26.21 21.20
CA VAL C 86 -14.36 26.17 22.09
C VAL C 86 -14.36 24.83 22.83
N ALA C 87 -15.22 24.68 23.84
CA ALA C 87 -15.35 23.44 24.60
C ALA C 87 -16.63 22.73 24.15
N ALA C 88 -16.47 21.61 23.44
CA ALA C 88 -15.16 21.11 23.04
C ALA C 88 -14.82 21.60 21.64
N ASN C 89 -13.53 21.67 21.34
CA ASN C 89 -13.05 22.20 20.07
C ASN C 89 -13.49 21.36 18.87
N PRO C 90 -13.60 20.02 18.99
CA PRO C 90 -14.22 19.27 17.89
C PRO C 90 -15.73 19.44 17.88
N LYS C 91 -16.41 18.73 16.99
CA LYS C 91 -17.82 18.99 16.74
C LYS C 91 -18.69 18.55 17.91
N TRP C 92 -19.68 19.36 18.29
CA TRP C 92 -20.00 20.72 17.79
C TRP C 92 -20.15 20.90 16.26
N LYS C 93 -21.13 20.24 15.65
CA LYS C 93 -22.06 19.33 16.33
C LYS C 93 -21.63 17.86 16.25
N ASN C 94 -21.51 17.35 15.02
CA ASN C 94 -21.36 15.91 14.78
C ASN C 94 -19.89 15.53 14.70
N ILE C 95 -19.32 15.17 15.86
CA ILE C 95 -17.98 14.58 15.87
C ILE C 95 -18.02 13.11 15.46
N GLU C 96 -19.20 12.49 15.48
CA GLU C 96 -19.31 11.10 15.07
C GLU C 96 -19.23 10.95 13.56
N LYS C 97 -19.60 11.99 12.82
CA LYS C 97 -19.56 11.97 11.35
C LYS C 97 -18.21 12.46 10.85
N THR C 98 -17.15 11.95 11.45
CA THR C 98 -15.79 12.19 11.01
C THR C 98 -14.93 10.94 10.96
N SER C 99 -15.27 9.90 11.72
CA SER C 99 -14.40 8.76 11.98
C SER C 99 -13.01 9.22 12.40
N GLY C 100 -12.89 9.91 13.55
CA GLY C 100 -14.00 10.23 14.42
C GLY C 100 -14.47 9.08 15.29
N ARG C 101 -13.76 7.96 15.20
CA ARG C 101 -14.14 6.78 15.95
C ARG C 101 -13.90 7.00 17.44
N PRO C 102 -14.60 6.27 18.30
CA PRO C 102 -14.32 6.37 19.74
C PRO C 102 -12.94 5.79 20.04
N VAL C 103 -12.28 6.39 21.03
CA VAL C 103 -10.92 6.01 21.37
C VAL C 103 -10.93 4.57 21.86
N TYR C 104 -10.40 3.67 21.05
CA TYR C 104 -10.31 2.25 21.38
C TYR C 104 -8.83 1.90 21.49
N ARG C 105 -8.27 2.11 22.67
CA ARG C 105 -6.89 1.74 22.92
C ARG C 105 -6.84 0.28 23.37
N PHE C 106 -5.70 -0.13 23.90
CA PHE C 106 -5.48 -1.47 24.42
C PHE C 106 -6.13 -1.63 25.80
N GLY C 107 -7.11 -2.52 25.91
CA GLY C 107 -7.74 -3.17 24.77
C GLY C 107 -9.22 -2.87 24.90
N THR C 108 -9.52 -1.73 25.54
CA THR C 108 -10.87 -1.34 25.92
C THR C 108 -11.21 0.00 25.31
N LEU C 109 -12.40 0.11 24.74
CA LEU C 109 -12.81 1.35 24.09
C LEU C 109 -13.58 2.25 25.04
N TYR C 110 -13.54 3.55 24.75
CA TYR C 110 -14.22 4.57 25.55
C TYR C 110 -15.19 5.30 24.63
N LYS C 111 -16.47 4.96 24.74
CA LYS C 111 -17.48 5.53 23.86
C LYS C 111 -17.74 7.01 24.10
N ASP C 112 -17.19 7.59 25.17
CA ASP C 112 -17.44 8.98 25.52
C ASP C 112 -16.36 9.92 25.00
N ARG C 113 -15.32 9.41 24.35
CA ARG C 113 -14.26 10.23 23.80
C ARG C 113 -13.93 9.72 22.40
N PHE C 114 -13.63 10.66 21.50
CA PHE C 114 -13.46 10.34 20.09
C PHE C 114 -12.09 10.80 19.60
N PHE C 115 -11.56 10.07 18.63
CA PHE C 115 -10.28 10.39 18.01
C PHE C 115 -10.54 10.97 16.62
N VAL C 116 -10.14 12.22 16.42
CA VAL C 116 -10.35 12.91 15.14
C VAL C 116 -9.02 13.00 14.41
N PRO C 117 -8.99 12.72 13.10
CA PRO C 117 -7.74 12.78 12.35
C PRO C 117 -7.05 14.13 12.46
N LYS C 118 -5.75 14.13 12.16
CA LYS C 118 -4.94 15.33 12.32
C LYS C 118 -5.32 16.44 11.34
N ASP C 119 -5.83 16.10 10.17
CA ASP C 119 -6.17 17.09 9.16
C ASP C 119 -7.60 17.61 9.30
N VAL C 120 -8.55 16.76 9.70
CA VAL C 120 -9.88 17.25 10.01
C VAL C 120 -9.82 18.25 11.17
N TYR C 121 -9.29 17.80 12.30
CA TYR C 121 -8.86 18.73 13.34
C TYR C 121 -7.77 19.64 12.78
N GLU C 122 -7.56 20.76 13.46
CA GLU C 122 -6.62 21.84 13.11
C GLU C 122 -7.01 22.54 11.81
N ALA C 123 -8.07 22.08 11.13
CA ALA C 123 -8.74 22.85 10.10
C ALA C 123 -10.09 23.36 10.57
N PHE C 124 -10.89 22.49 11.19
CA PHE C 124 -12.10 22.93 11.86
C PHE C 124 -11.79 23.71 13.14
N ALA C 125 -10.74 23.32 13.86
CA ALA C 125 -10.49 23.87 15.17
C ALA C 125 -9.51 25.04 15.16
N HIS C 126 -8.29 24.81 14.71
CA HIS C 126 -7.22 25.79 14.85
C HIS C 126 -7.03 26.66 13.62
N ASP C 127 -7.79 26.43 12.56
CA ASP C 127 -7.67 27.29 11.39
C ASP C 127 -8.67 28.43 11.42
N ASP C 128 -9.74 28.30 12.21
CA ASP C 128 -10.44 29.46 12.76
C ASP C 128 -9.66 29.84 14.01
N ILE C 129 -8.49 30.41 13.78
CA ILE C 129 -7.40 30.40 14.75
C ILE C 129 -7.79 31.19 16.00
N GLN C 130 -7.60 30.58 17.17
CA GLN C 130 -7.73 31.28 18.42
C GLN C 130 -6.37 31.75 18.92
N GLY C 131 -6.35 32.41 20.07
CA GLY C 131 -5.13 33.01 20.57
C GLY C 131 -4.09 32.06 21.10
N LEU C 132 -3.66 31.10 20.27
CA LEU C 132 -2.56 30.21 20.65
C LEU C 132 -1.32 30.43 19.80
N LYS C 133 -1.45 30.34 18.48
CA LYS C 133 -0.31 30.59 17.60
C LYS C 133 0.07 32.07 17.60
N ALA C 134 -0.91 32.95 17.85
CA ALA C 134 -0.62 34.38 17.84
C ALA C 134 0.17 34.79 19.07
N SER C 135 -0.39 34.55 20.26
CA SER C 135 0.25 34.98 21.50
C SER C 135 1.53 34.20 21.78
N LEU C 136 1.41 32.87 21.87
CA LEU C 136 2.57 32.05 22.21
C LEU C 136 3.65 32.11 21.14
N GLY C 137 3.26 31.91 19.88
CA GLY C 137 4.22 31.89 18.80
C GLY C 137 4.26 30.55 18.09
N GLN C 138 4.19 29.47 18.86
CA GLN C 138 4.08 28.13 18.31
C GLN C 138 2.86 27.45 18.89
N VAL C 139 2.26 26.58 18.10
CA VAL C 139 1.13 25.79 18.59
C VAL C 139 1.64 24.80 19.64
N PRO C 140 1.02 24.72 20.81
CA PRO C 140 1.34 23.63 21.73
C PRO C 140 1.12 22.30 21.04
N PRO C 141 2.20 21.57 20.71
CA PRO C 141 2.13 20.66 19.56
C PRO C 141 1.10 19.54 19.68
N ASP C 142 1.34 18.61 20.59
CA ASP C 142 0.41 17.54 20.91
C ASP C 142 1.01 16.71 22.03
N LEU C 143 0.20 16.23 22.96
CA LEU C 143 0.69 15.40 24.05
C LEU C 143 0.21 13.96 23.93
N SER C 144 -0.15 13.54 22.72
CA SER C 144 -0.62 12.18 22.50
C SER C 144 0.49 11.16 22.74
N SER C 145 1.56 11.25 21.96
CA SER C 145 2.71 10.34 22.06
C SER C 145 3.95 11.06 22.57
N MET C 146 3.75 12.02 23.48
CA MET C 146 4.88 12.73 24.08
C MET C 146 5.57 11.93 25.17
N TYR C 147 4.84 11.02 25.84
CA TYR C 147 5.48 10.16 26.82
C TYR C 147 6.53 9.27 26.17
N LEU C 148 6.13 8.50 25.14
CA LEU C 148 7.06 7.64 24.44
C LEU C 148 8.23 8.41 23.84
N ALA C 149 8.06 9.70 23.59
CA ALA C 149 9.12 10.49 22.95
C ALA C 149 10.02 11.20 23.94
N ARG C 150 9.58 11.42 25.17
CA ARG C 150 10.38 12.14 26.15
C ARG C 150 10.80 11.32 27.35
N GLY C 151 9.93 10.50 27.91
CA GLY C 151 10.21 9.80 29.15
C GLY C 151 9.59 10.48 30.34
N GLU C 152 9.30 9.68 31.37
CA GLU C 152 8.69 10.21 32.58
C GLU C 152 9.55 11.25 33.26
N GLY C 153 10.87 11.05 33.28
CA GLY C 153 11.77 12.01 33.89
C GLY C 153 11.72 13.36 33.21
N TYR C 154 11.86 13.37 31.88
CA TYR C 154 11.79 14.62 31.14
C TYR C 154 10.42 15.27 31.25
N LEU C 155 9.35 14.48 31.22
CA LEU C 155 8.01 15.05 31.33
C LEU C 155 7.79 15.69 32.70
N TYR C 156 8.25 15.04 33.77
CA TYR C 156 8.07 15.61 35.09
C TYR C 156 8.95 16.84 35.28
N GLN C 157 10.23 16.76 34.90
CA GLN C 157 11.14 17.88 35.11
C GLN C 157 10.84 19.05 34.19
N PHE C 158 10.16 18.82 33.07
CA PHE C 158 9.75 19.93 32.22
C PHE C 158 8.57 20.68 32.84
N ILE C 159 7.52 19.94 33.17
CA ILE C 159 6.36 20.54 33.80
C ILE C 159 6.76 20.87 35.23
N LEU C 160 6.23 21.99 35.71
CA LEU C 160 6.44 22.64 37.02
C LEU C 160 7.72 23.48 37.10
N ASN C 161 8.45 23.56 35.99
CA ASN C 161 9.67 24.35 35.86
C ASN C 161 10.11 24.38 34.40
N PRO C 162 9.21 24.81 33.49
CA PRO C 162 9.67 24.78 32.09
C PRO C 162 10.86 25.68 31.82
N GLN C 163 11.14 26.65 32.69
CA GLN C 163 12.27 27.55 32.48
C GLN C 163 13.62 26.90 32.71
N LYS C 164 13.67 25.75 33.40
CA LYS C 164 14.92 25.07 33.65
C LYS C 164 15.30 24.11 32.53
N VAL C 165 14.34 23.31 32.05
CA VAL C 165 14.63 22.40 30.95
C VAL C 165 14.87 23.16 29.65
N LEU C 166 13.95 24.05 29.31
CA LEU C 166 14.15 24.96 28.20
C LEU C 166 14.42 26.37 28.72
N PRO C 167 15.41 27.07 28.14
CA PRO C 167 15.77 28.39 28.68
C PRO C 167 14.61 29.37 28.70
N GLY C 168 14.01 29.63 27.54
CA GLY C 168 12.85 30.49 27.47
C GLY C 168 11.68 29.79 26.82
N THR C 169 10.53 29.76 27.49
CA THR C 169 9.37 29.08 26.95
C THR C 169 8.12 29.74 27.50
N THR C 170 7.21 30.12 26.61
CA THR C 170 5.99 30.82 27.00
C THR C 170 5.01 29.93 27.76
N MET C 171 5.32 28.66 27.95
CA MET C 171 4.53 27.83 28.84
C MET C 171 4.80 28.25 30.28
N PRO C 172 3.78 28.48 31.09
CA PRO C 172 3.98 28.99 32.45
C PRO C 172 4.49 27.87 33.36
N GLN C 173 4.91 28.27 34.56
CA GLN C 173 5.12 27.29 35.61
C GLN C 173 3.83 26.49 35.84
N LEU C 174 2.74 27.18 36.16
CA LEU C 174 1.39 26.64 36.15
C LEU C 174 1.18 25.65 37.29
N PHE C 175 2.26 25.26 37.95
CA PHE C 175 2.23 24.53 39.22
C PHE C 175 3.52 24.93 39.91
N ASN C 176 3.45 25.96 40.75
CA ASN C 176 4.66 26.59 41.25
C ASN C 176 5.01 26.02 42.62
N PRO C 177 6.12 25.31 42.75
CA PRO C 177 6.54 24.79 44.06
C PRO C 177 7.20 25.88 44.90
N GLN C 178 7.79 25.46 46.01
CA GLN C 178 8.67 26.22 46.90
C GLN C 178 7.88 27.22 47.75
N PHE C 179 6.60 27.41 47.44
CA PHE C 179 5.65 27.87 48.44
C PHE C 179 4.26 27.24 48.26
N ASP C 180 4.08 26.34 47.31
CA ASP C 180 2.86 25.54 47.18
C ASP C 180 3.24 24.07 47.23
N PRO C 181 3.18 23.43 48.41
CA PRO C 181 3.62 22.04 48.53
C PRO C 181 2.67 21.03 47.90
N GLN C 182 1.66 21.46 47.16
CA GLN C 182 0.67 20.55 46.58
C GLN C 182 0.81 20.41 45.07
N ALA C 183 1.93 20.86 44.49
CA ALA C 183 2.05 20.85 43.04
C ALA C 183 2.78 19.61 42.52
N LYS C 184 3.73 19.09 43.29
CA LYS C 184 4.54 17.96 42.82
C LYS C 184 3.66 16.74 42.53
N GLU C 185 2.73 16.41 43.44
CA GLU C 185 1.86 15.28 43.18
C GLU C 185 0.86 15.54 42.06
N LYS C 186 0.47 16.80 41.83
CA LYS C 186 -0.37 17.11 40.68
C LYS C 186 0.38 16.84 39.37
N VAL C 187 1.63 17.30 39.28
CA VAL C 187 2.41 17.05 38.08
C VAL C 187 2.69 15.56 37.93
N ALA C 188 2.89 14.86 39.05
CA ALA C 188 3.06 13.42 38.99
C ALA C 188 1.82 12.72 38.48
N LYS C 189 0.63 13.16 38.89
CA LYS C 189 -0.60 12.58 38.37
C LYS C 189 -0.77 12.88 36.88
N ILE C 190 -0.39 14.09 36.44
CA ILE C 190 -0.48 14.40 35.02
C ILE C 190 0.45 13.51 34.21
N VAL C 191 1.68 13.32 34.67
CA VAL C 191 2.62 12.45 33.96
C VAL C 191 2.15 11.00 34.01
N ALA C 192 1.55 10.58 35.12
CA ALA C 192 1.01 9.22 35.20
C ALA C 192 -0.14 9.01 34.24
N TYR C 193 -0.99 10.02 34.07
CA TYR C 193 -2.04 9.93 33.06
C TYR C 193 -1.43 9.81 31.67
N MET C 194 -0.52 10.73 31.33
CA MET C 194 0.13 10.67 30.02
C MET C 194 0.87 9.35 29.80
N LYS C 195 1.27 8.68 30.89
CA LYS C 195 1.86 7.35 30.77
C LYS C 195 0.80 6.29 30.54
N SER C 196 -0.38 6.46 31.15
CA SER C 196 -1.45 5.50 31.00
C SER C 196 -2.08 5.52 29.61
N VAL C 197 -1.71 6.49 28.77
CA VAL C 197 -2.24 6.54 27.41
C VAL C 197 -1.40 5.71 26.47
N ASN C 198 -0.12 5.52 26.79
CA ASN C 198 0.82 4.85 25.89
C ASN C 198 1.40 3.57 26.45
N THR C 199 1.08 3.21 27.69
CA THR C 199 1.67 2.04 28.32
C THR C 199 0.58 1.03 28.68
N PRO C 200 0.78 -0.27 28.41
CA PRO C 200 -0.29 -1.23 28.67
C PRO C 200 -0.64 -1.30 30.15
N PRO C 201 -1.89 -1.60 30.47
CA PRO C 201 -2.28 -1.79 31.88
C PRO C 201 -1.54 -2.95 32.51
N PRO C 202 -1.64 -3.12 33.83
CA PRO C 202 -0.98 -4.27 34.48
C PRO C 202 -1.50 -5.63 34.01
N LYS C 203 -2.68 -5.70 33.39
CA LYS C 203 -3.13 -6.98 32.85
C LYS C 203 -2.49 -7.27 31.50
N GLU C 204 -2.32 -6.24 30.67
CA GLU C 204 -1.80 -6.44 29.33
C GLU C 204 -0.28 -6.50 29.31
N SER C 205 0.38 -5.63 30.06
CA SER C 205 1.84 -5.66 30.12
C SER C 205 2.36 -6.94 30.78
N ALA C 206 1.49 -7.70 31.44
CA ALA C 206 1.88 -8.99 31.98
C ALA C 206 1.67 -10.12 30.98
N LYS C 207 0.59 -10.08 30.21
CA LYS C 207 0.38 -11.09 29.17
C LYS C 207 1.48 -11.06 28.13
N ARG C 208 1.94 -9.86 27.75
CA ARG C 208 3.05 -9.75 26.82
C ARG C 208 4.32 -10.36 27.39
N THR C 209 4.61 -10.13 28.68
CA THR C 209 5.79 -10.73 29.28
C THR C 209 5.69 -12.25 29.31
N VAL C 210 4.54 -12.78 29.71
CA VAL C 210 4.38 -14.22 29.76
C VAL C 210 4.54 -14.84 28.37
N MET C 211 3.87 -14.26 27.36
CA MET C 211 3.99 -14.85 26.03
C MET C 211 5.37 -14.67 25.43
N GLY C 212 6.08 -13.59 25.75
CA GLY C 212 7.44 -13.43 25.27
C GLY C 212 8.42 -14.37 25.93
N VAL C 213 8.17 -14.74 27.19
CA VAL C 213 8.97 -15.77 27.82
C VAL C 213 8.66 -17.14 27.20
N ILE C 214 7.38 -17.41 26.95
CA ILE C 214 6.99 -18.70 26.42
C ILE C 214 7.49 -18.89 24.99
N VAL C 215 7.54 -17.83 24.19
CA VAL C 215 8.01 -17.96 22.81
C VAL C 215 9.51 -18.28 22.78
N ILE C 216 10.30 -17.61 23.63
CA ILE C 216 11.73 -17.89 23.67
C ILE C 216 11.98 -19.30 24.20
N ALA C 217 11.28 -19.69 25.27
CA ALA C 217 11.42 -21.05 25.79
C ALA C 217 10.91 -22.08 24.79
N TYR C 218 10.02 -21.69 23.89
CA TYR C 218 9.57 -22.59 22.84
C TYR C 218 10.65 -22.79 21.79
N PHE C 219 11.23 -21.70 21.31
CA PHE C 219 12.22 -21.80 20.25
C PHE C 219 13.52 -22.45 20.72
N ILE C 220 13.95 -22.17 21.95
CA ILE C 220 15.15 -22.82 22.45
C ILE C 220 14.95 -24.33 22.57
N VAL C 221 13.81 -24.74 23.11
CA VAL C 221 13.52 -26.16 23.25
C VAL C 221 13.39 -26.82 21.88
N MET C 222 12.76 -26.15 20.92
CA MET C 222 12.66 -26.71 19.59
C MET C 222 14.04 -26.89 18.94
N GLY C 223 14.91 -25.90 19.10
CA GLY C 223 16.26 -26.02 18.56
C GLY C 223 17.04 -27.17 19.17
N LEU C 224 17.02 -27.27 20.51
CA LEU C 224 17.75 -28.36 21.15
C LEU C 224 17.11 -29.72 20.87
N LEU C 225 15.79 -29.78 20.67
CA LEU C 225 15.16 -31.03 20.26
C LEU C 225 15.59 -31.45 18.87
N LEU C 226 15.63 -30.52 17.91
CA LEU C 226 16.16 -30.83 16.59
C LEU C 226 17.62 -31.26 16.64
N TRP C 227 18.42 -30.64 17.51
CA TRP C 227 19.81 -31.03 17.66
C TRP C 227 19.94 -32.45 18.20
N LYS C 228 19.19 -32.79 19.25
CA LYS C 228 19.22 -34.14 19.78
C LYS C 228 18.69 -35.15 18.78
N TYR C 229 17.69 -34.77 17.99
CA TYR C 229 17.18 -35.66 16.94
C TYR C 229 18.23 -35.93 15.88
N ARG C 230 18.96 -34.89 15.47
CA ARG C 230 20.05 -35.11 14.52
C ARG C 230 21.13 -35.99 15.10
N GLU C 231 21.48 -35.78 16.38
CA GLU C 231 22.48 -36.62 17.02
C GLU C 231 22.04 -38.08 17.07
N ASN C 232 20.76 -38.32 17.37
CA ASN C 232 20.26 -39.69 17.42
C ASN C 232 20.21 -40.31 16.03
N LEU C 233 19.80 -39.55 15.02
CA LEU C 233 19.68 -40.11 13.68
C LEU C 233 21.04 -40.35 13.05
N LEU C 234 22.07 -39.61 13.45
CA LEU C 234 23.41 -39.85 12.94
C LEU C 234 24.06 -41.08 13.55
N LYS C 235 23.45 -41.69 14.57
CA LYS C 235 23.96 -42.93 15.14
C LYS C 235 23.41 -44.17 14.46
N ARG C 236 22.16 -44.12 13.99
CA ARG C 236 21.61 -45.26 13.26
C ARG C 236 22.33 -45.47 11.93
N LEU C 237 22.96 -44.41 11.40
CA LEU C 237 23.70 -44.48 10.15
C LEU C 237 25.21 -44.49 10.35
N GLY C 238 25.73 -43.53 11.11
CA GLY C 238 27.15 -43.46 11.37
C GLY C 238 27.71 -42.06 11.33
N PHE D 8 15.53 -7.82 -43.94
CA PHE D 8 16.02 -8.81 -42.99
C PHE D 8 15.13 -8.82 -41.75
N ILE D 9 14.98 -9.99 -41.13
CA ILE D 9 14.01 -10.18 -40.06
C ILE D 9 14.66 -10.44 -38.72
N SER D 10 15.67 -11.32 -38.68
CA SER D 10 16.26 -11.69 -37.39
C SER D 10 16.98 -10.53 -36.72
N ILE D 11 17.19 -9.42 -37.42
CA ILE D 11 17.65 -8.19 -36.78
C ILE D 11 16.57 -7.12 -36.74
N GLY D 12 15.60 -7.17 -37.65
CA GLY D 12 14.47 -6.26 -37.56
C GLY D 12 13.65 -6.47 -36.31
N ILE D 13 13.40 -7.73 -35.94
CA ILE D 13 12.69 -7.99 -34.68
C ILE D 13 13.51 -7.56 -33.47
N GLY D 14 14.84 -7.68 -33.53
CA GLY D 14 15.65 -7.22 -32.43
C GLY D 14 15.59 -5.70 -32.26
N ALA D 15 15.71 -4.97 -33.37
CA ALA D 15 15.58 -3.52 -33.31
C ALA D 15 14.19 -3.10 -32.84
N LEU D 16 13.15 -3.80 -33.29
CA LEU D 16 11.79 -3.46 -32.91
C LEU D 16 11.56 -3.71 -31.42
N GLY D 17 12.01 -4.87 -30.92
CA GLY D 17 11.92 -5.14 -29.50
C GLY D 17 12.72 -4.19 -28.64
N ALA D 18 13.90 -3.77 -29.12
CA ALA D 18 14.67 -2.75 -28.40
C ALA D 18 13.95 -1.41 -28.35
N VAL D 19 13.36 -0.97 -29.46
CA VAL D 19 12.59 0.27 -29.45
C VAL D 19 11.39 0.16 -28.52
N GLY D 20 10.71 -0.99 -28.52
CA GLY D 20 9.58 -1.16 -27.63
C GLY D 20 9.98 -1.14 -26.16
N GLY D 21 11.05 -1.85 -25.82
CA GLY D 21 11.58 -1.78 -24.47
C GLY D 21 12.01 -0.38 -24.05
N LEU D 22 12.66 0.36 -24.95
CA LEU D 22 13.03 1.73 -24.66
C LEU D 22 11.82 2.62 -24.39
N GLY D 23 10.78 2.51 -25.22
CA GLY D 23 9.57 3.27 -24.97
C GLY D 23 8.87 2.90 -23.68
N ALA D 24 8.80 1.60 -23.37
CA ALA D 24 8.16 1.17 -22.13
C ALA D 24 8.93 1.66 -20.91
N LEU D 25 10.27 1.57 -20.95
CA LEU D 25 11.07 2.13 -19.86
C LEU D 25 10.94 3.64 -19.75
N TYR D 26 10.83 4.35 -20.88
CA TYR D 26 10.57 5.78 -20.82
C TYR D 26 9.25 6.08 -20.12
N ALA D 27 8.19 5.35 -20.47
CA ALA D 27 6.92 5.56 -19.80
C ALA D 27 7.00 5.27 -18.31
N LEU D 28 7.60 4.13 -17.95
CA LEU D 28 7.72 3.77 -16.54
C LEU D 28 8.51 4.80 -15.75
N VAL D 29 9.61 5.30 -16.31
CA VAL D 29 10.37 6.36 -15.65
C VAL D 29 9.53 7.61 -15.51
N ARG D 30 8.83 8.01 -16.57
CA ARG D 30 8.04 9.23 -16.54
C ARG D 30 6.93 9.15 -15.50
N VAL D 31 6.40 7.96 -15.23
CA VAL D 31 5.37 7.85 -14.19
C VAL D 31 6.02 7.83 -12.82
N MET D 32 6.89 6.84 -12.58
CA MET D 32 7.39 6.62 -11.23
C MET D 32 8.39 7.69 -10.82
N LEU D 33 9.51 7.79 -11.54
CA LEU D 33 10.66 8.54 -11.08
C LEU D 33 10.69 9.99 -11.56
N GLU D 34 9.53 10.59 -11.84
CA GLU D 34 9.51 11.94 -12.40
C GLU D 34 8.59 12.86 -11.62
N PRO D 35 9.13 13.75 -10.81
CA PRO D 35 8.34 14.89 -10.29
C PRO D 35 8.39 16.06 -11.26
N SER D 36 8.72 15.76 -12.51
CA SER D 36 9.00 16.76 -13.54
C SER D 36 8.01 17.92 -13.54
N GLU D 37 8.56 19.13 -13.66
CA GLU D 37 7.87 20.40 -13.90
C GLU D 37 6.87 20.75 -12.80
N ILE D 38 6.79 19.90 -11.77
CA ILE D 38 5.99 20.21 -10.59
C ILE D 38 6.82 20.23 -9.32
N ALA D 39 8.03 19.67 -9.35
CA ALA D 39 8.93 19.78 -8.21
C ALA D 39 9.56 21.15 -8.15
N ALA D 40 9.85 21.75 -9.30
CA ALA D 40 10.43 23.10 -9.37
C ALA D 40 9.33 24.11 -9.04
N LEU D 41 8.92 24.09 -7.78
CA LEU D 41 7.86 24.98 -7.28
C LEU D 41 8.31 25.48 -5.91
N GLY D 42 8.94 26.65 -5.88
CA GLY D 42 9.18 27.43 -7.09
C GLY D 42 10.59 27.97 -7.22
N ALA D 43 11.14 27.86 -8.42
CA ALA D 43 12.45 28.43 -8.71
C ALA D 43 12.36 29.84 -9.29
N LYS D 44 11.17 30.24 -9.75
CA LYS D 44 10.99 31.61 -10.22
C LYS D 44 10.58 32.54 -9.09
N THR D 45 9.47 32.22 -8.41
CA THR D 45 8.98 32.96 -7.24
C THR D 45 9.00 34.47 -7.49
N GLU D 46 8.16 34.90 -8.43
CA GLU D 46 8.04 36.31 -8.77
C GLU D 46 7.74 37.15 -7.52
N ILE D 47 8.68 38.02 -7.16
CA ILE D 47 8.53 38.90 -6.01
C ILE D 47 8.90 40.30 -6.49
N ASP D 48 7.89 41.09 -6.86
CA ASP D 48 8.11 42.44 -7.34
C ASP D 48 8.64 43.32 -6.21
N VAL D 49 9.80 43.93 -6.43
CA VAL D 49 10.41 44.78 -5.41
C VAL D 49 9.64 46.08 -5.21
N SER D 50 9.01 46.62 -6.25
CA SER D 50 8.27 47.87 -6.14
C SER D 50 6.95 47.73 -5.39
N LYS D 51 6.68 46.56 -4.80
CA LYS D 51 5.47 46.38 -4.01
C LYS D 51 5.75 46.40 -2.52
N ILE D 52 6.95 46.05 -2.09
CA ILE D 52 7.29 46.02 -0.67
C ILE D 52 7.68 47.43 -0.24
N GLN D 53 7.15 47.86 0.90
CA GLN D 53 7.44 49.18 1.44
C GLN D 53 8.66 49.12 2.35
N PRO D 54 9.32 50.26 2.57
CA PRO D 54 10.48 50.27 3.47
C PRO D 54 10.11 49.81 4.88
N MET D 55 11.04 49.10 5.52
CA MET D 55 10.86 48.56 6.87
C MET D 55 9.67 47.62 6.95
N GLN D 56 9.30 46.99 5.84
CA GLN D 56 8.19 46.04 5.80
C GLN D 56 8.68 44.73 5.21
N VAL D 57 8.18 43.62 5.75
CA VAL D 57 8.59 42.28 5.36
C VAL D 57 7.40 41.56 4.76
N ARG D 58 7.59 40.96 3.58
CA ARG D 58 6.59 40.14 2.93
C ARG D 58 6.95 38.67 3.12
N VAL D 59 5.97 37.86 3.53
CA VAL D 59 6.19 36.44 3.78
C VAL D 59 5.95 35.69 2.47
N THR D 60 6.93 34.88 2.07
CA THR D 60 6.85 34.11 0.83
C THR D 60 7.46 32.74 1.11
N SER D 61 7.72 31.97 0.05
CA SER D 61 8.30 30.65 0.19
C SER D 61 9.21 30.37 -0.99
N TRP D 62 10.47 30.06 -0.71
CA TRP D 62 11.46 29.72 -1.72
C TRP D 62 12.15 28.43 -1.34
N LYS D 63 12.13 27.45 -2.26
CA LYS D 63 12.77 26.15 -2.06
C LYS D 63 12.22 25.44 -0.83
N GLY D 64 10.98 25.73 -0.47
CA GLY D 64 10.38 25.28 0.76
C GLY D 64 10.00 26.45 1.65
N LYS D 65 9.43 26.11 2.80
CA LYS D 65 8.84 27.08 3.72
C LYS D 65 9.76 27.27 4.92
N THR D 66 10.00 28.52 5.30
CA THR D 66 9.41 29.68 4.64
C THR D 66 10.50 30.62 4.13
N LEU D 67 10.10 31.81 3.68
CA LEU D 67 11.03 32.80 3.15
C LEU D 67 10.54 34.20 3.49
N PHE D 68 11.48 35.07 3.82
CA PHE D 68 11.20 36.48 4.10
C PHE D 68 11.61 37.34 2.91
N ALA D 69 11.03 38.55 2.86
CA ALA D 69 11.38 39.55 1.85
C ALA D 69 11.54 40.88 2.58
N ILE D 70 12.75 41.16 3.03
CA ILE D 70 13.04 42.33 3.86
C ILE D 70 13.53 43.47 2.97
N ARG D 71 13.06 44.68 3.27
CA ARG D 71 13.55 45.89 2.60
C ARG D 71 13.77 46.96 3.66
N LEU D 72 14.93 47.61 3.62
CA LEU D 72 15.29 48.65 4.56
C LEU D 72 16.11 49.71 3.83
N PRO D 73 15.94 50.99 4.18
CA PRO D 73 16.57 52.06 3.39
C PRO D 73 18.04 52.27 3.72
N LYS D 74 18.42 52.13 4.98
CA LYS D 74 19.78 52.42 5.43
C LYS D 74 20.30 51.27 6.30
N ASP D 75 21.49 51.46 6.83
CA ASP D 75 22.13 50.44 7.68
C ASP D 75 22.66 51.07 8.95
N TYR D 96 28.02 37.93 10.85
CA TYR D 96 27.28 37.60 9.64
C TYR D 96 27.52 38.66 8.57
N GLU D 97 26.45 39.31 8.12
CA GLU D 97 26.51 40.38 7.12
C GLU D 97 27.21 39.90 5.85
N ILE D 98 26.67 38.82 5.27
CA ILE D 98 27.26 38.24 4.07
C ILE D 98 27.26 39.26 2.94
N LEU D 99 26.17 40.00 2.77
CA LEU D 99 26.03 40.97 1.71
C LEU D 99 26.09 42.38 2.27
N LYS D 100 26.58 43.31 1.46
CA LYS D 100 26.61 44.72 1.81
C LYS D 100 25.25 45.35 1.48
N GLY D 101 25.19 46.68 1.50
CA GLY D 101 23.94 47.37 1.28
C GLY D 101 23.36 47.18 -0.10
N HIS D 102 22.29 46.40 -0.20
CA HIS D 102 21.52 46.25 -1.43
C HIS D 102 20.07 46.69 -1.25
N ASP D 103 19.58 46.72 -0.02
CA ASP D 103 18.27 47.18 0.43
C ASP D 103 17.16 46.19 0.08
N VAL D 104 17.44 45.14 -0.69
CA VAL D 104 16.45 44.11 -1.02
C VAL D 104 17.15 42.76 -1.01
N PHE D 105 16.58 41.80 -0.31
CA PHE D 105 17.14 40.45 -0.23
C PHE D 105 16.05 39.52 0.29
N ALA D 106 16.44 38.27 0.59
CA ALA D 106 15.50 37.28 1.07
C ALA D 106 16.24 36.32 2.00
N LEU D 107 15.63 36.04 3.15
CA LEU D 107 16.17 35.11 4.13
C LEU D 107 15.14 34.04 4.44
N VAL D 108 15.61 32.80 4.60
CA VAL D 108 14.73 31.70 4.97
C VAL D 108 14.25 31.95 6.39
N GLY D 109 12.98 32.29 6.54
CA GLY D 109 12.49 32.68 7.85
C GLY D 109 11.88 31.54 8.65
N VAL D 110 12.71 30.93 9.48
CA VAL D 110 12.33 29.92 10.47
C VAL D 110 13.37 29.98 11.57
N CYS D 111 12.93 30.04 12.82
CA CYS D 111 13.86 30.18 13.91
C CYS D 111 14.81 28.98 13.97
N THR D 112 15.94 29.16 14.64
CA THR D 112 17.07 28.25 14.46
C THR D 112 17.02 27.05 15.40
N HIS D 113 17.04 27.29 16.71
CA HIS D 113 17.30 26.18 17.63
C HIS D 113 16.06 25.31 17.88
N LEU D 114 14.85 25.81 17.61
CA LEU D 114 13.67 24.96 17.71
C LEU D 114 12.67 25.16 16.57
N GLY D 115 12.93 26.07 15.63
CA GLY D 115 12.11 26.16 14.43
C GLY D 115 10.76 26.82 14.59
N CYS D 116 10.74 28.01 15.17
CA CYS D 116 9.55 28.85 15.15
C CYS D 116 9.62 29.82 13.98
N ILE D 117 8.61 30.68 13.87
CA ILE D 117 8.54 31.67 12.79
C ILE D 117 8.67 33.06 13.42
N PRO D 118 9.76 33.78 13.17
CA PRO D 118 9.88 35.13 13.72
C PRO D 118 8.91 36.09 13.05
N LEU D 119 8.42 37.04 13.84
CA LEU D 119 7.48 38.06 13.39
C LEU D 119 8.22 39.38 13.16
N TRP D 120 7.83 40.08 12.11
CA TRP D 120 8.49 41.34 11.78
C TRP D 120 8.21 42.39 12.84
N LYS D 121 9.25 43.16 13.18
CA LYS D 121 9.18 44.19 14.22
C LYS D 121 8.72 43.62 15.55
N PRO D 131 15.52 48.51 14.25
CA PRO D 131 14.28 47.71 14.25
C PRO D 131 14.56 46.23 13.99
N VAL D 132 14.54 45.43 15.04
CA VAL D 132 14.78 44.00 14.94
C VAL D 132 13.44 43.29 14.93
N PHE D 133 13.46 42.03 14.47
CA PHE D 133 12.25 41.21 14.41
C PHE D 133 12.53 39.88 15.09
N HIS D 134 11.65 39.50 16.01
CA HIS D 134 11.88 38.36 16.89
C HIS D 134 10.80 37.30 16.70
N CYS D 135 11.02 36.16 17.37
CA CYS D 135 10.04 35.09 17.46
C CYS D 135 9.61 35.00 18.91
N PRO D 136 8.31 34.90 19.21
CA PRO D 136 7.84 34.94 20.60
C PRO D 136 7.84 33.60 21.32
N CYS D 137 8.33 32.53 20.70
CA CYS D 137 8.34 31.23 21.37
C CYS D 137 9.31 31.22 22.54
N HIS D 138 10.58 31.53 22.28
CA HIS D 138 11.61 31.52 23.30
C HIS D 138 12.25 32.88 23.54
N GLY D 139 12.01 33.85 22.66
CA GLY D 139 12.59 35.18 22.81
C GLY D 139 13.78 35.48 21.93
N GLY D 140 13.94 34.78 20.81
CA GLY D 140 15.08 35.01 19.95
C GLY D 140 14.89 36.24 19.07
N LEU D 141 15.86 37.14 19.13
CA LEU D 141 15.84 38.39 18.38
C LEU D 141 16.74 38.28 17.16
N TYR D 142 16.40 39.03 16.11
CA TYR D 142 17.13 38.97 14.86
C TYR D 142 17.21 40.35 14.22
N THR D 143 18.40 40.73 13.77
CA THR D 143 18.56 41.94 12.98
C THR D 143 18.05 41.68 11.56
N PRO D 144 17.59 42.73 10.87
CA PRO D 144 17.07 42.54 9.50
C PRO D 144 18.04 41.86 8.54
N TYR D 145 19.32 41.70 8.90
CA TYR D 145 20.27 41.00 8.05
C TYR D 145 20.49 39.55 8.46
N GLY D 146 19.84 39.08 9.53
CA GLY D 146 19.91 37.68 9.89
C GLY D 146 20.52 37.39 11.24
N ASP D 147 21.57 38.13 11.60
CA ASP D 147 22.28 37.88 12.85
C ASP D 147 21.36 38.11 14.05
N VAL D 148 21.79 37.57 15.19
CA VAL D 148 21.03 37.67 16.43
C VAL D 148 21.67 38.73 17.31
N ILE D 149 20.83 39.46 18.05
CA ILE D 149 21.30 40.43 19.03
C ILE D 149 21.06 39.95 20.45
N GLY D 150 19.92 39.32 20.71
CA GLY D 150 19.73 38.52 21.90
C GLY D 150 19.40 37.11 21.48
N GLY D 151 20.35 36.19 21.66
CA GLY D 151 20.25 34.88 21.05
C GLY D 151 19.98 33.72 21.98
N PRO D 152 18.75 33.25 22.01
CA PRO D 152 18.51 31.83 22.31
C PRO D 152 18.93 30.93 21.16
N PRO D 153 18.76 31.34 19.89
CA PRO D 153 19.32 30.54 18.79
C PRO D 153 20.84 30.70 18.71
N PRO D 154 21.56 29.63 18.43
CA PRO D 154 23.02 29.73 18.31
C PRO D 154 23.49 30.40 17.03
N ARG D 155 22.84 30.09 15.90
CA ARG D 155 23.31 30.60 14.62
C ARG D 155 22.25 31.44 13.92
N PRO D 156 22.65 32.38 13.06
CA PRO D 156 21.66 33.22 12.36
C PRO D 156 20.95 32.47 11.24
N LEU D 157 20.12 33.20 10.48
CA LEU D 157 19.39 32.62 9.36
C LEU D 157 20.26 32.59 8.12
N PHE D 158 20.38 31.42 7.49
CA PHE D 158 21.20 31.29 6.29
C PHE D 158 20.52 31.95 5.10
N ILE D 159 21.27 32.78 4.40
CA ILE D 159 20.77 33.48 3.21
C ILE D 159 20.64 32.49 2.06
N PRO D 160 19.44 32.30 1.52
CA PRO D 160 19.31 31.52 0.28
C PRO D 160 19.77 32.33 -0.91
N PRO D 161 20.19 31.66 -1.99
CA PRO D 161 20.64 32.39 -3.18
C PRO D 161 19.56 33.29 -3.74
N GLN D 162 19.99 34.25 -4.56
CA GLN D 162 19.08 35.23 -5.14
C GLN D 162 19.60 35.69 -6.48
N LYS D 163 18.68 36.19 -7.30
CA LYS D 163 19.00 36.78 -8.59
C LYS D 163 18.22 38.08 -8.74
N LEU D 164 18.82 39.06 -9.40
CA LEU D 164 18.20 40.36 -9.63
C LEU D 164 17.97 40.56 -11.11
N GLU D 165 16.70 40.61 -11.50
CA GLU D 165 16.29 40.87 -12.88
C GLU D 165 15.33 42.06 -12.82
N GLY D 166 15.88 43.25 -13.03
CA GLY D 166 15.07 44.46 -12.96
C GLY D 166 14.48 44.67 -11.58
N ASN D 167 13.16 44.47 -11.46
CA ASN D 167 12.45 44.60 -10.21
C ASN D 167 11.81 43.28 -9.78
N LYS D 168 12.52 42.17 -9.93
CA LYS D 168 12.01 40.85 -9.58
C LYS D 168 13.10 40.06 -8.86
N LEU D 169 12.82 39.66 -7.63
CA LEU D 169 13.73 38.85 -6.84
C LEU D 169 13.41 37.37 -7.01
N ILE D 170 14.45 36.55 -6.94
CA ILE D 170 14.29 35.10 -7.07
C ILE D 170 14.36 34.45 -5.70
N ILE E 7 30.92 -11.44 -22.74
CA ILE E 7 30.46 -12.42 -23.72
C ILE E 7 29.47 -13.38 -23.08
N VAL E 8 29.27 -14.53 -23.71
CA VAL E 8 28.35 -15.54 -23.20
C VAL E 8 29.07 -16.74 -22.61
N ASP E 9 30.27 -17.07 -23.10
CA ASP E 9 31.00 -18.20 -22.55
C ASP E 9 31.43 -17.96 -21.11
N TRP E 10 31.75 -16.71 -20.77
CA TRP E 10 32.07 -16.39 -19.38
C TRP E 10 30.87 -16.62 -18.47
N ILE E 11 29.69 -16.16 -18.88
CA ILE E 11 28.48 -16.45 -18.13
C ILE E 11 28.11 -17.93 -18.22
N ASP E 12 28.48 -18.61 -19.31
CA ASP E 12 28.21 -20.03 -19.42
C ASP E 12 28.97 -20.82 -18.38
N GLU E 13 30.27 -20.53 -18.21
CA GLU E 13 31.10 -21.30 -17.28
C GLU E 13 30.65 -21.12 -15.83
N ARG E 14 29.98 -20.03 -15.50
CA ARG E 14 29.61 -19.73 -14.13
C ARG E 14 28.14 -19.93 -13.81
N ALA E 15 27.26 -19.92 -14.81
CA ALA E 15 25.84 -20.07 -14.60
C ALA E 15 25.22 -21.24 -15.34
N HIS E 16 25.95 -21.86 -16.28
CA HIS E 16 25.43 -22.97 -17.08
C HIS E 16 24.17 -22.55 -17.84
N VAL E 17 24.27 -21.43 -18.56
CA VAL E 17 23.10 -20.91 -19.26
C VAL E 17 22.80 -21.72 -20.51
N ARG E 18 23.83 -22.14 -21.26
CA ARG E 18 23.59 -22.93 -22.46
C ARG E 18 23.12 -24.34 -22.16
N GLU E 19 23.60 -24.96 -21.08
CA GLU E 19 23.09 -26.26 -20.67
C GLU E 19 21.64 -26.20 -20.21
N ILE E 20 21.19 -25.05 -19.72
CA ILE E 20 19.78 -24.88 -19.39
C ILE E 20 18.97 -24.63 -20.64
N TYR E 21 19.50 -23.83 -21.56
CA TYR E 21 18.79 -23.53 -22.80
C TYR E 21 18.58 -24.77 -23.66
N ARG E 22 19.66 -25.52 -23.93
CA ARG E 22 19.57 -26.71 -24.76
C ARG E 22 18.70 -27.80 -24.16
N THR E 23 18.42 -27.75 -22.86
CA THR E 23 17.59 -28.74 -22.21
C THR E 23 16.14 -28.29 -22.07
N GLN E 24 15.91 -27.00 -21.83
CA GLN E 24 14.55 -26.51 -21.65
C GLN E 24 13.87 -26.11 -22.95
N MET E 25 14.62 -25.82 -24.01
CA MET E 25 14.00 -25.38 -25.25
C MET E 25 14.30 -26.30 -26.43
N VAL E 26 15.56 -26.70 -26.62
CA VAL E 26 15.91 -27.41 -27.84
C VAL E 26 15.60 -28.91 -27.72
N GLU E 27 15.70 -29.48 -26.53
CA GLU E 27 15.41 -30.90 -26.35
C GLU E 27 14.27 -31.14 -25.36
N TYR E 28 13.17 -30.40 -25.50
CA TYR E 28 12.01 -30.56 -24.63
C TYR E 28 10.96 -31.50 -25.21
N LYS E 29 10.78 -31.49 -26.53
CA LYS E 29 9.93 -32.44 -27.24
C LYS E 29 8.48 -32.39 -26.74
N VAL E 30 7.85 -31.24 -26.99
CA VAL E 30 6.42 -31.11 -26.81
C VAL E 30 5.73 -31.75 -28.02
N ALA E 31 4.41 -31.93 -27.92
CA ALA E 31 3.66 -32.51 -29.03
C ALA E 31 3.65 -31.57 -30.23
N LYS E 32 3.41 -32.14 -31.41
CA LYS E 32 3.40 -31.35 -32.63
C LYS E 32 2.00 -30.84 -32.96
N ASN E 33 0.97 -31.63 -32.66
CA ASN E 33 -0.40 -31.30 -33.06
C ASN E 33 -1.09 -30.39 -32.06
N LEU E 34 -0.33 -29.60 -31.28
CA LEU E 34 -0.94 -28.67 -30.35
C LEU E 34 -1.76 -27.62 -31.11
N THR E 35 -2.96 -27.38 -30.63
CA THR E 35 -3.91 -26.48 -31.27
C THR E 35 -3.76 -25.07 -30.71
N PHE E 36 -4.71 -24.20 -31.04
CA PHE E 36 -4.65 -22.79 -30.66
C PHE E 36 -5.00 -22.55 -29.19
N PRO E 37 -6.05 -23.15 -28.64
CA PRO E 37 -6.38 -22.88 -27.23
C PRO E 37 -5.31 -23.34 -26.24
N TYR E 38 -4.20 -23.90 -26.69
CA TYR E 38 -3.07 -24.18 -25.83
C TYR E 38 -2.21 -22.95 -25.58
N VAL E 39 -2.64 -21.79 -26.07
CA VAL E 39 -1.93 -20.53 -25.83
C VAL E 39 -2.46 -19.81 -24.60
N PHE E 40 -3.63 -20.18 -24.10
CA PHE E 40 -4.30 -19.41 -23.06
C PHE E 40 -3.54 -19.41 -21.75
N GLY E 41 -2.78 -20.46 -21.44
CA GLY E 41 -1.94 -20.43 -20.25
C GLY E 41 -0.83 -19.40 -20.33
N ILE E 42 -0.12 -19.37 -21.45
CA ILE E 42 0.92 -18.36 -21.66
C ILE E 42 0.29 -16.96 -21.66
N LEU E 43 -0.90 -16.83 -22.23
CA LEU E 43 -1.55 -15.53 -22.27
C LEU E 43 -1.98 -15.08 -20.87
N ALA E 44 -2.47 -16.01 -20.05
CA ALA E 44 -2.79 -15.67 -18.66
C ALA E 44 -1.55 -15.30 -17.87
N LEU E 45 -0.43 -15.99 -18.11
CA LEU E 45 0.82 -15.60 -17.48
C LEU E 45 1.26 -14.20 -17.90
N VAL E 46 1.14 -13.88 -19.19
CA VAL E 46 1.49 -12.55 -19.68
C VAL E 46 0.59 -11.49 -19.07
N THR E 47 -0.71 -11.79 -18.94
CA THR E 47 -1.63 -10.82 -18.32
C THR E 47 -1.35 -10.66 -16.84
N PHE E 48 -0.93 -11.73 -16.17
CA PHE E 48 -0.49 -11.62 -14.78
C PHE E 48 0.71 -10.67 -14.67
N ALA E 49 1.68 -10.84 -15.57
CA ALA E 49 2.81 -9.91 -15.61
C ALA E 49 2.38 -8.48 -15.86
N ILE E 50 1.43 -8.28 -16.79
CA ILE E 50 0.91 -6.94 -17.06
C ILE E 50 0.27 -6.35 -15.82
N GLN E 51 -0.53 -7.14 -15.10
CA GLN E 51 -1.19 -6.64 -13.89
C GLN E 51 -0.18 -6.27 -12.82
N ILE E 52 0.85 -7.10 -12.62
CA ILE E 52 1.88 -6.76 -11.64
C ILE E 52 2.60 -5.48 -12.04
N ILE E 53 3.02 -5.38 -13.30
CA ILE E 53 3.79 -4.22 -13.74
C ILE E 53 2.97 -2.95 -13.62
N SER E 54 1.69 -3.01 -13.98
CA SER E 54 0.85 -1.82 -13.95
C SER E 54 0.26 -1.54 -12.57
N GLY E 55 0.34 -2.48 -11.63
CA GLY E 55 -0.08 -2.21 -10.27
C GLY E 55 1.07 -1.65 -9.45
N MET E 56 2.30 -2.01 -9.81
CA MET E 56 3.46 -1.38 -9.19
C MET E 56 3.46 0.13 -9.40
N VAL E 57 2.84 0.60 -10.48
CA VAL E 57 2.76 2.03 -10.74
C VAL E 57 1.59 2.65 -9.97
N LEU E 58 0.48 1.93 -9.88
CA LEU E 58 -0.71 2.46 -9.21
C LEU E 58 -0.53 2.52 -7.70
N ILE E 59 0.23 1.58 -7.12
CA ILE E 59 0.43 1.58 -5.68
C ILE E 59 1.21 2.79 -5.21
N LEU E 60 1.92 3.47 -6.12
CA LEU E 60 2.67 4.66 -5.75
C LEU E 60 1.76 5.83 -5.40
N TYR E 61 0.55 5.90 -5.97
CA TYR E 61 -0.30 7.06 -5.80
C TYR E 61 -1.68 6.76 -5.22
N TYR E 62 -2.09 5.51 -5.12
CA TYR E 62 -3.38 5.20 -4.51
C TYR E 62 -3.27 5.24 -3.00
N LYS E 63 -4.33 5.73 -2.35
CA LYS E 63 -4.31 5.99 -0.91
C LYS E 63 -5.52 5.33 -0.26
N PRO E 64 -5.32 4.36 0.63
CA PRO E 64 -6.43 3.55 1.18
C PRO E 64 -7.20 4.25 2.30
N SER E 65 -7.59 5.49 2.08
CA SER E 65 -8.43 6.22 3.00
C SER E 65 -9.76 6.55 2.34
N ILE E 66 -10.83 6.55 3.13
CA ILE E 66 -12.15 6.83 2.58
C ILE E 66 -12.21 8.25 2.03
N ALA E 67 -11.63 9.21 2.75
CA ALA E 67 -11.63 10.60 2.31
C ALA E 67 -10.59 10.88 1.24
N ASP E 68 -9.70 9.94 0.94
CA ASP E 68 -8.68 10.13 -0.08
C ASP E 68 -8.79 9.19 -1.26
N ALA E 69 -9.42 8.02 -1.09
CA ALA E 69 -9.71 7.17 -2.24
C ALA E 69 -10.72 7.87 -3.15
N PHE E 70 -10.57 7.63 -4.44
CA PHE E 70 -11.33 8.27 -5.51
C PHE E 70 -10.88 9.72 -5.70
N ASP E 71 -10.04 10.21 -4.79
CA ASP E 71 -9.32 11.45 -5.03
C ASP E 71 -7.87 11.20 -5.47
N SER E 72 -7.37 9.99 -5.24
CA SER E 72 -6.12 9.56 -5.84
C SER E 72 -6.37 8.93 -7.21
N ALA E 73 -7.15 7.85 -7.25
CA ALA E 73 -7.39 7.09 -8.47
C ALA E 73 -8.12 7.87 -9.55
N THR E 74 -8.84 8.93 -9.21
CA THR E 74 -9.57 9.72 -10.20
C THR E 74 -8.93 11.07 -10.44
N TYR E 75 -8.55 11.78 -9.38
CA TYR E 75 -7.85 13.05 -9.57
C TYR E 75 -6.37 12.82 -9.84
N SER E 76 -5.63 12.29 -8.86
CA SER E 76 -4.19 12.16 -8.99
C SER E 76 -3.80 11.27 -10.16
N ILE E 77 -4.17 9.99 -10.10
CA ILE E 77 -3.78 9.02 -11.12
C ILE E 77 -4.14 9.53 -12.52
N MET E 78 -5.33 10.08 -12.68
CA MET E 78 -5.82 10.38 -14.02
C MET E 78 -5.35 11.72 -14.56
N GLY E 79 -5.36 12.79 -13.76
CA GLY E 79 -4.97 14.08 -14.27
C GLY E 79 -3.62 14.58 -13.79
N GLU E 80 -3.27 14.32 -12.53
CA GLU E 80 -2.07 14.92 -11.97
C GLU E 80 -0.80 14.22 -12.42
N ILE E 81 -0.86 12.89 -12.58
CA ILE E 81 0.34 12.10 -12.83
C ILE E 81 0.52 11.89 -14.33
N PRO E 82 1.72 12.10 -14.87
CA PRO E 82 1.96 11.79 -16.28
C PRO E 82 1.86 10.29 -16.53
N PHE E 83 1.13 9.93 -17.59
CA PHE E 83 0.90 8.54 -17.99
C PHE E 83 0.15 7.74 -16.93
N GLY E 84 -0.37 8.40 -15.89
CA GLY E 84 -1.19 7.71 -14.91
C GLY E 84 -2.51 7.22 -15.45
N TRP E 85 -3.14 8.02 -16.32
CA TRP E 85 -4.29 7.53 -17.07
C TRP E 85 -3.98 6.22 -17.76
N LEU E 86 -2.80 6.12 -18.37
CA LEU E 86 -2.44 4.93 -19.12
C LEU E 86 -2.27 3.72 -18.22
N PHE E 87 -1.68 3.91 -17.04
CA PHE E 87 -1.42 2.77 -16.17
C PHE E 87 -2.59 2.42 -15.28
N ARG E 88 -3.60 3.27 -15.16
CA ARG E 88 -4.88 2.82 -14.63
C ARG E 88 -5.74 2.16 -15.71
N HIS E 89 -5.65 2.64 -16.95
CA HIS E 89 -6.32 1.98 -18.06
C HIS E 89 -5.80 0.57 -18.27
N ILE E 90 -4.48 0.40 -18.33
CA ILE E 90 -3.88 -0.91 -18.47
C ILE E 90 -4.31 -1.83 -17.34
N HIS E 91 -4.37 -1.31 -16.12
CA HIS E 91 -4.74 -2.14 -14.98
C HIS E 91 -6.19 -2.59 -15.03
N ALA E 92 -7.13 -1.66 -15.20
CA ALA E 92 -8.54 -2.02 -15.27
C ALA E 92 -8.91 -2.81 -16.51
N THR E 93 -8.10 -2.73 -17.57
CA THR E 93 -8.33 -3.57 -18.74
C THR E 93 -7.73 -4.96 -18.54
N GLY E 94 -6.54 -5.02 -17.95
CA GLY E 94 -5.89 -6.30 -17.73
C GLY E 94 -6.60 -7.15 -16.70
N ALA E 95 -7.30 -6.52 -15.75
CA ALA E 95 -8.10 -7.31 -14.83
C ALA E 95 -9.18 -8.11 -15.55
N ASN E 96 -9.96 -7.46 -16.40
CA ASN E 96 -10.99 -8.14 -17.16
C ASN E 96 -10.41 -9.11 -18.19
N PHE E 97 -9.32 -8.74 -18.85
CA PHE E 97 -8.67 -9.67 -19.77
C PHE E 97 -8.12 -10.89 -19.04
N PHE E 98 -7.65 -10.70 -17.81
CA PHE E 98 -7.10 -11.79 -17.01
C PHE E 98 -8.21 -12.71 -16.50
N MET E 99 -9.39 -12.17 -16.24
CA MET E 99 -10.53 -13.04 -15.97
C MET E 99 -10.97 -13.81 -17.21
N ALA E 100 -11.04 -13.13 -18.36
CA ALA E 100 -11.53 -13.78 -19.57
C ALA E 100 -10.56 -14.86 -20.05
N ILE E 101 -9.26 -14.57 -20.03
CA ILE E 101 -8.28 -15.56 -20.47
C ILE E 101 -8.26 -16.75 -19.55
N VAL E 102 -8.46 -16.53 -18.24
CA VAL E 102 -8.47 -17.65 -17.31
C VAL E 102 -9.71 -18.51 -17.51
N TYR E 103 -10.86 -17.87 -17.76
CA TYR E 103 -12.05 -18.64 -18.09
C TYR E 103 -11.85 -19.47 -19.36
N LEU E 104 -11.34 -18.86 -20.43
CA LEU E 104 -11.04 -19.62 -21.64
C LEU E 104 -10.06 -20.75 -21.39
N HIS E 105 -9.03 -20.51 -20.58
CA HIS E 105 -8.04 -21.53 -20.26
C HIS E 105 -8.66 -22.71 -19.53
N MET E 106 -9.39 -22.45 -18.45
CA MET E 106 -9.99 -23.54 -17.71
C MET E 106 -11.10 -24.25 -18.48
N PHE E 107 -11.78 -23.57 -19.40
CA PHE E 107 -12.83 -24.24 -20.16
C PHE E 107 -12.28 -25.08 -21.30
N THR E 108 -11.22 -24.62 -21.98
CA THR E 108 -10.56 -25.46 -22.97
C THR E 108 -9.50 -26.37 -22.35
N GLY E 109 -9.41 -26.39 -21.02
CA GLY E 109 -8.72 -27.45 -20.32
C GLY E 109 -9.72 -28.49 -19.84
N ILE E 110 -10.96 -28.04 -19.58
CA ILE E 110 -12.06 -28.98 -19.38
C ILE E 110 -12.33 -29.75 -20.66
N TYR E 111 -12.21 -29.08 -21.81
CA TYR E 111 -12.53 -29.70 -23.10
C TYR E 111 -11.64 -30.90 -23.37
N TYR E 112 -10.33 -30.69 -23.44
CA TYR E 112 -9.38 -31.77 -23.68
C TYR E 112 -9.20 -32.69 -22.48
N ASN E 113 -9.95 -32.47 -21.41
CA ASN E 113 -9.82 -33.23 -20.17
C ASN E 113 -8.36 -33.31 -19.71
N ALA E 114 -7.80 -32.13 -19.44
CA ALA E 114 -6.48 -32.03 -18.86
C ALA E 114 -6.48 -32.20 -17.35
N TYR E 115 -7.53 -32.82 -16.81
CA TYR E 115 -7.68 -33.04 -15.38
C TYR E 115 -7.65 -34.51 -15.00
N LYS E 116 -7.44 -35.41 -15.96
CA LYS E 116 -7.44 -36.84 -15.68
C LYS E 116 -6.03 -37.29 -15.31
N ARG E 117 -5.83 -38.59 -15.18
CA ARG E 117 -4.53 -39.12 -14.78
C ARG E 117 -3.47 -38.75 -15.83
N PRO E 118 -2.28 -38.29 -15.41
CA PRO E 118 -1.91 -38.04 -14.01
C PRO E 118 -1.99 -36.57 -13.64
N ARG E 119 -2.94 -35.85 -14.23
CA ARG E 119 -3.07 -34.41 -14.04
C ARG E 119 -4.17 -34.05 -13.04
N GLU E 120 -4.35 -34.87 -12.01
CA GLU E 120 -5.35 -34.54 -10.99
C GLU E 120 -4.89 -33.37 -10.12
N LEU E 121 -3.60 -33.27 -9.83
CA LEU E 121 -3.10 -32.26 -8.91
C LEU E 121 -2.91 -30.91 -9.56
N VAL E 122 -2.53 -30.86 -10.84
CA VAL E 122 -2.46 -29.60 -11.55
C VAL E 122 -3.83 -28.93 -11.63
N TRP E 123 -4.91 -29.71 -11.73
CA TRP E 123 -6.24 -29.11 -11.74
C TRP E 123 -6.64 -28.59 -10.37
N ILE E 124 -6.21 -29.24 -9.28
CA ILE E 124 -6.50 -28.72 -7.96
C ILE E 124 -5.76 -27.40 -7.74
N VAL E 125 -4.49 -27.35 -8.15
CA VAL E 125 -3.75 -26.09 -8.02
C VAL E 125 -4.35 -25.02 -8.92
N GLY E 126 -4.85 -25.39 -10.09
CA GLY E 126 -5.51 -24.42 -10.95
C GLY E 126 -6.82 -23.92 -10.36
N TRP E 127 -7.57 -24.79 -9.69
CA TRP E 127 -8.78 -24.33 -9.03
C TRP E 127 -8.47 -23.40 -7.86
N LEU E 128 -7.38 -23.66 -7.14
CA LEU E 128 -6.94 -22.70 -6.14
C LEU E 128 -6.55 -21.36 -6.76
N ILE E 129 -5.84 -21.40 -7.89
CA ILE E 129 -5.55 -20.19 -8.67
C ILE E 129 -6.83 -19.42 -8.94
N TYR E 130 -7.85 -20.12 -9.45
CA TYR E 130 -9.11 -19.48 -9.81
C TYR E 130 -9.81 -18.88 -8.60
N PHE E 131 -9.86 -19.62 -7.49
CA PHE E 131 -10.54 -19.12 -6.30
C PHE E 131 -9.85 -17.88 -5.76
N VAL E 132 -8.52 -17.89 -5.67
CA VAL E 132 -7.82 -16.71 -5.15
C VAL E 132 -7.80 -15.57 -6.15
N LEU E 133 -7.91 -15.86 -7.45
CA LEU E 133 -8.05 -14.81 -8.45
C LEU E 133 -9.39 -14.10 -8.34
N ILE E 134 -10.45 -14.85 -8.03
CA ILE E 134 -11.73 -14.22 -7.75
C ILE E 134 -11.60 -13.20 -6.63
N LEU E 135 -10.89 -13.57 -5.55
CA LEU E 135 -10.70 -12.65 -4.43
C LEU E 135 -9.79 -11.49 -4.78
N THR E 136 -8.80 -11.70 -5.64
CA THR E 136 -7.90 -10.61 -6.04
C THR E 136 -8.61 -9.60 -6.92
N ALA E 137 -9.48 -10.05 -7.82
CA ALA E 137 -10.24 -9.12 -8.65
C ALA E 137 -11.49 -8.58 -7.97
N LEU E 138 -11.93 -9.22 -6.89
CA LEU E 138 -13.12 -8.76 -6.18
C LEU E 138 -12.76 -7.70 -5.15
N SER E 139 -11.67 -7.91 -4.41
CA SER E 139 -11.22 -6.96 -3.40
C SER E 139 -10.51 -5.76 -4.01
N GLY E 140 -9.95 -5.91 -5.21
CA GLY E 140 -9.34 -4.77 -5.86
C GLY E 140 -10.31 -3.83 -6.52
N TYR E 141 -11.60 -4.16 -6.53
CA TYR E 141 -12.60 -3.31 -7.14
C TYR E 141 -13.22 -2.34 -6.15
N LEU E 142 -13.19 -2.66 -4.86
CA LEU E 142 -13.59 -1.71 -3.83
C LEU E 142 -12.66 -0.51 -3.78
N LEU E 143 -11.42 -0.68 -4.25
CA LEU E 143 -10.40 0.34 -4.03
C LEU E 143 -10.70 1.68 -4.69
N PRO E 144 -11.14 1.76 -5.95
CA PRO E 144 -11.46 3.09 -6.51
C PRO E 144 -12.52 3.85 -5.73
N TRP E 145 -13.28 3.16 -4.87
CA TRP E 145 -14.30 3.79 -4.03
C TRP E 145 -15.26 4.65 -4.86
N GLY E 146 -15.83 4.04 -5.89
CA GLY E 146 -16.80 4.70 -6.73
C GLY E 146 -18.21 4.39 -6.31
N GLN E 147 -19.16 5.05 -6.99
CA GLN E 147 -20.56 4.94 -6.58
C GLN E 147 -21.06 3.51 -6.63
N LEU E 148 -20.65 2.75 -7.64
CA LEU E 148 -21.06 1.36 -7.74
C LEU E 148 -20.00 0.38 -7.25
N SER E 149 -18.77 0.82 -7.07
CA SER E 149 -17.74 -0.07 -6.52
C SER E 149 -18.07 -0.46 -5.08
N TYR E 150 -18.36 0.54 -4.24
CA TYR E 150 -18.76 0.29 -2.86
C TYR E 150 -19.98 -0.62 -2.78
N TRP E 151 -20.99 -0.35 -3.60
CA TRP E 151 -22.23 -1.11 -3.52
C TRP E 151 -22.13 -2.49 -4.14
N GLY E 152 -21.28 -2.69 -5.16
CA GLY E 152 -21.00 -4.02 -5.65
C GLY E 152 -20.14 -4.84 -4.71
N PHE E 153 -19.32 -4.18 -3.89
CA PHE E 153 -18.68 -4.88 -2.79
C PHE E 153 -19.69 -5.29 -1.73
N ILE E 154 -20.62 -4.40 -1.40
CA ILE E 154 -21.65 -4.71 -0.41
C ILE E 154 -22.52 -5.88 -0.89
N VAL E 155 -22.98 -5.82 -2.14
CA VAL E 155 -23.84 -6.87 -2.68
C VAL E 155 -23.13 -8.22 -2.62
N THR E 156 -21.85 -8.25 -2.99
CA THR E 156 -21.11 -9.51 -3.00
C THR E 156 -20.78 -10.00 -1.61
N THR E 157 -20.61 -9.11 -0.63
CA THR E 157 -20.29 -9.54 0.72
C THR E 157 -21.53 -9.83 1.57
N GLU E 158 -22.72 -9.44 1.11
CA GLU E 158 -23.95 -9.89 1.76
C GLU E 158 -24.44 -11.23 1.24
N ILE E 159 -23.84 -11.75 0.15
CA ILE E 159 -24.22 -13.07 -0.34
C ILE E 159 -23.95 -14.15 0.69
N PRO E 160 -22.78 -14.21 1.35
CA PRO E 160 -22.61 -15.18 2.45
C PRO E 160 -23.55 -14.94 3.62
N GLY E 161 -24.33 -13.86 3.62
CA GLY E 161 -25.29 -13.63 4.69
C GLY E 161 -26.58 -14.38 4.53
N SER E 162 -26.98 -14.69 3.30
CA SER E 162 -28.15 -15.53 3.07
C SER E 162 -27.97 -16.93 3.61
N LEU E 163 -26.74 -17.34 3.90
CA LEU E 163 -26.52 -18.63 4.55
C LEU E 163 -27.13 -18.63 5.95
N ALA E 164 -27.01 -17.51 6.67
CA ALA E 164 -27.57 -17.41 8.01
C ALA E 164 -29.08 -17.37 8.03
N ASP E 165 -29.71 -17.02 6.90
CA ASP E 165 -31.16 -17.05 6.82
C ASP E 165 -31.68 -18.45 7.08
N ALA E 166 -32.84 -18.52 7.74
CA ALA E 166 -33.44 -19.76 8.21
C ALA E 166 -33.55 -20.79 7.09
N PRO E 167 -32.79 -21.88 7.15
CA PRO E 167 -32.85 -22.90 6.10
C PRO E 167 -34.10 -23.77 6.27
N ILE E 168 -34.29 -24.67 5.33
CA ILE E 168 -35.39 -25.63 5.42
C ILE E 168 -35.14 -26.60 6.58
N LEU E 169 -33.89 -26.87 6.89
CA LEU E 169 -33.52 -27.81 7.94
C LEU E 169 -32.50 -27.17 8.86
N LYS E 170 -32.66 -27.41 10.17
CA LYS E 170 -31.78 -26.89 11.22
C LYS E 170 -31.65 -25.37 11.12
N PRO E 171 -32.71 -24.61 11.48
CA PRO E 171 -32.65 -23.14 11.39
C PRO E 171 -31.88 -22.48 12.53
N ILE E 172 -30.71 -23.05 12.85
CA ILE E 172 -29.80 -22.41 13.81
C ILE E 172 -28.70 -21.64 13.11
N PHE E 173 -28.66 -21.68 11.78
CA PHE E 173 -27.63 -20.98 11.01
C PHE E 173 -27.65 -19.48 11.23
N LYS E 174 -28.69 -18.94 11.85
CA LYS E 174 -28.70 -17.53 12.22
C LYS E 174 -27.51 -17.22 13.12
N ALA E 175 -26.79 -16.14 12.77
CA ALA E 175 -25.66 -15.63 13.55
C ALA E 175 -24.50 -16.62 13.63
N ILE E 176 -24.44 -17.61 12.74
CA ILE E 176 -23.28 -18.49 12.67
C ILE E 176 -22.67 -18.35 11.28
N ALA E 177 -21.41 -18.73 11.17
CA ALA E 177 -20.62 -18.55 9.95
C ALA E 177 -20.75 -17.11 9.46
N GLU E 178 -20.56 -16.18 10.38
CA GLU E 178 -20.76 -14.76 10.10
C GLU E 178 -19.64 -14.22 9.22
N THR E 179 -19.68 -14.56 7.93
CA THR E 179 -18.72 -14.03 6.96
C THR E 179 -19.01 -12.57 6.62
N ILE E 180 -20.03 -11.98 7.23
CA ILE E 180 -20.34 -10.57 7.06
C ILE E 180 -19.53 -9.75 8.06
N VAL E 181 -19.74 -10.03 9.35
CA VAL E 181 -19.12 -9.23 10.40
C VAL E 181 -17.62 -9.52 10.48
N LEU E 182 -17.26 -10.79 10.71
CA LEU E 182 -15.86 -11.15 10.87
C LEU E 182 -15.09 -10.87 9.58
N TRP E 183 -15.50 -11.48 8.47
CA TRP E 183 -14.82 -11.31 7.21
C TRP E 183 -15.20 -9.96 6.60
N MET E 184 -14.95 -9.81 5.30
CA MET E 184 -15.10 -8.55 4.59
C MET E 184 -16.45 -7.91 4.86
N LYS E 185 -16.53 -6.59 4.62
CA LYS E 185 -17.50 -5.61 5.09
C LYS E 185 -17.17 -5.16 6.51
N GLY E 186 -16.15 -5.73 7.14
CA GLY E 186 -15.61 -5.21 8.39
C GLY E 186 -16.53 -5.28 9.59
N GLY E 187 -17.83 -5.52 9.39
CA GLY E 187 -18.78 -5.64 10.48
C GLY E 187 -19.65 -4.42 10.66
N TYR E 188 -20.86 -4.48 10.07
CA TYR E 188 -21.94 -3.53 10.26
C TYR E 188 -21.64 -2.17 9.63
N VAL E 189 -20.38 -1.93 9.27
CA VAL E 189 -19.94 -0.67 8.66
C VAL E 189 -18.71 -0.98 7.82
N VAL E 190 -18.66 -0.40 6.62
CA VAL E 190 -17.44 -0.38 5.83
C VAL E 190 -16.72 0.93 6.16
N THR E 191 -15.70 0.85 7.00
CA THR E 191 -15.03 2.01 7.53
C THR E 191 -13.65 2.14 6.89
N ASP E 192 -12.87 3.11 7.38
CA ASP E 192 -11.54 3.35 6.82
C ASP E 192 -10.61 2.19 7.11
N VAL E 193 -10.77 1.53 8.26
CA VAL E 193 -9.92 0.39 8.60
C VAL E 193 -10.21 -0.78 7.66
N THR E 194 -11.48 -1.00 7.33
CA THR E 194 -11.82 -2.07 6.39
C THR E 194 -11.28 -1.78 5.00
N LEU E 195 -11.35 -0.52 4.56
CA LEU E 195 -10.79 -0.17 3.26
C LEU E 195 -9.29 -0.38 3.24
N GLY E 196 -8.59 0.03 4.30
CA GLY E 196 -7.16 -0.23 4.37
C GLY E 196 -6.81 -1.70 4.39
N ARG E 197 -7.58 -2.51 5.11
CA ARG E 197 -7.37 -3.95 5.14
C ARG E 197 -7.55 -4.58 3.76
N VAL E 198 -8.65 -4.24 3.08
CA VAL E 198 -8.90 -4.76 1.74
C VAL E 198 -7.82 -4.31 0.78
N PHE E 199 -7.38 -3.05 0.87
CA PHE E 199 -6.29 -2.57 0.04
C PHE E 199 -5.03 -3.38 0.25
N GLY E 200 -4.59 -3.51 1.50
CA GLY E 200 -3.37 -4.25 1.78
C GLY E 200 -3.44 -5.69 1.30
N SER E 201 -4.54 -6.38 1.64
CA SER E 201 -4.70 -7.75 1.18
C SER E 201 -4.64 -7.85 -0.34
N HIS E 202 -5.55 -7.16 -1.04
CA HIS E 202 -5.57 -7.21 -2.49
C HIS E 202 -4.23 -6.87 -3.11
N VAL E 203 -3.49 -5.94 -2.53
CA VAL E 203 -2.30 -5.44 -3.21
C VAL E 203 -1.08 -6.30 -2.95
N LEU E 204 -0.98 -6.96 -1.79
CA LEU E 204 0.23 -7.74 -1.55
C LEU E 204 0.02 -9.15 -1.04
N ILE E 205 -1.08 -9.46 -0.34
CA ILE E 205 -1.23 -10.79 0.22
C ILE E 205 -1.73 -11.76 -0.84
N TYR E 206 -2.64 -11.31 -1.70
CA TYR E 206 -3.21 -12.16 -2.73
C TYR E 206 -2.25 -12.35 -3.90
N PRO E 207 -1.57 -11.32 -4.42
CA PRO E 207 -0.59 -11.55 -5.48
C PRO E 207 0.59 -12.41 -5.09
N LEU E 208 1.02 -12.42 -3.84
CA LEU E 208 2.08 -13.32 -3.40
C LEU E 208 1.66 -14.78 -3.46
N ILE E 209 0.49 -15.12 -2.90
CA ILE E 209 -0.02 -16.48 -3.00
C ILE E 209 -0.58 -16.77 -4.39
N LEU E 210 -0.63 -15.78 -5.27
CA LEU E 210 -0.83 -16.02 -6.69
C LEU E 210 0.46 -16.43 -7.37
N LEU E 211 1.56 -15.72 -7.10
CA LEU E 211 2.85 -16.11 -7.65
C LEU E 211 3.25 -17.50 -7.18
N ALA E 212 3.10 -17.79 -5.88
CA ALA E 212 3.44 -19.12 -5.37
C ALA E 212 2.62 -20.21 -6.04
N LEU E 213 1.31 -20.03 -6.12
CA LEU E 213 0.45 -21.04 -6.73
C LEU E 213 0.66 -21.16 -8.24
N VAL E 214 0.95 -20.06 -8.93
CA VAL E 214 1.26 -20.14 -10.36
C VAL E 214 2.56 -20.90 -10.58
N GLY E 215 3.55 -20.69 -9.71
CA GLY E 215 4.78 -21.45 -9.81
C GLY E 215 4.57 -22.93 -9.58
N ILE E 216 3.83 -23.29 -8.54
CA ILE E 216 3.51 -24.69 -8.29
C ILE E 216 2.75 -25.29 -9.47
N HIS E 217 1.83 -24.51 -10.05
CA HIS E 217 1.04 -24.98 -11.18
C HIS E 217 1.92 -25.22 -12.40
N LEU E 218 2.83 -24.28 -12.70
CA LEU E 218 3.72 -24.43 -13.84
C LEU E 218 4.68 -25.59 -13.66
N TYR E 219 5.11 -25.87 -12.42
CA TYR E 219 5.95 -27.03 -12.19
C TYR E 219 5.16 -28.31 -12.36
N LEU E 220 3.92 -28.35 -11.87
CA LEU E 220 3.08 -29.53 -11.98
C LEU E 220 2.64 -29.80 -13.40
N VAL E 221 2.59 -28.78 -14.26
CA VAL E 221 2.30 -29.00 -15.67
C VAL E 221 3.47 -29.74 -16.33
N ARG E 222 4.70 -29.32 -16.03
CA ARG E 222 5.87 -29.99 -16.59
C ARG E 222 6.02 -31.40 -16.02
N ALA E 223 5.76 -31.57 -14.73
CA ALA E 223 5.90 -32.88 -14.10
C ALA E 223 4.95 -33.91 -14.71
N ALA E 224 3.79 -33.46 -15.18
CA ALA E 224 2.83 -34.36 -15.80
C ALA E 224 2.85 -34.30 -17.31
N GLY E 225 3.49 -33.30 -17.90
CA GLY E 225 3.58 -33.20 -19.34
C GLY E 225 2.32 -32.63 -19.99
N ILE E 226 2.49 -31.94 -21.11
CA ILE E 226 1.36 -31.37 -21.83
C ILE E 226 0.54 -32.50 -22.43
N SER E 227 -0.78 -32.48 -22.17
CA SER E 227 -1.65 -33.48 -22.77
C SER E 227 -1.95 -33.13 -24.21
N ASN E 228 -1.63 -34.05 -25.12
CA ASN E 228 -1.90 -33.76 -26.52
C ASN E 228 -3.39 -33.85 -26.81
N PRO E 229 -3.91 -33.01 -27.71
CA PRO E 229 -5.37 -32.95 -27.91
C PRO E 229 -5.97 -34.19 -28.54
N GLU E 230 -5.18 -35.12 -29.06
CA GLU E 230 -5.75 -36.28 -29.72
C GLU E 230 -6.42 -37.22 -28.73
N GLY E 231 -5.68 -37.65 -27.70
CA GLY E 231 -6.24 -38.47 -26.66
C GLY E 231 -5.46 -39.72 -26.30
N ILE E 232 -4.50 -40.14 -27.12
CA ILE E 232 -3.68 -41.31 -26.78
C ILE E 232 -2.76 -41.03 -25.60
N GLU E 233 -2.49 -39.76 -25.31
CA GLU E 233 -1.81 -39.27 -24.11
C GLU E 233 -0.32 -39.57 -24.09
N TYR E 234 0.13 -40.50 -24.94
CA TYR E 234 1.53 -40.71 -25.29
C TYR E 234 1.67 -41.90 -26.23
N ASP E 235 2.84 -42.04 -26.85
CA ASP E 235 3.30 -43.31 -27.41
C ASP E 235 4.78 -43.40 -27.06
N LYS E 236 5.08 -43.96 -25.90
CA LYS E 236 6.41 -43.85 -25.33
C LYS E 236 7.40 -44.79 -26.03
N LYS E 237 8.64 -44.32 -26.15
CA LYS E 237 9.77 -44.99 -26.76
C LYS E 237 9.63 -45.16 -28.27
N LYS E 238 8.54 -44.70 -28.86
CA LYS E 238 8.30 -44.80 -30.29
C LYS E 238 7.57 -43.56 -30.76
N ASN E 239 7.09 -43.61 -32.00
CA ASN E 239 6.28 -42.60 -32.67
C ASN E 239 7.05 -41.29 -32.78
N PRO E 240 8.11 -41.23 -33.56
CA PRO E 240 8.85 -39.98 -33.74
C PRO E 240 8.18 -39.13 -34.82
N ASP E 241 8.87 -38.03 -35.16
CA ASP E 241 8.45 -37.13 -36.23
C ASP E 241 7.10 -36.48 -35.95
N LYS E 242 6.63 -36.56 -34.71
CA LYS E 242 5.44 -35.85 -34.28
C LYS E 242 5.65 -35.04 -33.02
N PHE E 243 6.90 -34.64 -32.73
CA PHE E 243 7.18 -33.83 -31.55
C PHE E 243 7.81 -32.49 -31.92
N VAL E 244 8.81 -32.45 -32.80
CA VAL E 244 9.42 -31.21 -33.30
C VAL E 244 9.67 -30.24 -32.14
N PRO E 245 10.73 -30.46 -31.37
CA PRO E 245 10.81 -29.94 -29.99
C PRO E 245 10.61 -28.43 -29.81
N PHE E 246 10.50 -28.06 -28.53
CA PHE E 246 9.95 -26.77 -28.11
C PHE E 246 10.48 -25.61 -28.94
N HIS E 247 11.80 -25.49 -29.06
CA HIS E 247 12.34 -24.38 -29.85
C HIS E 247 12.83 -24.90 -31.18
N PRO E 248 12.54 -24.21 -32.30
CA PRO E 248 11.77 -22.97 -32.37
C PRO E 248 10.33 -23.18 -32.81
N TYR E 249 9.85 -24.41 -32.75
CA TYR E 249 8.50 -24.69 -33.24
C TYR E 249 7.43 -24.00 -32.41
N MET E 250 7.48 -24.16 -31.09
CA MET E 250 6.48 -23.59 -30.20
C MET E 250 6.85 -22.23 -29.62
N THR E 251 8.13 -22.00 -29.34
CA THR E 251 8.56 -20.75 -28.70
C THR E 251 8.29 -19.53 -29.55
N LEU E 252 8.21 -19.67 -30.87
CA LEU E 252 7.94 -18.55 -31.74
C LEU E 252 6.48 -18.48 -32.19
N LYS E 253 5.74 -19.57 -32.04
CA LYS E 253 4.29 -19.52 -32.24
C LYS E 253 3.62 -18.82 -31.06
N GLU E 254 4.00 -19.20 -29.84
CA GLU E 254 3.55 -18.49 -28.65
C GLU E 254 4.03 -17.04 -28.63
N GLY E 255 5.23 -16.77 -29.11
CA GLY E 255 5.75 -15.41 -29.12
C GLY E 255 5.04 -14.50 -30.09
N ALA E 256 4.41 -15.07 -31.13
CA ALA E 256 3.59 -14.27 -32.02
C ALA E 256 2.16 -14.12 -31.52
N TYR E 257 1.59 -15.18 -30.95
CA TYR E 257 0.29 -15.07 -30.32
C TYR E 257 0.29 -14.09 -29.16
N VAL E 258 1.38 -14.02 -28.40
CA VAL E 258 1.46 -13.07 -27.29
C VAL E 258 1.45 -11.64 -27.81
N MET E 259 2.19 -11.36 -28.89
CA MET E 259 2.19 -10.01 -29.45
C MET E 259 0.85 -9.63 -30.05
N TRP E 260 0.19 -10.55 -30.74
CA TRP E 260 -1.13 -10.23 -31.27
C TRP E 260 -2.16 -10.06 -30.16
N TYR E 261 -2.06 -10.85 -29.09
CA TYR E 261 -2.92 -10.67 -27.94
C TYR E 261 -2.68 -9.32 -27.26
N LEU E 262 -1.42 -8.90 -27.17
CA LEU E 262 -1.12 -7.58 -26.63
C LEU E 262 -1.60 -6.45 -27.52
N ALA E 263 -1.63 -6.64 -28.83
CA ALA E 263 -2.28 -5.68 -29.71
C ALA E 263 -3.78 -5.58 -29.43
N VAL E 264 -4.46 -6.72 -29.33
CA VAL E 264 -5.89 -6.70 -28.98
C VAL E 264 -6.09 -6.08 -27.60
N PHE E 265 -5.10 -6.23 -26.70
CA PHE E 265 -5.19 -5.69 -25.36
C PHE E 265 -5.07 -4.17 -25.37
N PHE E 266 -4.02 -3.65 -26.00
CA PHE E 266 -3.82 -2.22 -26.08
C PHE E 266 -4.80 -1.53 -27.02
N PHE E 267 -5.61 -2.29 -27.76
CA PHE E 267 -6.78 -1.67 -28.37
C PHE E 267 -7.77 -1.22 -27.30
N PHE E 268 -8.21 -2.14 -26.43
CA PHE E 268 -9.10 -1.79 -25.34
C PHE E 268 -8.49 -0.76 -24.40
N VAL E 269 -7.18 -0.84 -24.15
CA VAL E 269 -6.53 0.09 -23.23
C VAL E 269 -6.70 1.53 -23.71
N PHE E 270 -6.56 1.76 -25.02
CA PHE E 270 -6.51 3.10 -25.55
C PHE E 270 -7.85 3.60 -26.08
N PHE E 271 -8.59 2.76 -26.80
CA PHE E 271 -9.71 3.23 -27.61
C PHE E 271 -11.08 2.83 -27.11
N HIS E 272 -11.20 1.81 -26.26
CA HIS E 272 -12.52 1.43 -25.75
C HIS E 272 -12.34 0.93 -24.32
N ILE E 273 -12.59 1.81 -23.36
CA ILE E 273 -12.46 1.45 -21.95
C ILE E 273 -13.68 1.95 -21.20
N SER E 274 -14.70 2.41 -21.94
CA SER E 274 -15.92 2.89 -21.33
C SER E 274 -16.73 1.78 -20.68
N HIS E 275 -16.22 0.54 -20.67
CA HIS E 275 -16.88 -0.56 -19.98
C HIS E 275 -16.00 -1.22 -18.93
N PHE E 276 -14.70 -0.95 -18.93
CA PHE E 276 -13.79 -1.41 -17.89
C PHE E 276 -13.64 -0.39 -16.77
N LEU E 277 -13.65 0.90 -17.10
CA LEU E 277 -13.88 1.96 -16.14
C LEU E 277 -15.28 2.49 -16.38
N PRO E 278 -16.31 1.86 -15.78
CA PRO E 278 -17.67 2.26 -16.09
C PRO E 278 -17.90 3.73 -15.73
N PRO E 279 -18.68 4.45 -16.53
CA PRO E 279 -18.82 5.89 -16.28
C PRO E 279 -19.51 6.22 -14.97
N GLU E 280 -20.57 5.49 -14.62
CA GLU E 280 -21.27 5.75 -13.37
C GLU E 280 -20.53 5.21 -12.16
N ASN E 281 -19.30 4.73 -12.33
CA ASN E 281 -18.39 4.47 -11.22
C ASN E 281 -17.50 5.66 -10.92
N PHE E 282 -17.52 6.69 -11.78
CA PHE E 282 -16.78 7.92 -11.57
C PHE E 282 -17.50 8.89 -10.65
N GLU E 283 -18.44 8.41 -9.86
CA GLU E 283 -19.13 9.20 -8.86
C GLU E 283 -18.70 8.75 -7.47
N PRO E 284 -18.32 9.65 -6.57
CA PRO E 284 -17.83 9.23 -5.26
C PRO E 284 -18.91 8.52 -4.47
N ALA E 285 -18.52 7.41 -3.85
CA ALA E 285 -19.48 6.54 -3.17
C ALA E 285 -20.01 7.21 -1.91
N ASN E 286 -21.34 7.22 -1.77
CA ASN E 286 -21.96 7.58 -0.51
C ASN E 286 -22.79 6.42 0.01
N PRO E 287 -22.67 6.08 1.28
CA PRO E 287 -23.38 4.91 1.83
C PRO E 287 -24.86 5.10 2.03
N LEU E 288 -25.45 6.19 1.51
CA LEU E 288 -26.87 6.46 1.70
C LEU E 288 -27.71 6.31 0.45
N LYS E 289 -27.11 6.42 -0.74
CA LYS E 289 -27.83 6.32 -2.00
C LYS E 289 -27.39 5.08 -2.74
N THR E 290 -28.33 4.20 -3.04
CA THR E 290 -28.04 2.94 -3.73
C THR E 290 -28.32 3.10 -5.22
N PRO E 291 -27.38 2.73 -6.09
CA PRO E 291 -27.65 2.78 -7.53
C PRO E 291 -28.72 1.78 -7.93
N ALA E 292 -29.23 1.96 -9.14
CA ALA E 292 -30.36 1.15 -9.60
C ALA E 292 -29.95 -0.30 -9.85
N HIS E 293 -29.01 -0.51 -10.78
CA HIS E 293 -28.60 -1.84 -11.21
C HIS E 293 -27.21 -2.10 -10.65
N ILE E 294 -27.13 -2.93 -9.60
CA ILE E 294 -25.91 -3.06 -8.83
C ILE E 294 -25.42 -4.51 -8.79
N ALA E 295 -25.67 -5.25 -9.87
CA ALA E 295 -25.17 -6.61 -9.96
C ALA E 295 -23.64 -6.62 -9.85
N PRO E 296 -23.05 -7.74 -9.39
CA PRO E 296 -21.59 -7.81 -9.25
C PRO E 296 -20.87 -7.79 -10.60
N GLU E 297 -19.55 -7.93 -10.56
CA GLU E 297 -18.76 -7.88 -11.78
C GLU E 297 -19.06 -9.08 -12.66
N TRP E 298 -18.67 -8.97 -13.93
CA TRP E 298 -19.09 -9.94 -14.94
C TRP E 298 -18.57 -11.34 -14.69
N TYR E 299 -17.42 -11.49 -14.03
CA TYR E 299 -16.87 -12.82 -13.80
C TYR E 299 -17.60 -13.56 -12.69
N LEU E 300 -18.49 -12.90 -11.97
CA LEU E 300 -19.29 -13.54 -10.92
C LEU E 300 -20.77 -13.60 -11.25
N LEU E 301 -21.16 -13.12 -12.43
CA LEU E 301 -22.57 -13.09 -12.79
C LEU E 301 -23.14 -14.47 -13.13
N GLY E 302 -22.31 -15.38 -13.65
CA GLY E 302 -22.78 -16.73 -13.87
C GLY E 302 -23.19 -17.44 -12.60
N TYR E 303 -22.58 -17.06 -11.47
CA TYR E 303 -23.00 -17.56 -10.17
C TYR E 303 -24.10 -16.71 -9.55
N TYR E 304 -24.04 -15.40 -9.73
CA TYR E 304 -25.10 -14.52 -9.23
C TYR E 304 -26.44 -14.80 -9.90
N GLU E 305 -26.47 -15.39 -11.08
CA GLU E 305 -27.72 -15.76 -11.71
C GLU E 305 -28.27 -17.07 -11.17
N VAL E 306 -27.40 -18.01 -10.79
CA VAL E 306 -27.88 -19.17 -10.03
C VAL E 306 -28.38 -18.72 -8.67
N PHE E 307 -27.68 -17.78 -8.05
CA PHE E 307 -28.21 -17.06 -6.90
C PHE E 307 -29.38 -16.19 -7.33
N ARG E 308 -30.18 -15.78 -6.35
CA ARG E 308 -31.31 -14.84 -6.52
C ARG E 308 -32.26 -15.25 -7.65
N SER E 309 -32.17 -16.48 -8.12
CA SER E 309 -33.15 -17.06 -9.03
C SER E 309 -33.96 -18.17 -8.38
N ILE E 310 -33.30 -19.03 -7.62
CA ILE E 310 -34.03 -19.93 -6.72
C ILE E 310 -34.75 -19.09 -5.67
N PRO E 311 -36.03 -19.35 -5.40
CA PRO E 311 -36.75 -18.49 -4.45
C PRO E 311 -36.13 -18.45 -3.07
N SER E 312 -35.57 -19.55 -2.58
CA SER E 312 -34.90 -19.55 -1.29
C SER E 312 -33.52 -18.93 -1.42
N LYS E 313 -33.15 -18.11 -0.44
CA LYS E 313 -31.83 -17.50 -0.43
C LYS E 313 -30.77 -18.46 0.10
N PHE E 314 -31.10 -19.24 1.14
CA PHE E 314 -30.14 -20.21 1.65
C PHE E 314 -29.83 -21.28 0.62
N TRP E 315 -30.87 -21.83 -0.01
CA TRP E 315 -30.64 -22.81 -1.07
C TRP E 315 -29.97 -22.19 -2.28
N GLY E 316 -30.21 -20.92 -2.58
CA GLY E 316 -29.49 -20.24 -3.63
C GLY E 316 -28.01 -20.13 -3.35
N PHE E 317 -27.66 -19.81 -2.10
CA PHE E 317 -26.26 -19.77 -1.70
C PHE E 317 -25.63 -21.16 -1.71
N VAL E 318 -26.40 -22.18 -1.34
CA VAL E 318 -25.89 -23.55 -1.38
C VAL E 318 -25.62 -23.97 -2.82
N ALA E 319 -26.49 -23.58 -3.75
CA ALA E 319 -26.24 -23.83 -5.17
C ALA E 319 -25.05 -23.04 -5.68
N PHE E 320 -24.92 -21.78 -5.27
CA PHE E 320 -23.72 -20.99 -5.57
C PHE E 320 -22.46 -21.75 -5.18
N ASN E 321 -22.41 -22.28 -3.95
CA ASN E 321 -21.25 -22.98 -3.47
C ASN E 321 -21.05 -24.35 -4.12
N ALA E 322 -22.13 -25.05 -4.44
CA ALA E 322 -21.99 -26.34 -5.11
C ALA E 322 -21.48 -26.18 -6.53
N LEU E 323 -21.91 -25.12 -7.22
CA LEU E 323 -21.42 -24.89 -8.59
C LEU E 323 -19.93 -24.60 -8.60
N LEU E 324 -19.38 -24.10 -7.49
CA LEU E 324 -17.96 -23.81 -7.38
C LEU E 324 -17.18 -24.99 -6.83
N LEU E 325 -17.80 -25.81 -5.99
CA LEU E 325 -17.17 -27.01 -5.47
C LEU E 325 -17.14 -28.15 -6.48
N LEU E 326 -18.06 -28.15 -7.44
CA LEU E 326 -18.10 -29.18 -8.48
C LEU E 326 -16.99 -29.00 -9.51
N LEU E 327 -16.07 -28.08 -9.31
CA LEU E 327 -14.88 -27.97 -10.13
C LEU E 327 -13.65 -28.57 -9.46
N LEU E 328 -13.59 -28.55 -8.13
CA LEU E 328 -12.55 -29.29 -7.42
C LEU E 328 -12.70 -30.79 -7.63
N LEU E 329 -13.92 -31.29 -7.47
CA LEU E 329 -14.20 -32.72 -7.62
C LEU E 329 -14.23 -33.16 -9.07
N LEU E 330 -14.17 -32.22 -10.02
CA LEU E 330 -14.33 -32.58 -11.42
C LEU E 330 -13.29 -33.58 -11.93
N PRO E 331 -12.02 -33.56 -11.49
CA PRO E 331 -11.15 -34.69 -11.85
C PRO E 331 -11.57 -35.99 -11.20
N PHE E 332 -11.99 -35.96 -9.93
CA PHE E 332 -12.49 -37.13 -9.24
C PHE E 332 -13.90 -37.52 -9.70
N LEU E 333 -14.61 -36.62 -10.36
CA LEU E 333 -15.98 -36.87 -10.79
C LEU E 333 -16.04 -37.64 -12.11
N ASP E 334 -15.19 -37.28 -13.07
CA ASP E 334 -15.10 -37.96 -14.36
C ASP E 334 -13.94 -38.94 -14.31
N PHE E 335 -14.24 -40.22 -14.53
CA PHE E 335 -13.22 -41.27 -14.50
C PHE E 335 -13.43 -42.18 -15.70
N SER E 336 -12.49 -42.16 -16.64
CA SER E 336 -12.62 -42.98 -17.84
C SER E 336 -11.22 -43.18 -18.43
N PRO E 337 -11.00 -44.27 -19.17
CA PRO E 337 -9.72 -44.41 -19.87
C PRO E 337 -9.57 -43.43 -21.01
N LEU E 338 -10.67 -42.99 -21.62
CA LEU E 338 -10.61 -42.01 -22.71
C LEU E 338 -10.35 -40.62 -22.14
N LYS E 339 -9.64 -39.80 -22.91
CA LYS E 339 -9.21 -38.49 -22.42
C LYS E 339 -9.85 -37.33 -23.18
N SER E 340 -9.66 -37.24 -24.48
CA SER E 340 -9.95 -35.99 -25.17
C SER E 340 -11.43 -35.84 -25.48
N ALA E 341 -11.79 -34.71 -26.07
CA ALA E 341 -13.13 -34.47 -26.59
C ALA E 341 -13.24 -34.80 -28.07
N ARG E 342 -12.11 -34.96 -28.76
CA ARG E 342 -12.12 -35.55 -30.08
C ARG E 342 -12.32 -37.07 -30.03
N ARG E 343 -12.23 -37.66 -28.85
CA ARG E 343 -12.35 -39.10 -28.67
C ARG E 343 -13.61 -39.50 -27.93
N ARG E 344 -14.35 -38.55 -27.37
CA ARG E 344 -15.60 -38.84 -26.65
C ARG E 344 -16.74 -38.09 -27.32
N PRO E 345 -17.53 -38.76 -28.17
CA PRO E 345 -18.63 -38.06 -28.86
C PRO E 345 -19.79 -37.71 -27.95
N LEU E 346 -19.88 -38.31 -26.76
CA LEU E 346 -20.92 -37.97 -25.81
C LEU E 346 -20.51 -36.88 -24.84
N PHE E 347 -19.21 -36.69 -24.62
CA PHE E 347 -18.73 -35.61 -23.78
C PHE E 347 -18.76 -34.28 -24.51
N PHE E 348 -18.64 -34.29 -25.84
CA PHE E 348 -18.65 -33.06 -26.61
C PHE E 348 -19.99 -32.35 -26.50
N VAL E 349 -21.10 -33.08 -26.58
CA VAL E 349 -22.41 -32.45 -26.50
C VAL E 349 -22.66 -31.92 -25.09
N MET E 350 -22.24 -32.64 -24.06
CA MET E 350 -22.39 -32.11 -22.71
C MET E 350 -21.51 -30.89 -22.48
N PHE E 351 -20.31 -30.85 -23.06
CA PHE E 351 -19.47 -29.67 -22.91
C PHE E 351 -20.04 -28.48 -23.66
N VAL E 352 -20.65 -28.70 -24.83
CA VAL E 352 -21.24 -27.56 -25.53
C VAL E 352 -22.48 -27.06 -24.79
N ILE E 353 -23.26 -27.97 -24.20
CA ILE E 353 -24.38 -27.55 -23.36
C ILE E 353 -23.86 -26.72 -22.18
N PHE E 354 -22.81 -27.20 -21.53
CA PHE E 354 -22.21 -26.49 -20.40
C PHE E 354 -21.73 -25.10 -20.80
N MET E 355 -20.99 -24.99 -21.91
CA MET E 355 -20.46 -23.71 -22.34
C MET E 355 -21.57 -22.73 -22.70
N ILE E 356 -22.57 -23.17 -23.48
CA ILE E 356 -23.63 -22.28 -23.88
C ILE E 356 -24.45 -21.82 -22.68
N SER E 357 -24.83 -22.76 -21.82
CA SER E 357 -25.65 -22.45 -20.65
C SER E 357 -24.86 -21.77 -19.54
N SER E 358 -23.53 -21.72 -19.64
CA SER E 358 -22.73 -20.92 -18.72
C SER E 358 -22.45 -19.52 -19.25
N MET E 359 -22.38 -19.36 -20.57
CA MET E 359 -22.36 -18.00 -21.13
C MET E 359 -23.70 -17.31 -20.91
N ALA E 360 -24.80 -18.04 -21.12
CA ALA E 360 -26.13 -17.49 -20.94
C ALA E 360 -26.40 -17.04 -19.51
N LEU E 361 -25.83 -17.72 -18.52
CA LEU E 361 -25.96 -17.28 -17.14
C LEU E 361 -25.28 -15.95 -16.87
N THR E 362 -24.04 -15.79 -17.34
CA THR E 362 -23.36 -14.51 -17.18
C THR E 362 -24.06 -13.40 -17.96
N ILE E 363 -24.71 -13.73 -19.06
CA ILE E 363 -25.41 -12.70 -19.82
C ILE E 363 -26.73 -12.35 -19.16
N LEU E 364 -27.41 -13.32 -18.55
CA LEU E 364 -28.63 -13.03 -17.81
C LEU E 364 -28.34 -12.30 -16.51
N GLY E 365 -27.14 -12.46 -15.95
CA GLY E 365 -26.80 -11.75 -14.72
C GLY E 365 -26.72 -10.26 -14.85
N THR E 366 -26.69 -9.73 -16.07
CA THR E 366 -26.64 -8.28 -16.28
C THR E 366 -28.02 -7.65 -16.32
N MET E 367 -29.02 -8.37 -16.83
CA MET E 367 -30.36 -7.82 -16.95
C MET E 367 -31.01 -7.69 -15.58
N PRO E 368 -32.00 -6.79 -15.45
CA PRO E 368 -32.65 -6.63 -14.16
C PRO E 368 -33.46 -7.86 -13.79
N PRO E 369 -33.68 -8.11 -12.50
CA PRO E 369 -34.31 -9.37 -12.04
C PRO E 369 -35.84 -9.40 -12.21
N THR E 370 -36.27 -9.70 -13.43
CA THR E 370 -37.67 -9.94 -13.70
C THR E 370 -38.00 -11.41 -13.49
N PRO E 371 -39.27 -11.75 -13.27
CA PRO E 371 -39.63 -13.17 -13.13
C PRO E 371 -39.30 -14.01 -14.35
N GLN E 372 -39.42 -13.45 -15.56
CA GLN E 372 -38.97 -14.18 -16.74
C GLN E 372 -37.46 -14.36 -16.73
N ASN E 373 -36.72 -13.35 -16.29
CA ASN E 373 -35.27 -13.48 -16.15
C ASN E 373 -34.92 -14.57 -15.15
N ALA E 374 -35.67 -14.65 -14.05
CA ALA E 374 -35.45 -15.72 -13.08
C ALA E 374 -35.75 -17.09 -13.65
N LYS E 375 -36.85 -17.23 -14.39
CA LYS E 375 -37.17 -18.50 -15.03
C LYS E 375 -36.07 -18.92 -16.00
N LEU E 376 -35.54 -17.96 -16.77
CA LEU E 376 -34.48 -18.29 -17.72
C LEU E 376 -33.19 -18.67 -17.01
N GLY E 377 -32.81 -17.90 -15.98
CA GLY E 377 -31.63 -18.24 -15.21
C GLY E 377 -31.71 -19.54 -14.45
N LEU E 378 -32.93 -19.99 -14.11
CA LEU E 378 -33.12 -21.31 -13.55
C LEU E 378 -33.08 -22.42 -14.59
N ILE E 379 -33.67 -22.18 -15.76
CA ILE E 379 -33.58 -23.14 -16.85
C ILE E 379 -32.12 -23.38 -17.23
N PHE E 380 -31.32 -22.31 -17.25
CA PHE E 380 -29.91 -22.47 -17.62
C PHE E 380 -29.09 -23.03 -16.46
N ALA E 381 -29.46 -22.72 -15.22
CA ALA E 381 -28.79 -23.34 -14.08
C ALA E 381 -28.99 -24.85 -14.05
N ALA E 382 -30.18 -25.31 -14.42
CA ALA E 382 -30.41 -26.74 -14.59
C ALA E 382 -29.48 -27.38 -15.61
N LEU E 383 -29.28 -26.74 -16.76
CA LEU E 383 -28.35 -27.25 -17.76
C LEU E 383 -26.89 -27.19 -17.30
N VAL E 384 -26.53 -26.20 -16.50
CA VAL E 384 -25.17 -26.15 -15.96
C VAL E 384 -24.94 -27.30 -14.99
N PHE E 385 -25.91 -27.56 -14.11
CA PHE E 385 -25.78 -28.68 -13.17
C PHE E 385 -25.85 -30.03 -13.88
N ALA E 386 -26.55 -30.10 -15.01
CA ALA E 386 -26.61 -31.35 -15.76
C ALA E 386 -25.24 -31.81 -16.22
N PHE E 387 -24.36 -30.87 -16.59
CA PHE E 387 -23.02 -31.25 -17.03
C PHE E 387 -22.23 -31.93 -15.92
N PHE E 388 -22.50 -31.57 -14.66
CA PHE E 388 -21.79 -32.18 -13.55
C PHE E 388 -22.46 -33.45 -13.05
N ILE E 389 -23.79 -33.54 -13.09
CA ILE E 389 -24.47 -34.75 -12.66
C ILE E 389 -24.58 -35.79 -13.77
N SER E 390 -23.92 -35.56 -14.91
CA SER E 390 -23.90 -36.53 -16.00
C SER E 390 -22.51 -37.02 -16.34
N LEU E 391 -21.46 -36.38 -15.82
CA LEU E 391 -20.09 -36.84 -16.05
C LEU E 391 -19.89 -38.25 -15.52
N PRO E 392 -20.34 -38.59 -14.31
CA PRO E 392 -20.24 -40.00 -13.87
C PRO E 392 -21.07 -40.94 -14.71
N ILE E 393 -22.18 -40.51 -15.29
CA ILE E 393 -22.98 -41.40 -16.13
C ILE E 393 -22.24 -41.74 -17.42
N ILE E 394 -21.72 -40.72 -18.12
CA ILE E 394 -20.93 -40.96 -19.31
C ILE E 394 -19.68 -41.76 -18.97
N SER E 395 -19.11 -41.52 -17.79
CA SER E 395 -17.96 -42.29 -17.32
C SER E 395 -18.30 -43.77 -17.15
N PHE E 396 -19.45 -44.06 -16.54
CA PHE E 396 -19.86 -45.45 -16.34
C PHE E 396 -20.22 -46.10 -17.68
N ILE E 397 -20.75 -45.33 -18.62
CA ILE E 397 -21.08 -45.89 -19.93
C ILE E 397 -19.82 -46.23 -20.71
N GLU E 398 -18.85 -45.31 -20.71
CA GLU E 398 -17.62 -45.54 -21.47
C GLU E 398 -16.74 -46.61 -20.86
N TYR E 399 -16.87 -46.87 -19.55
CA TYR E 399 -16.09 -47.94 -18.95
C TYR E 399 -16.48 -49.30 -19.52
N GLY E 400 -17.75 -49.48 -19.85
CA GLY E 400 -18.20 -50.67 -20.56
C GLY E 400 -18.03 -50.60 -22.05
N TRP E 401 -17.52 -49.49 -22.57
CA TRP E 401 -17.29 -49.30 -24.00
C TRP E 401 -18.55 -49.49 -24.82
N THR F 3 -14.05 -28.79 -43.48
CA THR F 3 -13.96 -29.98 -42.64
C THR F 3 -14.68 -29.79 -41.33
N TRP F 4 -14.88 -30.88 -40.58
CA TRP F 4 -15.57 -30.80 -39.30
C TRP F 4 -14.79 -29.95 -38.30
N GLY F 5 -13.47 -30.01 -38.34
CA GLY F 5 -12.66 -29.11 -37.54
C GLY F 5 -12.93 -27.64 -37.82
N LEU F 6 -13.24 -27.30 -39.06
CA LEU F 6 -13.61 -25.92 -39.37
C LEU F 6 -14.93 -25.53 -38.72
N ILE F 7 -15.92 -26.44 -38.70
CA ILE F 7 -17.17 -26.14 -38.02
C ILE F 7 -16.91 -25.95 -36.53
N LYS F 8 -16.11 -26.82 -35.92
CA LYS F 8 -15.71 -26.63 -34.54
C LYS F 8 -15.06 -25.27 -34.32
N THR F 9 -14.20 -24.85 -35.24
CA THR F 9 -13.49 -23.58 -35.07
C THR F 9 -14.44 -22.40 -35.12
N ILE F 10 -15.21 -22.26 -36.21
CA ILE F 10 -16.12 -21.12 -36.33
C ILE F 10 -17.34 -21.24 -35.44
N PHE F 11 -17.49 -22.32 -34.67
CA PHE F 11 -18.45 -22.31 -33.59
C PHE F 11 -17.83 -21.90 -32.26
N PHE F 12 -16.75 -22.55 -31.85
CA PHE F 12 -16.14 -22.25 -30.55
C PHE F 12 -15.52 -20.87 -30.52
N ALA F 13 -15.23 -20.28 -31.68
CA ALA F 13 -14.77 -18.91 -31.73
C ALA F 13 -15.90 -17.91 -31.93
N GLY F 14 -16.89 -18.25 -32.77
CA GLY F 14 -18.04 -17.38 -32.95
C GLY F 14 -18.82 -17.16 -31.67
N SER F 15 -19.07 -18.23 -30.91
CA SER F 15 -19.79 -18.08 -29.65
C SER F 15 -19.03 -17.21 -28.66
N THR F 16 -17.71 -17.40 -28.55
CA THR F 16 -16.92 -16.59 -27.63
C THR F 16 -16.88 -15.12 -28.07
N LEU F 17 -16.76 -14.87 -29.37
CA LEU F 17 -16.75 -13.50 -29.86
C LEU F 17 -18.08 -12.81 -29.61
N VAL F 18 -19.20 -13.47 -29.96
CA VAL F 18 -20.50 -12.85 -29.71
C VAL F 18 -20.86 -12.81 -28.23
N PHE F 19 -20.17 -13.59 -27.40
CA PHE F 19 -20.34 -13.47 -25.96
C PHE F 19 -19.64 -12.22 -25.44
N PHE F 20 -18.33 -12.10 -25.72
CA PHE F 20 -17.58 -10.93 -25.26
C PHE F 20 -18.04 -9.64 -25.91
N PHE F 21 -18.65 -9.70 -27.10
CA PHE F 21 -19.19 -8.51 -27.73
C PHE F 21 -20.27 -7.90 -26.85
N LEU F 22 -21.36 -8.61 -26.65
CA LEU F 22 -22.49 -8.11 -25.87
C LEU F 22 -22.25 -8.25 -24.37
N LEU F 23 -21.05 -8.67 -23.95
CA LEU F 23 -20.65 -8.54 -22.55
C LEU F 23 -19.76 -7.34 -22.29
N TRP F 24 -19.02 -6.86 -23.29
CA TRP F 24 -18.08 -5.77 -23.07
C TRP F 24 -18.43 -4.48 -23.80
N PHE F 25 -19.33 -4.51 -24.79
CA PHE F 25 -19.79 -3.27 -25.41
C PHE F 25 -21.09 -3.51 -26.15
N TYR F 26 -22.08 -2.67 -25.87
CA TYR F 26 -23.44 -2.76 -26.43
C TYR F 26 -24.10 -4.10 -26.10
N ASN F 27 -24.36 -4.28 -24.81
CA ASN F 27 -25.28 -5.31 -24.39
C ASN F 27 -26.69 -4.88 -24.77
N PRO F 28 -27.31 -5.45 -25.80
CA PRO F 28 -28.57 -4.91 -26.32
C PRO F 28 -29.78 -5.15 -25.43
N PHE F 29 -29.60 -5.78 -24.27
CA PHE F 29 -30.72 -6.11 -23.40
C PHE F 29 -30.77 -5.27 -22.14
N LYS F 30 -29.92 -4.26 -22.03
CA LYS F 30 -30.01 -3.29 -20.93
C LYS F 30 -30.69 -2.03 -21.46
N HIS F 31 -31.72 -1.58 -20.75
CA HIS F 31 -32.59 -0.50 -21.22
C HIS F 31 -32.29 0.83 -20.53
N VAL F 32 -31.01 1.14 -20.29
CA VAL F 32 -30.64 2.43 -19.74
C VAL F 32 -31.04 3.52 -20.73
N GLU F 33 -31.61 4.61 -20.21
CA GLU F 33 -32.12 5.68 -21.06
C GLU F 33 -30.96 6.56 -21.55
N HIS F 34 -31.26 7.35 -22.58
CA HIS F 34 -30.28 8.22 -23.21
C HIS F 34 -30.82 9.63 -23.29
N TYR F 35 -30.03 10.58 -22.78
CA TYR F 35 -30.31 12.01 -22.93
C TYR F 35 -29.31 12.60 -23.90
N GLU F 36 -29.74 13.55 -24.70
CA GLU F 36 -28.91 14.15 -25.73
C GLU F 36 -28.98 15.67 -25.65
N VAL F 37 -27.90 16.31 -26.13
CA VAL F 37 -27.86 17.77 -26.19
C VAL F 37 -28.94 18.27 -27.13
N ASP F 38 -29.48 19.45 -26.84
CA ASP F 38 -30.68 19.95 -27.50
C ASP F 38 -30.49 20.25 -28.99
N GLU F 39 -29.25 20.21 -29.49
CA GLU F 39 -28.95 20.40 -30.91
C GLU F 39 -29.14 21.88 -31.28
N GLU F 40 -29.64 22.68 -30.34
CA GLU F 40 -29.70 24.11 -30.56
C GLU F 40 -28.31 24.67 -30.81
N VAL F 41 -27.32 24.23 -30.04
CA VAL F 41 -25.94 24.63 -30.28
C VAL F 41 -25.06 23.43 -30.58
N LYS F 42 -24.86 22.53 -29.60
CA LYS F 42 -24.14 21.27 -29.76
C LYS F 42 -22.72 21.47 -30.26
N ALA F 43 -22.30 22.72 -30.44
CA ALA F 43 -20.93 23.05 -30.78
C ALA F 43 -20.24 23.80 -29.65
N ILE F 44 -20.99 24.36 -28.71
CA ILE F 44 -20.41 24.89 -27.49
C ILE F 44 -19.81 23.76 -26.66
N ILE F 45 -20.41 22.58 -26.72
CA ILE F 45 -19.98 21.46 -25.91
C ILE F 45 -18.96 20.57 -26.61
N ASP F 46 -18.98 20.52 -27.95
CA ASP F 46 -18.03 19.67 -28.66
C ASP F 46 -16.59 20.13 -28.45
N ASN F 47 -16.35 21.43 -28.56
CA ASN F 47 -15.00 21.99 -28.42
C ASN F 47 -15.05 23.09 -27.37
N PRO F 48 -14.94 22.75 -26.08
CA PRO F 48 -14.92 23.79 -25.04
C PRO F 48 -13.71 24.69 -25.11
N TRP F 49 -12.62 24.24 -25.72
CA TRP F 49 -11.43 25.06 -25.87
C TRP F 49 -11.48 25.96 -27.10
N LYS F 50 -12.59 25.96 -27.82
CA LYS F 50 -12.71 26.80 -29.01
C LYS F 50 -12.74 28.27 -28.61
N LYS F 51 -11.84 29.06 -29.21
CA LYS F 51 -11.79 30.49 -28.91
C LYS F 51 -13.09 31.17 -29.31
N THR F 52 -13.32 32.33 -28.70
CA THR F 52 -14.48 33.16 -29.00
C THR F 52 -14.00 34.60 -29.03
N GLU F 53 -14.96 35.54 -29.03
CA GLU F 53 -14.60 36.95 -28.94
C GLU F 53 -14.08 37.27 -27.53
N SER F 54 -13.55 38.49 -27.39
CA SER F 54 -12.93 38.96 -26.15
C SER F 54 -11.81 38.03 -25.69
N GLY F 55 -11.19 37.33 -26.64
CA GLY F 55 -10.04 36.49 -26.37
C GLY F 55 -10.25 35.38 -25.36
N LYS F 56 -11.49 35.06 -25.02
CA LYS F 56 -11.79 34.04 -24.02
C LYS F 56 -12.30 32.78 -24.71
N THR F 57 -11.82 31.63 -24.26
CA THR F 57 -12.36 30.37 -24.72
C THR F 57 -13.68 30.07 -24.03
N ILE F 58 -14.36 29.03 -24.50
CA ILE F 58 -15.65 28.68 -23.92
C ILE F 58 -15.48 28.06 -22.54
N ALA F 59 -14.39 27.33 -22.31
CA ALA F 59 -14.16 26.73 -21.00
C ALA F 59 -13.97 27.81 -19.93
N GLU F 60 -13.21 28.85 -20.23
CA GLU F 60 -12.99 29.91 -19.25
C GLU F 60 -14.27 30.67 -18.96
N GLU F 61 -15.10 30.90 -19.98
CA GLU F 61 -16.37 31.59 -19.75
C GLU F 61 -17.35 30.73 -18.96
N GLY F 62 -17.39 29.43 -19.24
CA GLY F 62 -18.17 28.54 -18.41
C GLY F 62 -17.70 28.48 -16.98
N ARG F 63 -16.38 28.59 -16.76
CA ARG F 63 -15.86 28.64 -15.39
C ARG F 63 -16.41 29.86 -14.66
N GLU F 64 -16.43 31.03 -15.31
CA GLU F 64 -16.96 32.22 -14.67
C GLU F 64 -18.46 32.12 -14.43
N LEU F 65 -19.22 31.62 -15.40
CA LEU F 65 -20.64 31.38 -15.18
C LEU F 65 -20.89 30.44 -14.03
N PHE F 66 -20.05 29.42 -13.87
CA PHE F 66 -20.21 28.46 -12.77
C PHE F 66 -19.88 29.11 -11.42
N ILE F 67 -18.76 29.84 -11.34
CA ILE F 67 -18.40 30.46 -10.06
C ILE F 67 -19.37 31.59 -9.71
N ALA F 68 -20.06 32.16 -10.69
CA ALA F 68 -20.98 33.25 -10.40
C ALA F 68 -22.38 32.77 -10.06
N SER F 69 -22.91 31.78 -10.79
CA SER F 69 -24.28 31.35 -10.60
C SER F 69 -24.41 29.97 -9.95
N CYS F 70 -23.35 29.19 -9.85
CA CYS F 70 -23.43 27.84 -9.32
C CYS F 70 -22.55 27.58 -8.10
N SER F 71 -21.53 28.40 -7.87
CA SER F 71 -20.65 28.22 -6.72
C SER F 71 -21.31 28.65 -5.41
N SER F 72 -22.59 29.04 -5.44
CA SER F 72 -23.26 29.41 -4.20
C SER F 72 -23.69 28.19 -3.41
N CYS F 73 -23.83 27.04 -4.06
CA CYS F 73 -24.20 25.81 -3.38
C CYS F 73 -23.35 24.60 -3.78
N HIS F 74 -22.70 24.61 -4.93
CA HIS F 74 -21.89 23.50 -5.38
C HIS F 74 -20.42 23.84 -5.28
N SER F 75 -19.63 22.83 -4.88
CA SER F 75 -18.19 22.99 -4.65
C SER F 75 -17.45 22.09 -5.63
N LEU F 76 -17.16 22.61 -6.82
CA LEU F 76 -16.43 21.87 -7.84
C LEU F 76 -14.95 21.89 -7.49
N ARG F 77 -14.51 20.92 -6.70
CA ARG F 77 -13.09 20.71 -6.52
C ARG F 77 -12.51 20.11 -7.80
N TYR F 78 -11.21 19.81 -7.77
CA TYR F 78 -10.37 19.46 -8.91
C TYR F 78 -10.15 20.69 -9.79
N ASP F 79 -10.75 21.83 -9.43
CA ASP F 79 -10.49 23.09 -10.11
C ASP F 79 -10.44 24.27 -9.14
N GLY F 80 -10.61 24.03 -7.84
CA GLY F 80 -10.50 25.10 -6.86
C GLY F 80 -11.76 25.91 -6.67
N ILE F 81 -12.92 25.38 -7.02
CA ILE F 81 -14.19 26.07 -6.87
C ILE F 81 -14.89 25.52 -5.64
N TYR F 82 -15.14 26.40 -4.67
CA TYR F 82 -15.85 26.00 -3.46
C TYR F 82 -17.04 26.92 -3.24
N ILE F 83 -17.85 26.64 -2.21
CA ILE F 83 -19.04 27.44 -1.95
C ILE F 83 -18.66 28.89 -1.70
N MET F 84 -19.49 29.81 -2.19
CA MET F 84 -19.23 31.23 -2.05
C MET F 84 -19.54 31.77 -0.66
N SER F 85 -19.90 30.92 0.28
CA SER F 85 -20.25 31.33 1.64
C SER F 85 -19.41 30.50 2.61
N VAL F 86 -18.31 31.07 3.10
CA VAL F 86 -17.87 32.43 2.77
C VAL F 86 -17.12 32.39 1.43
N ALA F 87 -16.82 33.55 0.86
CA ALA F 87 -16.05 33.64 -0.38
C ALA F 87 -14.63 34.08 -0.05
N ALA F 88 -13.68 33.17 -0.20
CA ALA F 88 -13.95 31.80 -0.59
C ALA F 88 -14.08 30.91 0.65
N ASN F 89 -14.80 29.81 0.50
CA ASN F 89 -15.07 28.92 1.63
C ASN F 89 -13.81 28.25 2.18
N PRO F 90 -12.79 27.94 1.37
CA PRO F 90 -11.52 27.51 1.96
C PRO F 90 -10.76 28.68 2.54
N LYS F 91 -9.54 28.43 3.02
CA LYS F 91 -8.83 29.42 3.80
C LYS F 91 -8.34 30.58 2.94
N TRP F 92 -8.48 31.82 3.44
CA TRP F 92 -9.15 32.25 4.69
C TRP F 92 -8.71 31.55 5.99
N LYS F 93 -7.44 31.69 6.39
CA LYS F 93 -6.45 32.46 5.65
C LYS F 93 -5.58 31.58 4.73
N ASN F 94 -4.88 30.62 5.33
CA ASN F 94 -3.82 29.87 4.65
C ASN F 94 -4.39 28.59 4.02
N ILE F 95 -4.81 28.70 2.76
CA ILE F 95 -5.18 27.50 2.00
C ILE F 95 -3.95 26.79 1.47
N GLU F 96 -2.79 27.46 1.48
CA GLU F 96 -1.56 26.83 1.03
C GLU F 96 -1.02 25.84 2.07
N LYS F 97 -1.33 26.07 3.34
CA LYS F 97 -0.90 25.18 4.41
C LYS F 97 -1.90 24.06 4.66
N THR F 98 -2.32 23.44 3.57
CA THR F 98 -3.17 22.26 3.62
C THR F 98 -2.74 21.16 2.66
N SER F 99 -2.01 21.49 1.60
CA SER F 99 -1.76 20.59 0.48
C SER F 99 -3.06 19.96 -0.01
N GLY F 100 -3.99 20.78 -0.53
CA GLY F 100 -3.84 22.21 -0.65
C GLY F 100 -2.99 22.66 -1.82
N ARG F 101 -2.55 21.69 -2.61
CA ARG F 101 -1.69 21.98 -3.74
C ARG F 101 -2.46 22.73 -4.83
N PRO F 102 -1.78 23.49 -5.67
CA PRO F 102 -2.46 24.13 -6.79
C PRO F 102 -2.95 23.09 -7.78
N VAL F 103 -4.09 23.38 -8.40
CA VAL F 103 -4.73 22.43 -9.30
C VAL F 103 -3.81 22.21 -10.50
N TYR F 104 -3.20 21.04 -10.56
CA TYR F 104 -2.30 20.67 -11.66
C TYR F 104 -2.95 19.51 -12.40
N ARG F 105 -3.81 19.84 -13.35
CA ARG F 105 -4.43 18.83 -14.19
C ARG F 105 -3.51 18.55 -15.38
N PHE F 106 -4.06 17.86 -16.38
CA PHE F 106 -3.35 17.53 -17.61
C PHE F 106 -3.28 18.74 -18.54
N GLY F 107 -2.07 19.22 -18.81
CA GLY F 107 -0.86 18.81 -18.12
C GLY F 107 -0.25 20.09 -17.59
N THR F 108 -1.12 21.07 -17.33
CA THR F 108 -0.72 22.43 -16.98
C THR F 108 -1.33 22.80 -15.62
N LEU F 109 -0.53 23.40 -14.76
CA LEU F 109 -1.00 23.76 -13.43
C LEU F 109 -1.52 25.19 -13.40
N TYR F 110 -2.40 25.45 -12.44
CA TYR F 110 -3.02 26.76 -12.25
C TYR F 110 -2.70 27.21 -10.83
N LYS F 111 -1.72 28.11 -10.71
CA LYS F 111 -1.27 28.56 -9.39
C LYS F 111 -2.30 29.40 -8.65
N ASP F 112 -3.38 29.81 -9.30
CA ASP F 112 -4.37 30.68 -8.68
C ASP F 112 -5.55 29.91 -8.09
N ARG F 113 -5.58 28.59 -8.23
CA ARG F 113 -6.64 27.76 -7.68
C ARG F 113 -6.02 26.54 -7.01
N PHE F 114 -6.61 26.14 -5.88
CA PHE F 114 -6.04 25.09 -5.05
C PHE F 114 -7.04 23.96 -4.85
N PHE F 115 -6.50 22.75 -4.70
CA PHE F 115 -7.30 21.56 -4.45
C PHE F 115 -7.14 21.16 -2.99
N VAL F 116 -8.25 21.17 -2.25
CA VAL F 116 -8.23 20.85 -0.82
C VAL F 116 -8.85 19.48 -0.63
N PRO F 117 -8.24 18.60 0.18
CA PRO F 117 -8.80 17.26 0.40
C PRO F 117 -10.25 17.29 0.87
N LYS F 118 -10.91 16.16 0.69
CA LYS F 118 -12.33 16.06 1.00
C LYS F 118 -12.64 16.17 2.49
N ASP F 119 -11.70 15.76 3.35
CA ASP F 119 -11.91 15.78 4.79
C ASP F 119 -11.50 17.10 5.43
N VAL F 120 -10.44 17.73 4.94
CA VAL F 120 -10.11 19.08 5.40
C VAL F 120 -11.25 20.04 5.07
N TYR F 121 -11.60 20.14 3.80
CA TYR F 121 -12.86 20.73 3.40
C TYR F 121 -14.01 19.93 4.01
N GLU F 122 -15.18 20.54 4.08
CA GLU F 122 -16.42 20.03 4.66
C GLU F 122 -16.30 19.82 6.16
N ALA F 123 -15.13 20.05 6.75
CA ALA F 123 -14.97 20.23 8.18
C ALA F 123 -14.70 21.68 8.54
N PHE F 124 -13.78 22.34 7.82
CA PHE F 124 -13.60 23.77 7.95
C PHE F 124 -14.76 24.53 7.34
N ALA F 125 -15.32 24.03 6.23
CA ALA F 125 -16.29 24.79 5.47
C ALA F 125 -17.73 24.47 5.84
N HIS F 126 -18.14 23.22 5.67
CA HIS F 126 -19.55 22.85 5.78
C HIS F 126 -19.92 22.31 7.15
N ASP F 127 -18.96 22.18 8.06
CA ASP F 127 -19.31 21.72 9.40
C ASP F 127 -19.57 22.88 10.35
N ASP F 128 -19.09 24.08 10.02
CA ASP F 128 -19.71 25.32 10.48
C ASP F 128 -20.85 25.60 9.50
N ILE F 129 -21.89 24.79 9.64
CA ILE F 129 -22.83 24.53 8.55
C ILE F 129 -23.59 25.80 8.19
N GLN F 130 -23.61 26.12 6.90
CA GLN F 130 -24.45 27.19 6.38
C GLN F 130 -25.76 26.62 5.85
N GLY F 131 -26.62 27.50 5.34
CA GLY F 131 -27.94 27.09 4.92
C GLY F 131 -28.02 26.29 3.65
N LEU F 132 -27.30 25.16 3.59
CA LEU F 132 -27.41 24.25 2.45
C LEU F 132 -28.03 22.92 2.83
N LYS F 133 -27.48 22.23 3.82
CA LYS F 133 -28.06 20.97 4.27
C LYS F 133 -29.38 21.20 4.99
N ALA F 134 -29.54 22.38 5.62
CA ALA F 134 -30.77 22.66 6.36
C ALA F 134 -31.93 22.93 5.40
N SER F 135 -31.79 23.93 4.54
CA SER F 135 -32.88 24.31 3.65
C SER F 135 -33.15 23.26 2.59
N LEU F 136 -32.12 22.94 1.81
CA LEU F 136 -32.30 21.98 0.69
C LEU F 136 -32.65 20.60 1.21
N GLY F 137 -31.88 20.09 2.17
CA GLY F 137 -32.09 18.75 2.68
C GLY F 137 -30.90 17.85 2.44
N GLN F 138 -30.29 17.96 1.26
CA GLN F 138 -29.06 17.26 0.94
C GLN F 138 -28.01 18.26 0.50
N VAL F 139 -26.76 17.95 0.79
CA VAL F 139 -25.66 18.79 0.32
C VAL F 139 -25.56 18.68 -1.20
N PRO F 140 -25.50 19.77 -1.94
CA PRO F 140 -25.17 19.68 -3.36
C PRO F 140 -23.83 18.98 -3.52
N PRO F 141 -23.83 17.75 -4.03
CA PRO F 141 -22.75 16.81 -3.67
C PRO F 141 -21.36 17.26 -4.06
N ASP F 142 -21.08 17.28 -5.37
CA ASP F 142 -19.83 17.79 -5.93
C ASP F 142 -19.92 17.68 -7.44
N LEU F 143 -19.38 18.65 -8.17
CA LEU F 143 -19.41 18.62 -9.62
C LEU F 143 -18.02 18.42 -10.20
N SER F 144 -17.11 17.82 -9.41
CA SER F 144 -15.76 17.58 -9.88
C SER F 144 -15.74 16.54 -10.99
N SER F 145 -16.19 15.33 -10.68
CA SER F 145 -16.22 14.23 -11.64
C SER F 145 -17.65 13.85 -12.00
N MET F 146 -18.53 14.84 -12.08
CA MET F 146 -19.91 14.59 -12.49
C MET F 146 -20.06 14.43 -13.99
N TYR F 147 -19.18 15.03 -14.78
CA TYR F 147 -19.23 14.82 -16.22
C TYR F 147 -18.97 13.36 -16.57
N LEU F 148 -17.84 12.81 -16.12
CA LEU F 148 -17.53 11.41 -16.37
C LEU F 148 -18.61 10.47 -15.84
N ALA F 149 -19.40 10.90 -14.86
CA ALA F 149 -20.40 10.03 -14.25
C ALA F 149 -21.78 10.17 -14.88
N ARG F 150 -22.06 11.28 -15.55
CA ARG F 150 -23.38 11.49 -16.12
C ARG F 150 -23.40 11.57 -17.64
N GLY F 151 -22.45 12.27 -18.26
CA GLY F 151 -22.49 12.52 -19.68
C GLY F 151 -23.00 13.91 -20.00
N GLU F 152 -22.56 14.42 -21.14
CA GLU F 152 -22.96 15.75 -21.57
C GLU F 152 -24.47 15.86 -21.77
N GLY F 153 -25.11 14.84 -22.31
CA GLY F 153 -26.54 14.85 -22.50
C GLY F 153 -27.30 14.97 -21.19
N TYR F 154 -26.97 14.11 -20.23
CA TYR F 154 -27.63 14.17 -18.93
C TYR F 154 -27.33 15.48 -18.21
N LEU F 155 -26.10 15.98 -18.32
CA LEU F 155 -25.77 17.23 -17.65
C LEU F 155 -26.54 18.40 -18.24
N TYR F 156 -26.66 18.45 -19.56
CA TYR F 156 -27.41 19.54 -20.18
C TYR F 156 -28.90 19.43 -19.90
N GLN F 157 -29.48 18.23 -20.07
CA GLN F 157 -30.91 18.06 -19.87
C GLN F 157 -31.31 18.17 -18.42
N PHE F 158 -30.38 17.96 -17.47
CA PHE F 158 -30.70 18.16 -16.06
C PHE F 158 -30.75 19.65 -15.74
N ILE F 159 -29.68 20.36 -16.08
CA ILE F 159 -29.64 21.79 -15.85
C ILE F 159 -30.58 22.43 -16.86
N LEU F 160 -31.24 23.49 -16.41
CA LEU F 160 -32.27 24.31 -17.12
C LEU F 160 -33.67 23.70 -17.10
N ASN F 161 -33.81 22.55 -16.44
CA ASN F 161 -35.08 21.84 -16.27
C ASN F 161 -34.89 20.70 -15.29
N PRO F 162 -34.40 20.98 -14.07
CA PRO F 162 -34.21 19.83 -13.17
C PRO F 162 -35.49 19.10 -12.82
N GLN F 163 -36.66 19.73 -13.01
CA GLN F 163 -37.93 19.10 -12.70
C GLN F 163 -38.31 18.00 -13.67
N LYS F 164 -37.71 17.96 -14.86
CA LYS F 164 -38.03 16.93 -15.85
C LYS F 164 -37.18 15.67 -15.66
N VAL F 165 -35.88 15.83 -15.46
CA VAL F 165 -35.02 14.67 -15.24
C VAL F 165 -35.32 14.02 -13.90
N LEU F 166 -35.34 14.81 -12.83
CA LEU F 166 -35.76 14.35 -11.53
C LEU F 166 -37.14 14.92 -11.20
N PRO F 167 -38.07 14.11 -10.68
CA PRO F 167 -39.43 14.62 -10.46
C PRO F 167 -39.48 15.82 -9.53
N GLY F 168 -38.95 15.69 -8.33
CA GLY F 168 -38.88 16.82 -7.41
C GLY F 168 -37.47 17.07 -6.95
N THR F 169 -36.98 18.30 -7.11
CA THR F 169 -35.61 18.62 -6.72
C THR F 169 -35.53 20.09 -6.37
N THR F 170 -35.00 20.38 -5.19
CA THR F 170 -34.92 21.76 -4.70
C THR F 170 -33.93 22.61 -5.48
N MET F 171 -33.22 22.04 -6.45
CA MET F 171 -32.41 22.86 -7.34
C MET F 171 -33.34 23.62 -8.28
N PRO F 172 -33.15 24.92 -8.44
CA PRO F 172 -34.08 25.72 -9.25
C PRO F 172 -33.84 25.48 -10.73
N GLN F 173 -34.76 26.00 -11.54
CA GLN F 173 -34.49 26.11 -12.97
C GLN F 173 -33.20 26.90 -13.20
N LEU F 174 -33.18 28.14 -12.70
CA LEU F 174 -31.97 28.95 -12.58
C LEU F 174 -31.47 29.42 -13.94
N PHE F 175 -32.03 28.86 -15.00
CA PHE F 175 -31.87 29.35 -16.37
C PHE F 175 -33.15 28.93 -17.07
N ASN F 176 -34.13 29.82 -17.08
CA ASN F 176 -35.47 29.43 -17.50
C ASN F 176 -35.68 29.75 -18.97
N PRO F 177 -35.85 28.75 -19.83
CA PRO F 177 -36.13 29.02 -21.25
C PRO F 177 -37.58 29.38 -21.46
N GLN F 178 -37.99 29.43 -22.73
CA GLN F 178 -39.35 29.56 -23.25
C GLN F 178 -39.89 30.98 -23.07
N PHE F 179 -39.17 31.81 -22.32
CA PHE F 179 -39.26 33.26 -22.51
C PHE F 179 -37.93 33.96 -22.30
N ASP F 180 -36.85 33.24 -22.05
CA ASP F 180 -35.49 33.79 -22.01
C ASP F 180 -34.65 33.02 -23.02
N PRO F 181 -34.50 33.52 -24.25
CA PRO F 181 -33.77 32.77 -25.28
C PRO F 181 -32.26 32.77 -25.09
N GLN F 182 -31.74 33.24 -23.96
CA GLN F 182 -30.31 33.33 -23.73
C GLN F 182 -29.81 32.31 -22.72
N ALA F 183 -30.62 31.31 -22.36
CA ALA F 183 -30.23 30.37 -21.31
C ALA F 183 -29.58 29.11 -21.86
N LYS F 184 -29.99 28.67 -23.04
CA LYS F 184 -29.48 27.41 -23.59
C LYS F 184 -27.98 27.46 -23.79
N GLU F 185 -27.46 28.55 -24.36
CA GLU F 185 -26.03 28.66 -24.54
C GLU F 185 -25.28 28.86 -23.22
N LYS F 186 -25.91 29.45 -22.22
CA LYS F 186 -25.28 29.52 -20.89
C LYS F 186 -25.11 28.13 -20.30
N VAL F 187 -26.17 27.31 -20.36
CA VAL F 187 -26.06 25.95 -19.84
C VAL F 187 -25.07 25.13 -20.67
N ALA F 188 -25.03 25.38 -21.98
CA ALA F 188 -24.04 24.72 -22.82
C ALA F 188 -22.62 25.10 -22.44
N LYS F 189 -22.37 26.38 -22.12
CA LYS F 189 -21.05 26.79 -21.66
C LYS F 189 -20.71 26.18 -20.31
N ILE F 190 -21.69 26.05 -19.42
CA ILE F 190 -21.43 25.41 -18.13
C ILE F 190 -21.05 23.95 -18.32
N VAL F 191 -21.79 23.24 -19.16
CA VAL F 191 -21.47 21.84 -19.42
C VAL F 191 -20.15 21.70 -20.14
N ALA F 192 -19.82 22.64 -21.04
CA ALA F 192 -18.52 22.60 -21.70
C ALA F 192 -17.39 22.84 -20.73
N TYR F 193 -17.57 23.73 -19.76
CA TYR F 193 -16.57 23.90 -18.71
C TYR F 193 -16.41 22.61 -17.92
N MET F 194 -17.51 22.06 -17.42
CA MET F 194 -17.44 20.81 -16.67
C MET F 194 -16.83 19.68 -17.50
N LYS F 195 -16.90 19.76 -18.82
CA LYS F 195 -16.24 18.79 -19.68
C LYS F 195 -14.75 19.08 -19.78
N SER F 196 -14.38 20.36 -19.77
CA SER F 196 -12.97 20.73 -19.87
C SER F 196 -12.18 20.41 -18.61
N VAL F 197 -12.85 19.99 -17.53
CA VAL F 197 -12.15 19.63 -16.31
C VAL F 197 -11.74 18.17 -16.34
N ASN F 198 -12.46 17.33 -17.09
CA ASN F 198 -12.23 15.90 -17.08
C ASN F 198 -11.80 15.34 -18.43
N THR F 199 -11.74 16.16 -19.47
CA THR F 199 -11.40 15.68 -20.80
C THR F 199 -10.13 16.34 -21.31
N PRO F 200 -9.20 15.58 -21.91
CA PRO F 200 -7.93 16.19 -22.33
C PRO F 200 -8.14 17.27 -23.37
N PRO F 201 -7.27 18.28 -23.40
CA PRO F 201 -7.34 19.31 -24.45
C PRO F 201 -7.12 18.72 -25.82
N PRO F 202 -7.36 19.48 -26.88
CA PRO F 202 -7.09 18.97 -28.23
C PRO F 202 -5.64 18.61 -28.49
N LYS F 203 -4.69 19.11 -27.70
CA LYS F 203 -3.30 18.68 -27.88
C LYS F 203 -3.05 17.34 -27.23
N GLU F 204 -3.64 17.09 -26.06
CA GLU F 204 -3.39 15.87 -25.32
C GLU F 204 -4.23 14.70 -25.81
N SER F 205 -5.51 14.95 -26.10
CA SER F 205 -6.37 13.89 -26.63
C SER F 205 -5.94 13.44 -28.01
N ALA F 206 -5.07 14.20 -28.68
CA ALA F 206 -4.50 13.76 -29.95
C ALA F 206 -3.23 12.95 -29.77
N LYS F 207 -2.36 13.33 -28.83
CA LYS F 207 -1.17 12.54 -28.55
C LYS F 207 -1.52 11.14 -28.09
N ARG F 208 -2.56 11.00 -27.27
CA ARG F 208 -3.01 9.68 -26.85
C ARG F 208 -3.47 8.85 -28.03
N THR F 209 -4.23 9.45 -28.96
CA THR F 209 -4.68 8.72 -30.13
C THR F 209 -3.50 8.27 -30.99
N VAL F 210 -2.55 9.17 -31.24
CA VAL F 210 -1.39 8.81 -32.05
C VAL F 210 -0.59 7.70 -31.40
N MET F 211 -0.30 7.80 -30.10
CA MET F 211 0.47 6.75 -29.46
C MET F 211 -0.29 5.44 -29.33
N GLY F 212 -1.62 5.48 -29.19
CA GLY F 212 -2.39 4.25 -29.16
C GLY F 212 -2.47 3.58 -30.50
N VAL F 213 -2.45 4.36 -31.59
CA VAL F 213 -2.35 3.76 -32.92
C VAL F 213 -0.96 3.16 -33.12
N ILE F 214 0.07 3.87 -32.69
CA ILE F 214 1.44 3.40 -32.90
C ILE F 214 1.73 2.14 -32.09
N VAL F 215 1.16 2.03 -30.89
CA VAL F 215 1.42 0.84 -30.08
C VAL F 215 0.78 -0.40 -30.71
N ILE F 216 -0.45 -0.27 -31.20
CA ILE F 216 -1.11 -1.39 -31.85
C ILE F 216 -0.38 -1.77 -33.14
N ALA F 217 -0.02 -0.78 -33.95
CA ALA F 217 0.75 -1.06 -35.16
C ALA F 217 2.13 -1.62 -34.84
N TYR F 218 2.66 -1.33 -33.65
CA TYR F 218 3.92 -1.91 -33.23
C TYR F 218 3.76 -3.39 -32.90
N PHE F 219 2.75 -3.71 -32.09
CA PHE F 219 2.59 -5.09 -31.65
C PHE F 219 2.15 -6.01 -32.78
N ILE F 220 1.30 -5.53 -33.70
CA ILE F 220 0.90 -6.35 -34.83
C ILE F 220 2.11 -6.67 -35.71
N VAL F 221 2.93 -5.65 -36.01
CA VAL F 221 4.11 -5.86 -36.84
C VAL F 221 5.10 -6.78 -36.14
N MET F 222 5.27 -6.62 -34.82
CA MET F 222 6.17 -7.51 -34.10
C MET F 222 5.69 -8.95 -34.14
N GLY F 223 4.39 -9.17 -33.98
CA GLY F 223 3.86 -10.52 -34.06
C GLY F 223 4.05 -11.15 -35.43
N LEU F 224 3.72 -10.40 -36.49
CA LEU F 224 3.91 -10.97 -37.82
C LEU F 224 5.38 -11.13 -38.20
N LEU F 225 6.27 -10.28 -37.67
CA LEU F 225 7.69 -10.47 -37.87
C LEU F 225 8.19 -11.74 -37.19
N LEU F 226 7.77 -11.99 -35.94
CA LEU F 226 8.11 -13.26 -35.30
C LEU F 226 7.55 -14.46 -36.04
N TRP F 227 6.33 -14.33 -36.59
CA TRP F 227 5.75 -15.42 -37.37
C TRP F 227 6.57 -15.71 -38.63
N LYS F 228 6.93 -14.66 -39.38
CA LYS F 228 7.74 -14.86 -40.57
C LYS F 228 9.13 -15.40 -40.22
N TYR F 229 9.69 -14.97 -39.09
CA TYR F 229 10.98 -15.50 -38.64
C TYR F 229 10.88 -16.98 -38.32
N ARG F 230 9.81 -17.40 -37.65
CA ARG F 230 9.62 -18.82 -37.39
C ARG F 230 9.46 -19.60 -38.69
N GLU F 231 8.70 -19.05 -39.63
CA GLU F 231 8.52 -19.72 -40.92
C GLU F 231 9.85 -19.87 -41.65
N ASN F 232 10.69 -18.84 -41.61
CA ASN F 232 11.99 -18.92 -42.28
C ASN F 232 12.92 -19.89 -41.58
N LEU F 233 12.91 -19.90 -40.24
CA LEU F 233 13.82 -20.78 -39.50
C LEU F 233 13.40 -22.23 -39.60
N LEU F 234 12.10 -22.50 -39.79
CA LEU F 234 11.66 -23.87 -39.97
C LEU F 234 12.01 -24.44 -41.34
N LYS F 235 12.49 -23.61 -42.27
CA LYS F 235 12.92 -24.10 -43.57
C LYS F 235 14.38 -24.50 -43.59
N ARG F 236 15.24 -23.83 -42.83
CA ARG F 236 16.64 -24.24 -42.74
C ARG F 236 16.78 -25.60 -42.08
N LEU F 237 15.80 -26.01 -41.28
CA LEU F 237 15.81 -27.30 -40.60
C LEU F 237 14.86 -28.30 -41.23
N GLY F 238 13.60 -27.93 -41.42
CA GLY F 238 12.62 -28.82 -42.03
C GLY F 238 11.26 -28.76 -41.36
#